data_4QKG
# 
_entry.id   4QKG 
# 
_audit_conform.dict_name       mmcif_pdbx.dic 
_audit_conform.dict_version    5.398 
_audit_conform.dict_location   http://mmcif.pdb.org/dictionaries/ascii/mmcif_pdbx.dic 
# 
loop_
_database_2.database_id 
_database_2.database_code 
_database_2.pdbx_database_accession 
_database_2.pdbx_DOI 
PDB   4QKG         pdb_00004qkg 10.2210/pdb4qkg/pdb 
RCSB  RCSB086167   ?            ?                   
WWPDB D_1000086167 ?            ?                   
# 
loop_
_pdbx_audit_revision_history.ordinal 
_pdbx_audit_revision_history.data_content_type 
_pdbx_audit_revision_history.major_revision 
_pdbx_audit_revision_history.minor_revision 
_pdbx_audit_revision_history.revision_date 
1 'Structure model' 1 0 2015-03-11 
2 'Structure model' 1 1 2016-01-27 
3 'Structure model' 1 2 2018-06-13 
4 'Structure model' 1 3 2018-06-20 
5 'Structure model' 1 4 2020-07-29 
6 'Structure model' 1 5 2023-11-08 
7 'Structure model' 1 6 2024-11-13 
# 
loop_
_pdbx_audit_revision_details.ordinal 
_pdbx_audit_revision_details.revision_ordinal 
_pdbx_audit_revision_details.data_content_type 
_pdbx_audit_revision_details.provider 
_pdbx_audit_revision_details.type 
_pdbx_audit_revision_details.description 
_pdbx_audit_revision_details.details 
1 1 'Structure model' repository 'Initial release' ?                          ? 
2 5 'Structure model' repository Remediation       'Carbohydrate remediation' ? 
# 
loop_
_pdbx_audit_revision_group.ordinal 
_pdbx_audit_revision_group.revision_ordinal 
_pdbx_audit_revision_group.data_content_type 
_pdbx_audit_revision_group.group 
1  2 'Structure model' 'Database references'    
2  3 'Structure model' 'Data collection'        
3  3 'Structure model' 'Source and taxonomy'    
4  4 'Structure model' 'Data collection'        
5  4 'Structure model' 'Database references'    
6  5 'Structure model' 'Data collection'        
7  5 'Structure model' 'Database references'    
8  5 'Structure model' 'Derived calculations'   
9  5 'Structure model' 'Structure summary'      
10 6 'Structure model' 'Data collection'        
11 6 'Structure model' 'Database references'    
12 6 'Structure model' 'Refinement description' 
13 6 'Structure model' 'Structure summary'      
14 7 'Structure model' 'Structure summary'      
# 
loop_
_pdbx_audit_revision_category.ordinal 
_pdbx_audit_revision_category.revision_ordinal 
_pdbx_audit_revision_category.data_content_type 
_pdbx_audit_revision_category.category 
1  3 'Structure model' entity_src_gen                
2  4 'Structure model' citation_author               
3  5 'Structure model' chem_comp                     
4  5 'Structure model' entity                        
5  5 'Structure model' pdbx_chem_comp_identifier     
6  5 'Structure model' pdbx_entity_nonpoly           
7  5 'Structure model' struct_conn                   
8  5 'Structure model' struct_ref_seq_dif            
9  5 'Structure model' struct_site                   
10 5 'Structure model' struct_site_gen               
11 6 'Structure model' chem_comp                     
12 6 'Structure model' chem_comp_atom                
13 6 'Structure model' chem_comp_bond                
14 6 'Structure model' database_2                    
15 6 'Structure model' pdbx_initial_refinement_model 
16 7 'Structure model' pdbx_entry_details            
17 7 'Structure model' pdbx_modification_feature     
# 
loop_
_pdbx_audit_revision_item.ordinal 
_pdbx_audit_revision_item.revision_ordinal 
_pdbx_audit_revision_item.data_content_type 
_pdbx_audit_revision_item.item 
1  3 'Structure model' '_entity_src_gen.pdbx_host_org_cell_line' 
2  3 'Structure model' '_entity_src_gen.pdbx_host_org_strain'    
3  4 'Structure model' '_citation_author.name'                   
4  5 'Structure model' '_chem_comp.name'                         
5  5 'Structure model' '_chem_comp.type'                         
6  5 'Structure model' '_entity.pdbx_description'                
7  5 'Structure model' '_pdbx_entity_nonpoly.name'               
8  5 'Structure model' '_struct_conn.pdbx_leaving_atom_flag'     
9  5 'Structure model' '_struct_conn.pdbx_role'                  
10 5 'Structure model' '_struct_ref_seq_dif.details'             
11 6 'Structure model' '_chem_comp.pdbx_synonyms'                
12 6 'Structure model' '_database_2.pdbx_DOI'                    
13 6 'Structure model' '_database_2.pdbx_database_accession'     
# 
_pdbx_database_status.status_code                     REL 
_pdbx_database_status.entry_id                        4QKG 
_pdbx_database_status.recvd_initial_deposition_date   2014-06-06 
_pdbx_database_status.deposit_site                    RCSB 
_pdbx_database_status.process_site                    PDBJ 
_pdbx_database_status.methods_development_category    ? 
_pdbx_database_status.status_code_sf                  REL 
_pdbx_database_status.status_code_mr                  ? 
_pdbx_database_status.SG_entry                        ? 
_pdbx_database_status.status_code_cs                  ? 
_pdbx_database_status.pdb_format_compatible           Y 
_pdbx_database_status.status_code_nmr_data            ? 
# 
loop_
_pdbx_database_related.db_name 
_pdbx_database_related.db_id 
_pdbx_database_related.details 
_pdbx_database_related.content_type 
PDB 4QKH . unspecified 
PDB 4QKI . unspecified 
PDB 4QKJ . unspecified 
# 
loop_
_audit_author.name 
_audit_author.pdbx_ordinal 
_audit_author.identifier_ORCID 
'Skalova, T.'  1 ? 
'Blaha, J.'    2 ? 
'Harlos, K.'   3 ? 
'Duskova, J.'  4 ? 
'Koval, T.'    5 ? 
'Stransky, J.' 6 ? 
'Hasek, J.'    7 ? 
'Vanek, O.'    8 ? 
'Dohnalek, J.' 9 ? 
# 
_citation.id                        primary 
_citation.title                     
'Four crystal structures of human LLT1, a ligand of human NKR-P1, in varied glycosylation and oligomerization states' 
_citation.journal_abbrev            'Acta Crystallogr.,Sect.D' 
_citation.journal_volume            71 
_citation.page_first                578 
_citation.page_last                 591 
_citation.year                      2015 
_citation.journal_id_ASTM           ABCRE6 
_citation.country                   DK 
_citation.journal_id_ISSN           0907-4449 
_citation.journal_id_CSD            0766 
_citation.book_publisher            ? 
_citation.pdbx_database_id_PubMed   25760607 
_citation.pdbx_database_id_DOI      10.1107/S1399004714027928 
# 
loop_
_citation_author.citation_id 
_citation_author.name 
_citation_author.ordinal 
_citation_author.identifier_ORCID 
primary 'Skalova, T.'  1 ? 
primary 'Blaha, J.'    2 ? 
primary 'Harlos, K.'   3 ? 
primary 'Duskova, J.'  4 ? 
primary 'Koval, T.'    5 ? 
primary 'Stransky, J.' 6 ? 
primary 'Hasek, J.'    7 ? 
primary 'Vanek, O.'    8 ? 
primary 'Dohnalek, J.' 9 ? 
# 
loop_
_entity.id 
_entity.type 
_entity.src_method 
_entity.pdbx_description 
_entity.formula_weight 
_entity.pdbx_number_of_molecules 
_entity.pdbx_ec 
_entity.pdbx_mutation 
_entity.pdbx_fragment 
_entity.details 
1 polymer     man 'C-type lectin domain family 2 member D' 15692.363 1  ? H176C 'extracellular part, UNP residues 72-191' ? 
2 non-polymer syn 'SULFATE ION'                            96.063    1  ? ?     ?                                         ? 
3 non-polymer man 2-acetamido-2-deoxy-beta-D-glucopyranose 221.208   1  ? ?     ?                                         ? 
4 water       nat water                                    18.015    42 ? ?     ?                                         ? 
# 
_entity_name_com.entity_id   1 
_entity_name_com.name        'Lectin-like NK cell receptor, Lectin-like transcript 1, LLT-1, Osteoclast inhibitory lectin' 
# 
_entity_poly.entity_id                      1 
_entity_poly.type                           'polypeptide(L)' 
_entity_poly.nstd_linkage                   no 
_entity_poly.nstd_monomer                   no 
_entity_poly.pdbx_seq_one_letter_code       
;ITGQAACPESWIGFQRKCFYFSDDTKNWTSSQRFCDSQDADLAQVESFQELNFLLRYKGPSDHWIGLSREQGQPWKWING
TEWTRQFPILGAGECAYLNDKGASSARCYTERKWICSKSDIHVGTKHHHHHHHHG
;
_entity_poly.pdbx_seq_one_letter_code_can   
;ITGQAACPESWIGFQRKCFYFSDDTKNWTSSQRFCDSQDADLAQVESFQELNFLLRYKGPSDHWIGLSREQGQPWKWING
TEWTRQFPILGAGECAYLNDKGASSARCYTERKWICSKSDIHVGTKHHHHHHHHG
;
_entity_poly.pdbx_strand_id                 A 
_entity_poly.pdbx_target_identifier         ? 
# 
loop_
_pdbx_entity_nonpoly.entity_id 
_pdbx_entity_nonpoly.name 
_pdbx_entity_nonpoly.comp_id 
2 'SULFATE ION'                            SO4 
3 2-acetamido-2-deoxy-beta-D-glucopyranose NAG 
4 water                                    HOH 
# 
loop_
_entity_poly_seq.entity_id 
_entity_poly_seq.num 
_entity_poly_seq.mon_id 
_entity_poly_seq.hetero 
1 1   ILE n 
1 2   THR n 
1 3   GLY n 
1 4   GLN n 
1 5   ALA n 
1 6   ALA n 
1 7   CYS n 
1 8   PRO n 
1 9   GLU n 
1 10  SER n 
1 11  TRP n 
1 12  ILE n 
1 13  GLY n 
1 14  PHE n 
1 15  GLN n 
1 16  ARG n 
1 17  LYS n 
1 18  CYS n 
1 19  PHE n 
1 20  TYR n 
1 21  PHE n 
1 22  SER n 
1 23  ASP n 
1 24  ASP n 
1 25  THR n 
1 26  LYS n 
1 27  ASN n 
1 28  TRP n 
1 29  THR n 
1 30  SER n 
1 31  SER n 
1 32  GLN n 
1 33  ARG n 
1 34  PHE n 
1 35  CYS n 
1 36  ASP n 
1 37  SER n 
1 38  GLN n 
1 39  ASP n 
1 40  ALA n 
1 41  ASP n 
1 42  LEU n 
1 43  ALA n 
1 44  GLN n 
1 45  VAL n 
1 46  GLU n 
1 47  SER n 
1 48  PHE n 
1 49  GLN n 
1 50  GLU n 
1 51  LEU n 
1 52  ASN n 
1 53  PHE n 
1 54  LEU n 
1 55  LEU n 
1 56  ARG n 
1 57  TYR n 
1 58  LYS n 
1 59  GLY n 
1 60  PRO n 
1 61  SER n 
1 62  ASP n 
1 63  HIS n 
1 64  TRP n 
1 65  ILE n 
1 66  GLY n 
1 67  LEU n 
1 68  SER n 
1 69  ARG n 
1 70  GLU n 
1 71  GLN n 
1 72  GLY n 
1 73  GLN n 
1 74  PRO n 
1 75  TRP n 
1 76  LYS n 
1 77  TRP n 
1 78  ILE n 
1 79  ASN n 
1 80  GLY n 
1 81  THR n 
1 82  GLU n 
1 83  TRP n 
1 84  THR n 
1 85  ARG n 
1 86  GLN n 
1 87  PHE n 
1 88  PRO n 
1 89  ILE n 
1 90  LEU n 
1 91  GLY n 
1 92  ALA n 
1 93  GLY n 
1 94  GLU n 
1 95  CYS n 
1 96  ALA n 
1 97  TYR n 
1 98  LEU n 
1 99  ASN n 
1 100 ASP n 
1 101 LYS n 
1 102 GLY n 
1 103 ALA n 
1 104 SER n 
1 105 SER n 
1 106 ALA n 
1 107 ARG n 
1 108 CYS n 
1 109 TYR n 
1 110 THR n 
1 111 GLU n 
1 112 ARG n 
1 113 LYS n 
1 114 TRP n 
1 115 ILE n 
1 116 CYS n 
1 117 SER n 
1 118 LYS n 
1 119 SER n 
1 120 ASP n 
1 121 ILE n 
1 122 HIS n 
1 123 VAL n 
1 124 GLY n 
1 125 THR n 
1 126 LYS n 
1 127 HIS n 
1 128 HIS n 
1 129 HIS n 
1 130 HIS n 
1 131 HIS n 
1 132 HIS n 
1 133 HIS n 
1 134 HIS n 
1 135 GLY n 
# 
_entity_src_gen.entity_id                          1 
_entity_src_gen.pdbx_src_id                        1 
_entity_src_gen.pdbx_alt_source_flag               sample 
_entity_src_gen.pdbx_seq_type                      ? 
_entity_src_gen.pdbx_beg_seq_num                   ? 
_entity_src_gen.pdbx_end_seq_num                   ? 
_entity_src_gen.gene_src_common_name               human 
_entity_src_gen.gene_src_genus                     ? 
_entity_src_gen.pdbx_gene_src_gene                 'CLAX, CLEC2B, CLEC2D, LLT1, OCIL' 
_entity_src_gen.gene_src_species                   ? 
_entity_src_gen.gene_src_strain                    ? 
_entity_src_gen.gene_src_tissue                    ? 
_entity_src_gen.gene_src_tissue_fraction           ? 
_entity_src_gen.gene_src_details                   'protein secreted into medium' 
_entity_src_gen.pdbx_gene_src_fragment             ? 
_entity_src_gen.pdbx_gene_src_scientific_name      'Homo sapiens' 
_entity_src_gen.pdbx_gene_src_ncbi_taxonomy_id     9606 
_entity_src_gen.pdbx_gene_src_variant              ? 
_entity_src_gen.pdbx_gene_src_cell_line            ? 
_entity_src_gen.pdbx_gene_src_atcc                 ? 
_entity_src_gen.pdbx_gene_src_organ                ? 
_entity_src_gen.pdbx_gene_src_organelle            ? 
_entity_src_gen.pdbx_gene_src_cell                 ? 
_entity_src_gen.pdbx_gene_src_cellular_location    ? 
_entity_src_gen.host_org_common_name               human 
_entity_src_gen.pdbx_host_org_scientific_name      'HOMO SAPIENS' 
_entity_src_gen.pdbx_host_org_ncbi_taxonomy_id     9606 
_entity_src_gen.host_org_genus                     ? 
_entity_src_gen.pdbx_host_org_gene                 ? 
_entity_src_gen.pdbx_host_org_organ                ? 
_entity_src_gen.host_org_species                   ? 
_entity_src_gen.pdbx_host_org_tissue               ? 
_entity_src_gen.pdbx_host_org_tissue_fraction      ? 
_entity_src_gen.pdbx_host_org_strain               ? 
_entity_src_gen.pdbx_host_org_variant              ? 
_entity_src_gen.pdbx_host_org_cell_line            'HEK293S GnTI-' 
_entity_src_gen.pdbx_host_org_atcc                 ? 
_entity_src_gen.pdbx_host_org_culture_collection   ? 
_entity_src_gen.pdbx_host_org_cell                 ? 
_entity_src_gen.pdbx_host_org_organelle            ? 
_entity_src_gen.pdbx_host_org_cellular_location    ? 
_entity_src_gen.pdbx_host_org_vector_type          plasmid 
_entity_src_gen.pdbx_host_org_vector               ? 
_entity_src_gen.host_org_details                   ? 
_entity_src_gen.expression_system_id               ? 
_entity_src_gen.plasmid_name                       pTT28 
_entity_src_gen.plasmid_details                    ? 
_entity_src_gen.pdbx_description                   ? 
# 
loop_
_chem_comp.id 
_chem_comp.type 
_chem_comp.mon_nstd_flag 
_chem_comp.name 
_chem_comp.pdbx_synonyms 
_chem_comp.formula 
_chem_comp.formula_weight 
ALA 'L-peptide linking'          y ALANINE                                  ? 'C3 H7 N O2'     89.093  
ARG 'L-peptide linking'          y ARGININE                                 ? 'C6 H15 N4 O2 1' 175.209 
ASN 'L-peptide linking'          y ASPARAGINE                               ? 'C4 H8 N2 O3'    132.118 
ASP 'L-peptide linking'          y 'ASPARTIC ACID'                          ? 'C4 H7 N O4'     133.103 
CYS 'L-peptide linking'          y CYSTEINE                                 ? 'C3 H7 N O2 S'   121.158 
GLN 'L-peptide linking'          y GLUTAMINE                                ? 'C5 H10 N2 O3'   146.144 
GLU 'L-peptide linking'          y 'GLUTAMIC ACID'                          ? 'C5 H9 N O4'     147.129 
GLY 'peptide linking'            y GLYCINE                                  ? 'C2 H5 N O2'     75.067  
HIS 'L-peptide linking'          y HISTIDINE                                ? 'C6 H10 N3 O2 1' 156.162 
HOH non-polymer                  . WATER                                    ? 'H2 O'           18.015  
ILE 'L-peptide linking'          y ISOLEUCINE                               ? 'C6 H13 N O2'    131.173 
LEU 'L-peptide linking'          y LEUCINE                                  ? 'C6 H13 N O2'    131.173 
LYS 'L-peptide linking'          y LYSINE                                   ? 'C6 H15 N2 O2 1' 147.195 
NAG 'D-saccharide, beta linking' . 2-acetamido-2-deoxy-beta-D-glucopyranose 
;N-acetyl-beta-D-glucosamine; 2-acetamido-2-deoxy-beta-D-glucose; 2-acetamido-2-deoxy-D-glucose; 2-acetamido-2-deoxy-glucose; N-ACETYL-D-GLUCOSAMINE
;
'C8 H15 N O6'    221.208 
PHE 'L-peptide linking'          y PHENYLALANINE                            ? 'C9 H11 N O2'    165.189 
PRO 'L-peptide linking'          y PROLINE                                  ? 'C5 H9 N O2'     115.130 
SER 'L-peptide linking'          y SERINE                                   ? 'C3 H7 N O3'     105.093 
SO4 non-polymer                  . 'SULFATE ION'                            ? 'O4 S -2'        96.063  
THR 'L-peptide linking'          y THREONINE                                ? 'C4 H9 N O3'     119.119 
TRP 'L-peptide linking'          y TRYPTOPHAN                               ? 'C11 H12 N2 O2'  204.225 
TYR 'L-peptide linking'          y TYROSINE                                 ? 'C9 H11 N O3'    181.189 
VAL 'L-peptide linking'          y VALINE                                   ? 'C5 H11 N O2'    117.146 
# 
loop_
_pdbx_chem_comp_identifier.comp_id 
_pdbx_chem_comp_identifier.type 
_pdbx_chem_comp_identifier.program 
_pdbx_chem_comp_identifier.program_version 
_pdbx_chem_comp_identifier.identifier 
NAG 'CONDENSED IUPAC CARBOHYDRATE SYMBOL' GMML     1.0 DGlcpNAcb                      
NAG 'COMMON NAME'                         GMML     1.0 N-acetyl-b-D-glucopyranosamine 
NAG 'IUPAC CARBOHYDRATE SYMBOL'           PDB-CARE 1.0 b-D-GlcpNAc                    
NAG 'SNFG CARBOHYDRATE SYMBOL'            GMML     1.0 GlcNAc                         
# 
loop_
_pdbx_poly_seq_scheme.asym_id 
_pdbx_poly_seq_scheme.entity_id 
_pdbx_poly_seq_scheme.seq_id 
_pdbx_poly_seq_scheme.mon_id 
_pdbx_poly_seq_scheme.ndb_seq_num 
_pdbx_poly_seq_scheme.pdb_seq_num 
_pdbx_poly_seq_scheme.auth_seq_num 
_pdbx_poly_seq_scheme.pdb_mon_id 
_pdbx_poly_seq_scheme.auth_mon_id 
_pdbx_poly_seq_scheme.pdb_strand_id 
_pdbx_poly_seq_scheme.pdb_ins_code 
_pdbx_poly_seq_scheme.hetero 
A 1 1   ILE 1   69  ?   ?   ?   A . n 
A 1 2   THR 2   70  ?   ?   ?   A . n 
A 1 3   GLY 3   71  ?   ?   ?   A . n 
A 1 4   GLN 4   72  72  GLN GLN A . n 
A 1 5   ALA 5   73  73  ALA ALA A . n 
A 1 6   ALA 6   74  74  ALA ALA A . n 
A 1 7   CYS 7   75  75  CYS CYS A . n 
A 1 8   PRO 8   76  76  PRO PRO A . n 
A 1 9   GLU 9   77  77  GLU GLU A . n 
A 1 10  SER 10  78  78  SER SER A . n 
A 1 11  TRP 11  79  79  TRP TRP A . n 
A 1 12  ILE 12  80  80  ILE ILE A . n 
A 1 13  GLY 13  81  81  GLY GLY A . n 
A 1 14  PHE 14  82  82  PHE PHE A . n 
A 1 15  GLN 15  83  83  GLN GLN A . n 
A 1 16  ARG 16  84  84  ARG ARG A . n 
A 1 17  LYS 17  85  85  LYS LYS A . n 
A 1 18  CYS 18  86  86  CYS CYS A . n 
A 1 19  PHE 19  87  87  PHE PHE A . n 
A 1 20  TYR 20  88  88  TYR TYR A . n 
A 1 21  PHE 21  89  89  PHE PHE A . n 
A 1 22  SER 22  90  90  SER SER A . n 
A 1 23  ASP 23  91  91  ASP ASP A . n 
A 1 24  ASP 24  92  92  ASP ASP A . n 
A 1 25  THR 25  93  93  THR THR A . n 
A 1 26  LYS 26  94  94  LYS LYS A . n 
A 1 27  ASN 27  95  95  ASN ASN A . n 
A 1 28  TRP 28  96  96  TRP TRP A . n 
A 1 29  THR 29  97  97  THR THR A . n 
A 1 30  SER 30  98  98  SER SER A . n 
A 1 31  SER 31  99  99  SER SER A . n 
A 1 32  GLN 32  100 100 GLN GLN A . n 
A 1 33  ARG 33  101 101 ARG ARG A . n 
A 1 34  PHE 34  102 102 PHE PHE A . n 
A 1 35  CYS 35  103 103 CYS CYS A . n 
A 1 36  ASP 36  104 104 ASP ASP A . n 
A 1 37  SER 37  105 105 SER SER A . n 
A 1 38  GLN 38  106 106 GLN GLN A . n 
A 1 39  ASP 39  107 107 ASP ASP A . n 
A 1 40  ALA 40  108 108 ALA ALA A . n 
A 1 41  ASP 41  109 109 ASP ASP A . n 
A 1 42  LEU 42  110 110 LEU LEU A . n 
A 1 43  ALA 43  111 111 ALA ALA A . n 
A 1 44  GLN 44  112 112 GLN GLN A . n 
A 1 45  VAL 45  113 113 VAL VAL A . n 
A 1 46  GLU 46  114 114 GLU GLU A . n 
A 1 47  SER 47  115 115 SER SER A . n 
A 1 48  PHE 48  116 116 PHE PHE A . n 
A 1 49  GLN 49  117 117 GLN GLN A . n 
A 1 50  GLU 50  118 118 GLU GLU A . n 
A 1 51  LEU 51  119 119 LEU LEU A . n 
A 1 52  ASN 52  120 120 ASN ASN A . n 
A 1 53  PHE 53  121 121 PHE PHE A . n 
A 1 54  LEU 54  122 122 LEU LEU A . n 
A 1 55  LEU 55  123 123 LEU LEU A . n 
A 1 56  ARG 56  124 124 ARG ARG A . n 
A 1 57  TYR 57  125 125 TYR TYR A . n 
A 1 58  LYS 58  126 126 LYS LYS A . n 
A 1 59  GLY 59  127 127 GLY GLY A . n 
A 1 60  PRO 60  128 128 PRO PRO A . n 
A 1 61  SER 61  129 129 SER SER A . n 
A 1 62  ASP 62  130 130 ASP ASP A . n 
A 1 63  HIS 63  131 131 HIS HIS A . n 
A 1 64  TRP 64  132 132 TRP TRP A . n 
A 1 65  ILE 65  133 133 ILE ILE A . n 
A 1 66  GLY 66  134 134 GLY GLY A . n 
A 1 67  LEU 67  135 135 LEU LEU A . n 
A 1 68  SER 68  136 136 SER SER A . n 
A 1 69  ARG 69  137 137 ARG ARG A . n 
A 1 70  GLU 70  138 138 GLU GLU A . n 
A 1 71  GLN 71  139 139 GLN GLN A . n 
A 1 72  GLY 72  140 140 GLY GLY A . n 
A 1 73  GLN 73  141 141 GLN GLN A . n 
A 1 74  PRO 74  142 142 PRO PRO A . n 
A 1 75  TRP 75  143 143 TRP TRP A . n 
A 1 76  LYS 76  144 144 LYS LYS A . n 
A 1 77  TRP 77  145 145 TRP TRP A . n 
A 1 78  ILE 78  146 146 ILE ILE A . n 
A 1 79  ASN 79  147 ?   ?   ?   A . n 
A 1 80  GLY 80  148 ?   ?   ?   A . n 
A 1 81  THR 81  149 ?   ?   ?   A . n 
A 1 82  GLU 82  150 ?   ?   ?   A . n 
A 1 83  TRP 83  151 ?   ?   ?   A . n 
A 1 84  THR 84  152 ?   ?   ?   A . n 
A 1 85  ARG 85  153 ?   ?   ?   A . n 
A 1 86  GLN 86  154 ?   ?   ?   A . n 
A 1 87  PHE 87  155 ?   ?   ?   A . n 
A 1 88  PRO 88  156 ?   ?   ?   A . n 
A 1 89  ILE 89  157 ?   ?   ?   A . n 
A 1 90  LEU 90  158 ?   ?   ?   A . n 
A 1 91  GLY 91  159 ?   ?   ?   A . n 
A 1 92  ALA 92  160 ?   ?   ?   A . n 
A 1 93  GLY 93  161 161 GLY GLY A . n 
A 1 94  GLU 94  162 162 GLU GLU A . n 
A 1 95  CYS 95  163 163 CYS CYS A . n 
A 1 96  ALA 96  164 164 ALA ALA A . n 
A 1 97  TYR 97  165 165 TYR TYR A . n 
A 1 98  LEU 98  166 166 LEU LEU A . n 
A 1 99  ASN 99  167 167 ASN ASN A . n 
A 1 100 ASP 100 168 168 ASP ASP A . n 
A 1 101 LYS 101 169 169 LYS LYS A . n 
A 1 102 GLY 102 170 170 GLY GLY A . n 
A 1 103 ALA 103 171 171 ALA ALA A . n 
A 1 104 SER 104 172 172 SER SER A . n 
A 1 105 SER 105 173 173 SER SER A . n 
A 1 106 ALA 106 174 174 ALA ALA A . n 
A 1 107 ARG 107 175 175 ARG ARG A . n 
A 1 108 CYS 108 176 176 CYS CYS A . n 
A 1 109 TYR 109 177 177 TYR TYR A . n 
A 1 110 THR 110 178 178 THR THR A . n 
A 1 111 GLU 111 179 179 GLU GLU A . n 
A 1 112 ARG 112 180 180 ARG ARG A . n 
A 1 113 LYS 113 181 181 LYS LYS A . n 
A 1 114 TRP 114 182 182 TRP TRP A . n 
A 1 115 ILE 115 183 183 ILE ILE A . n 
A 1 116 CYS 116 184 184 CYS CYS A . n 
A 1 117 SER 117 185 185 SER SER A . n 
A 1 118 LYS 118 186 186 LYS LYS A . n 
A 1 119 SER 119 187 187 SER SER A . n 
A 1 120 ASP 120 188 188 ASP ASP A . n 
A 1 121 ILE 121 189 189 ILE ILE A . n 
A 1 122 HIS 122 190 190 HIS HIS A . n 
A 1 123 VAL 123 191 191 VAL VAL A . n 
A 1 124 GLY 124 192 192 GLY GLY A . n 
A 1 125 THR 125 193 193 THR THR A . n 
A 1 126 LYS 126 194 ?   ?   ?   A . n 
A 1 127 HIS 127 195 ?   ?   ?   A . n 
A 1 128 HIS 128 196 ?   ?   ?   A . n 
A 1 129 HIS 129 197 ?   ?   ?   A . n 
A 1 130 HIS 130 198 ?   ?   ?   A . n 
A 1 131 HIS 131 199 ?   ?   ?   A . n 
A 1 132 HIS 132 200 ?   ?   ?   A . n 
A 1 133 HIS 133 201 ?   ?   ?   A . n 
A 1 134 HIS 134 202 ?   ?   ?   A . n 
A 1 135 GLY 135 203 ?   ?   ?   A . n 
# 
loop_
_pdbx_nonpoly_scheme.asym_id 
_pdbx_nonpoly_scheme.entity_id 
_pdbx_nonpoly_scheme.mon_id 
_pdbx_nonpoly_scheme.ndb_seq_num 
_pdbx_nonpoly_scheme.pdb_seq_num 
_pdbx_nonpoly_scheme.auth_seq_num 
_pdbx_nonpoly_scheme.pdb_mon_id 
_pdbx_nonpoly_scheme.auth_mon_id 
_pdbx_nonpoly_scheme.pdb_strand_id 
_pdbx_nonpoly_scheme.pdb_ins_code 
B 2 SO4 1  301 1   SO4 SO4 A . 
C 3 NAG 1  302 511 NAG NAG A . 
D 4 HOH 1  401 1   HOH HOH A . 
D 4 HOH 2  402 2   HOH HOH A . 
D 4 HOH 3  403 3   HOH HOH A . 
D 4 HOH 4  404 4   HOH HOH A . 
D 4 HOH 5  405 5   HOH HOH A . 
D 4 HOH 6  406 6   HOH HOH A . 
D 4 HOH 7  407 7   HOH HOH A . 
D 4 HOH 8  408 8   HOH HOH A . 
D 4 HOH 9  409 9   HOH HOH A . 
D 4 HOH 10 410 10  HOH HOH A . 
D 4 HOH 11 411 11  HOH HOH A . 
D 4 HOH 12 412 12  HOH HOH A . 
D 4 HOH 13 413 13  HOH HOH A . 
D 4 HOH 14 414 14  HOH HOH A . 
D 4 HOH 15 415 15  HOH HOH A . 
D 4 HOH 16 416 16  HOH HOH A . 
D 4 HOH 17 417 17  HOH HOH A . 
D 4 HOH 18 418 18  HOH HOH A . 
D 4 HOH 19 419 19  HOH HOH A . 
D 4 HOH 20 420 20  HOH HOH A . 
D 4 HOH 21 421 21  HOH HOH A . 
D 4 HOH 22 422 22  HOH HOH A . 
D 4 HOH 23 423 23  HOH HOH A . 
D 4 HOH 24 424 24  HOH HOH A . 
D 4 HOH 25 425 25  HOH HOH A . 
D 4 HOH 26 426 26  HOH HOH A . 
D 4 HOH 27 427 27  HOH HOH A . 
D 4 HOH 28 428 28  HOH HOH A . 
D 4 HOH 29 429 29  HOH HOH A . 
D 4 HOH 30 430 30  HOH HOH A . 
D 4 HOH 31 431 31  HOH HOH A . 
D 4 HOH 32 432 32  HOH HOH A . 
D 4 HOH 33 433 33  HOH HOH A . 
D 4 HOH 34 434 34  HOH HOH A . 
D 4 HOH 35 435 35  HOH HOH A . 
D 4 HOH 36 436 36  HOH HOH A . 
D 4 HOH 37 437 37  HOH HOH A . 
D 4 HOH 38 438 38  HOH HOH A . 
D 4 HOH 39 439 39  HOH HOH A . 
D 4 HOH 40 440 40  HOH HOH A . 
D 4 HOH 41 441 41  HOH HOH A . 
D 4 HOH 42 442 42  HOH HOH A . 
# 
loop_
_software.name 
_software.classification 
_software.version 
_software.citation_id 
_software.pdbx_ordinal 
ADSC     'data collection' Quantum  ? 1 
MOLREP   phasing           .        ? 2 
REFMAC   refinement        5.7.0032 ? 3 
HKL-2000 'data reduction'  .        ? 4 
HKL-2000 'data scaling'    .        ? 5 
# 
_cell.entry_id           4QKG 
_cell.length_a           47.298 
_cell.length_b           47.298 
_cell.length_c           106.137 
_cell.angle_alpha        90.00 
_cell.angle_beta         90.00 
_cell.angle_gamma        120.00 
_cell.Z_PDB              6 
_cell.pdbx_unique_axis   ? 
_cell.length_a_esd       ? 
_cell.length_b_esd       ? 
_cell.length_c_esd       ? 
_cell.angle_alpha_esd    ? 
_cell.angle_beta_esd     ? 
_cell.angle_gamma_esd    ? 
# 
_symmetry.entry_id                         4QKG 
_symmetry.space_group_name_H-M             'P 32 2 1' 
_symmetry.pdbx_full_space_group_name_H-M   ? 
_symmetry.cell_setting                     ? 
_symmetry.Int_Tables_number                154 
_symmetry.space_group_name_Hall            ? 
# 
_exptl.entry_id          4QKG 
_exptl.method            'X-RAY DIFFRACTION' 
_exptl.crystals_number   1 
# 
_exptl_crystal.id                    1 
_exptl_crystal.density_meas          ? 
_exptl_crystal.density_Matthews      2.18 
_exptl_crystal.density_percent_sol   43.68 
_exptl_crystal.description           ? 
_exptl_crystal.F_000                 ? 
_exptl_crystal.preparation           ? 
# 
_exptl_crystal_grow.crystal_id      1 
_exptl_crystal_grow.method          'VAPOR DIFFUSION, SITTING DROP' 
_exptl_crystal_grow.temp            294 
_exptl_crystal_grow.temp_details    ? 
_exptl_crystal_grow.pH              3.5 
_exptl_crystal_grow.pdbx_details    
'2M ammonium sulfate, 0.1M sodium citrate, pH 3.5, VAPOR DIFFUSION, SITTING DROP, temperature 294K' 
_exptl_crystal_grow.pdbx_pH_range   . 
# 
_diffrn.id                     1 
_diffrn.ambient_temp           100 
_diffrn.ambient_temp_details   ? 
_diffrn.crystal_id             1 
# 
_diffrn_detector.diffrn_id              1 
_diffrn_detector.detector               CCD 
_diffrn_detector.type                   'ADSC QUANTUM 315' 
_diffrn_detector.pdbx_collection_date   2012-03-11 
_diffrn_detector.details                'Kirkpatrick Baez mirror pair' 
# 
_diffrn_radiation.diffrn_id                        1 
_diffrn_radiation.wavelength_id                    1 
_diffrn_radiation.pdbx_monochromatic_or_laue_m_l   M 
_diffrn_radiation.monochromator                    'Si(111) double crystal' 
_diffrn_radiation.pdbx_diffrn_protocol             'SINGLE WAVELENGTH' 
_diffrn_radiation.pdbx_scattering_type             x-ray 
# 
_diffrn_radiation_wavelength.id           1 
_diffrn_radiation_wavelength.wavelength   0.9796 
_diffrn_radiation_wavelength.wt           1.0 
# 
_diffrn_source.diffrn_id                   1 
_diffrn_source.source                      SYNCHROTRON 
_diffrn_source.type                        'DIAMOND BEAMLINE I02' 
_diffrn_source.pdbx_synchrotron_site       Diamond 
_diffrn_source.pdbx_synchrotron_beamline   I02 
_diffrn_source.pdbx_wavelength             ? 
_diffrn_source.pdbx_wavelength_list        0.9796 
# 
_reflns.entry_id                     4QKG 
_reflns.observed_criterion_sigma_I   -3.0 
_reflns.observed_criterion_sigma_F   0 
_reflns.d_resolution_low             50.0 
_reflns.d_resolution_high            1.95 
_reflns.number_obs                   10555 
_reflns.number_all                   10555 
_reflns.percent_possible_obs         99.7 
_reflns.pdbx_Rmerge_I_obs            0.074 
_reflns.pdbx_Rsym_value              ? 
_reflns.pdbx_netI_over_sigmaI        21.2 
_reflns.B_iso_Wilson_estimate        34.0 
_reflns.pdbx_redundancy              6.3 
_reflns.R_free_details               ? 
_reflns.limit_h_max                  ? 
_reflns.limit_h_min                  ? 
_reflns.limit_k_max                  ? 
_reflns.limit_k_min                  ? 
_reflns.limit_l_max                  ? 
_reflns.limit_l_min                  ? 
_reflns.observed_criterion_F_max     ? 
_reflns.observed_criterion_F_min     ? 
_reflns.pdbx_chi_squared             ? 
_reflns.pdbx_scaling_rejects         ? 
_reflns.pdbx_ordinal                 1 
_reflns.pdbx_diffrn_id               1 
# 
_reflns_shell.d_res_high                  1.95 
_reflns_shell.d_res_low                   1.98 
_reflns_shell.percent_possible_all        100 
_reflns_shell.Rmerge_I_obs                0.599 
_reflns_shell.pdbx_Rsym_value             ? 
_reflns_shell.meanI_over_sigI_obs         2.9 
_reflns_shell.pdbx_redundancy             6.6 
_reflns_shell.percent_possible_obs        ? 
_reflns_shell.number_unique_all           506 
_reflns_shell.number_measured_all         ? 
_reflns_shell.number_measured_obs         ? 
_reflns_shell.number_unique_obs           ? 
_reflns_shell.pdbx_chi_squared            ? 
_reflns_shell.pdbx_rejects                ? 
_reflns_shell.pdbx_netI_over_sigmaI_obs   ? 
_reflns_shell.number_possible             ? 
_reflns_shell.Rmerge_F_all                ? 
_reflns_shell.Rmerge_F_obs                ? 
_reflns_shell.Rmerge_I_all                ? 
_reflns_shell.meanI_over_sigI_all         ? 
_reflns_shell.pdbx_Rrim_I_all             ? 
_reflns_shell.pdbx_Rpim_I_all             ? 
_reflns_shell.pdbx_ordinal                1 
_reflns_shell.pdbx_diffrn_id              1 
# 
_refine.entry_id                                 4QKG 
_refine.ls_number_reflns_obs                     10029 
_refine.ls_number_reflns_all                     10529 
_refine.pdbx_ls_sigma_I                          ? 
_refine.pdbx_ls_sigma_F                          0 
_refine.pdbx_data_cutoff_high_absF               ? 
_refine.pdbx_data_cutoff_low_absF                ? 
_refine.pdbx_data_cutoff_high_rms_absF           ? 
_refine.ls_d_res_low                             40.96 
_refine.ls_d_res_high                            1.95 
_refine.ls_percent_reflns_obs                    99.71 
_refine.ls_R_factor_obs                          0.20138 
_refine.ls_R_factor_all                          0.20138 
_refine.ls_R_factor_R_work                       0.1939 
_refine.ls_R_factor_R_free                       0.247 
_refine.ls_R_factor_R_free_error                 ? 
_refine.ls_R_factor_R_free_error_details         ? 
_refine.ls_percent_reflns_R_free                 ? 
_refine.ls_number_reflns_R_free                  500 
_refine.ls_number_parameters                     ? 
_refine.ls_number_restraints                     ? 
_refine.occupancy_min                            ? 
_refine.occupancy_max                            ? 
_refine.correlation_coeff_Fo_to_Fc               0.952 
_refine.correlation_coeff_Fo_to_Fc_free          ? 
_refine.B_iso_mean                               39.755 
_refine.aniso_B[1][1]                            -0.37 
_refine.aniso_B[2][2]                            -0.37 
_refine.aniso_B[3][3]                            1.19 
_refine.aniso_B[1][2]                            -0.37 
_refine.aniso_B[1][3]                            0.00 
_refine.aniso_B[2][3]                            0.00 
_refine.solvent_model_details                    MASK 
_refine.solvent_model_param_ksol                 ? 
_refine.solvent_model_param_bsol                 ? 
_refine.pdbx_solvent_vdw_probe_radii             1.20 
_refine.pdbx_solvent_ion_probe_radii             0.80 
_refine.pdbx_solvent_shrinkage_radii             0.80 
_refine.pdbx_ls_cross_valid_method               'throughout (except for the last cycle)' 
_refine.details                                  'HYDROGENS HAVE BEEN ADDED IN THE RIDING POSITIONS' 
_refine.pdbx_starting_model                      4QKJ 
_refine.pdbx_method_to_determine_struct          'MOLECULAR REPLACEMENT' 
_refine.pdbx_isotropic_thermal_model             ? 
_refine.pdbx_stereochemistry_target_values       'CCP4 STEREOCHEMISTRY LIBRARY, VERSION 6.4.0' 
_refine.pdbx_stereochem_target_val_spec_case     ? 
_refine.pdbx_R_Free_selection_details            random 
_refine.pdbx_overall_ESU_R                       0.149 
_refine.pdbx_overall_ESU_R_Free                  ? 
_refine.overall_SU_ML                            0.073 
_refine.pdbx_overall_phase_error                 ? 
_refine.overall_SU_B                             2.498 
_refine.overall_SU_R_Cruickshank_DPI             ? 
_refine.ls_redundancy_reflns_obs                 ? 
_refine.B_iso_min                                ? 
_refine.B_iso_max                                ? 
_refine.overall_SU_R_free                        ? 
_refine.ls_wR_factor_R_free                      ? 
_refine.ls_wR_factor_R_work                      ? 
_refine.overall_FOM_free_R_set                   ? 
_refine.overall_FOM_work_R_set                   ? 
_refine.pdbx_diffrn_id                           1 
_refine.pdbx_refine_id                           'X-RAY DIFFRACTION' 
_refine.pdbx_TLS_residual_ADP_flag               ? 
_refine.pdbx_overall_SU_R_free_Cruickshank_DPI   ? 
_refine.pdbx_overall_SU_R_Blow_DPI               ? 
_refine.pdbx_overall_SU_R_free_Blow_DPI          ? 
# 
_refine_hist.pdbx_refine_id                   'X-RAY DIFFRACTION' 
_refine_hist.cycle_id                         LAST 
_refine_hist.pdbx_number_atoms_protein        883 
_refine_hist.pdbx_number_atoms_nucleic_acid   0 
_refine_hist.pdbx_number_atoms_ligand         19 
_refine_hist.number_atoms_solvent             42 
_refine_hist.number_atoms_total               944 
_refine_hist.d_res_high                       1.95 
_refine_hist.d_res_low                        40.96 
# 
loop_
_refine_ls_restr.type 
_refine_ls_restr.dev_ideal 
_refine_ls_restr.dev_ideal_target 
_refine_ls_restr.weight 
_refine_ls_restr.number 
_refine_ls_restr.pdbx_restraint_function 
_refine_ls_restr.pdbx_refine_id 
r_bond_refined_d             0.016  0.020  ? 951  ? 'X-RAY DIFFRACTION' 
r_bond_other_d               0.002  0.020  ? 828  ? 'X-RAY DIFFRACTION' 
r_angle_refined_deg          1.933  1.925  ? 1295 ? 'X-RAY DIFFRACTION' 
r_angle_other_deg            0.942  3.006  ? 1907 ? 'X-RAY DIFFRACTION' 
r_dihedral_angle_1_deg       7.717  5.000  ? 114  ? 'X-RAY DIFFRACTION' 
r_dihedral_angle_2_deg       27.796 23.878 ? 49   ? 'X-RAY DIFFRACTION' 
r_dihedral_angle_3_deg       15.138 15.000 ? 157  ? 'X-RAY DIFFRACTION' 
r_dihedral_angle_4_deg       12.996 15.000 ? 6    ? 'X-RAY DIFFRACTION' 
r_chiral_restr               0.119  0.200  ? 128  ? 'X-RAY DIFFRACTION' 
r_gen_planes_refined         0.008  0.020  ? 1086 ? 'X-RAY DIFFRACTION' 
r_gen_planes_other           0.001  0.020  ? 244  ? 'X-RAY DIFFRACTION' 
r_nbd_refined                ?      ?      ? ?    ? 'X-RAY DIFFRACTION' 
r_nbd_other                  ?      ?      ? ?    ? 'X-RAY DIFFRACTION' 
r_nbtor_refined              ?      ?      ? ?    ? 'X-RAY DIFFRACTION' 
r_nbtor_other                ?      ?      ? ?    ? 'X-RAY DIFFRACTION' 
r_xyhbond_nbd_refined        ?      ?      ? ?    ? 'X-RAY DIFFRACTION' 
r_xyhbond_nbd_other          ?      ?      ? ?    ? 'X-RAY DIFFRACTION' 
r_metal_ion_refined          ?      ?      ? ?    ? 'X-RAY DIFFRACTION' 
r_metal_ion_other            ?      ?      ? ?    ? 'X-RAY DIFFRACTION' 
r_symmetry_vdw_refined       ?      ?      ? ?    ? 'X-RAY DIFFRACTION' 
r_symmetry_vdw_other         ?      ?      ? ?    ? 'X-RAY DIFFRACTION' 
r_symmetry_hbond_refined     ?      ?      ? ?    ? 'X-RAY DIFFRACTION' 
r_symmetry_hbond_other       ?      ?      ? ?    ? 'X-RAY DIFFRACTION' 
r_symmetry_metal_ion_refined ?      ?      ? ?    ? 'X-RAY DIFFRACTION' 
r_symmetry_metal_ion_other   ?      ?      ? ?    ? 'X-RAY DIFFRACTION' 
r_mcbond_it                  3.612  3.573  ? 444  ? 'X-RAY DIFFRACTION' 
r_mcbond_other               3.610  3.563  ? 443  ? 'X-RAY DIFFRACTION' 
r_mcangle_it                 5.096  5.320  ? 555  ? 'X-RAY DIFFRACTION' 
r_mcangle_other              5.092  5.332  ? 556  ? 'X-RAY DIFFRACTION' 
r_scbond_it                  4.645  4.186  ? 507  ? 'X-RAY DIFFRACTION' 
r_scbond_other               4.622  4.190  ? 504  ? 'X-RAY DIFFRACTION' 
r_scangle_it                 ?      ?      ? ?    ? 'X-RAY DIFFRACTION' 
r_scangle_other              7.006  6.065  ? 731  ? 'X-RAY DIFFRACTION' 
r_long_range_B_refined       9.016  29.765 ? 1091 ? 'X-RAY DIFFRACTION' 
r_long_range_B_other         8.921  29.677 ? 1082 ? 'X-RAY DIFFRACTION' 
r_rigid_bond_restr           ?      ?      ? ?    ? 'X-RAY DIFFRACTION' 
r_sphericity_free            ?      ?      ? ?    ? 'X-RAY DIFFRACTION' 
r_sphericity_bonded          ?      ?      ? ?    ? 'X-RAY DIFFRACTION' 
# 
_refine_ls_shell.pdbx_refine_id                   'X-RAY DIFFRACTION' 
_refine_ls_shell.pdbx_total_number_of_bins_used   20 
_refine_ls_shell.d_res_high                       1.950 
_refine_ls_shell.d_res_low                        2.001 
_refine_ls_shell.number_reflns_R_work             756 
_refine_ls_shell.R_factor_R_work                  0.250 
_refine_ls_shell.percent_reflns_obs               99.47 
_refine_ls_shell.R_factor_R_free                  0.29 
_refine_ls_shell.R_factor_R_free_error            ? 
_refine_ls_shell.percent_reflns_R_free            ? 
_refine_ls_shell.number_reflns_R_free             35 
_refine_ls_shell.number_reflns_all                ? 
_refine_ls_shell.R_factor_all                     ? 
_refine_ls_shell.number_reflns_obs                756 
_refine_ls_shell.redundancy_reflns_obs            ? 
# 
_struct.entry_id                  4QKG 
_struct.title                     'Monomeric form of human LLT1, a ligand for NKR-P1' 
_struct.pdbx_model_details        ? 
_struct.pdbx_CASP_flag            ? 
_struct.pdbx_model_type_details   ? 
# 
_struct_keywords.entry_id        4QKG 
_struct_keywords.pdbx_keywords   'IMMUNE SYSTEM' 
_struct_keywords.text            
;C-type lectin like fold, ligand for human receptor NKR-P1, glycosylation; deglycosylated after the first GlcNac unit, anchored in membrane on cell surface, IMMUNE SYSTEM
;
# 
loop_
_struct_asym.id 
_struct_asym.pdbx_blank_PDB_chainid_flag 
_struct_asym.pdbx_modified 
_struct_asym.entity_id 
_struct_asym.details 
A N N 1 ? 
B N N 2 ? 
C N N 3 ? 
D N N 4 ? 
# 
_struct_ref.id                         1 
_struct_ref.db_name                    UNP 
_struct_ref.db_code                    CLC2D_HUMAN 
_struct_ref.pdbx_db_accession          Q9UHP7 
_struct_ref.entity_id                  1 
_struct_ref.pdbx_seq_one_letter_code   
;QAACPESWIGFQRKCFYFSDDTKNWTSSQRFCDSQDADLAQVESFQELNFLLRYKGPSDHWIGLSREQGQPWKWINGTEW
TRQFPILGAGECAYLNDKGASSARHYTERKWICSKSDIHV
;
_struct_ref.pdbx_align_begin           72 
_struct_ref.pdbx_db_isoform            ? 
# 
_struct_ref_seq.align_id                      1 
_struct_ref_seq.ref_id                        1 
_struct_ref_seq.pdbx_PDB_id_code              4QKG 
_struct_ref_seq.pdbx_strand_id                A 
_struct_ref_seq.seq_align_beg                 4 
_struct_ref_seq.pdbx_seq_align_beg_ins_code   ? 
_struct_ref_seq.seq_align_end                 123 
_struct_ref_seq.pdbx_seq_align_end_ins_code   ? 
_struct_ref_seq.pdbx_db_accession             Q9UHP7 
_struct_ref_seq.db_align_beg                  72 
_struct_ref_seq.pdbx_db_align_beg_ins_code    ? 
_struct_ref_seq.db_align_end                  191 
_struct_ref_seq.pdbx_db_align_end_ins_code    ? 
_struct_ref_seq.pdbx_auth_seq_align_beg       72 
_struct_ref_seq.pdbx_auth_seq_align_end       191 
# 
loop_
_struct_ref_seq_dif.align_id 
_struct_ref_seq_dif.pdbx_pdb_id_code 
_struct_ref_seq_dif.mon_id 
_struct_ref_seq_dif.pdbx_pdb_strand_id 
_struct_ref_seq_dif.seq_num 
_struct_ref_seq_dif.pdbx_pdb_ins_code 
_struct_ref_seq_dif.pdbx_seq_db_name 
_struct_ref_seq_dif.pdbx_seq_db_accession_code 
_struct_ref_seq_dif.db_mon_id 
_struct_ref_seq_dif.pdbx_seq_db_seq_num 
_struct_ref_seq_dif.details 
_struct_ref_seq_dif.pdbx_auth_seq_num 
_struct_ref_seq_dif.pdbx_ordinal 
1 4QKG ILE A 1   ? UNP Q9UHP7 ?   ?   'expression tag'      69  1  
1 4QKG THR A 2   ? UNP Q9UHP7 ?   ?   'expression tag'      70  2  
1 4QKG GLY A 3   ? UNP Q9UHP7 ?   ?   'expression tag'      71  3  
1 4QKG CYS A 108 ? UNP Q9UHP7 HIS 176 'engineered mutation' 176 4  
1 4QKG GLY A 124 ? UNP Q9UHP7 ?   ?   'expression tag'      192 5  
1 4QKG THR A 125 ? UNP Q9UHP7 ?   ?   'expression tag'      193 6  
1 4QKG LYS A 126 ? UNP Q9UHP7 ?   ?   'expression tag'      194 7  
1 4QKG HIS A 127 ? UNP Q9UHP7 ?   ?   'expression tag'      195 8  
1 4QKG HIS A 128 ? UNP Q9UHP7 ?   ?   'expression tag'      196 9  
1 4QKG HIS A 129 ? UNP Q9UHP7 ?   ?   'expression tag'      197 10 
1 4QKG HIS A 130 ? UNP Q9UHP7 ?   ?   'expression tag'      198 11 
1 4QKG HIS A 131 ? UNP Q9UHP7 ?   ?   'expression tag'      199 12 
1 4QKG HIS A 132 ? UNP Q9UHP7 ?   ?   'expression tag'      200 13 
1 4QKG HIS A 133 ? UNP Q9UHP7 ?   ?   'expression tag'      201 14 
1 4QKG HIS A 134 ? UNP Q9UHP7 ?   ?   'expression tag'      202 15 
1 4QKG GLY A 135 ? UNP Q9UHP7 ?   ?   'expression tag'      203 16 
# 
_pdbx_struct_assembly.id                   1 
_pdbx_struct_assembly.details              author_and_software_defined_assembly 
_pdbx_struct_assembly.method_details       PISA 
_pdbx_struct_assembly.oligomeric_details   monomeric 
_pdbx_struct_assembly.oligomeric_count     1 
# 
_pdbx_struct_assembly_gen.assembly_id       1 
_pdbx_struct_assembly_gen.oper_expression   1 
_pdbx_struct_assembly_gen.asym_id_list      A,B,C,D 
# 
_pdbx_struct_oper_list.id                   1 
_pdbx_struct_oper_list.type                 'identity operation' 
_pdbx_struct_oper_list.name                 1_555 
_pdbx_struct_oper_list.symmetry_operation   x,y,z 
_pdbx_struct_oper_list.matrix[1][1]         1.0000000000 
_pdbx_struct_oper_list.matrix[1][2]         0.0000000000 
_pdbx_struct_oper_list.matrix[1][3]         0.0000000000 
_pdbx_struct_oper_list.vector[1]            0.0000000000 
_pdbx_struct_oper_list.matrix[2][1]         0.0000000000 
_pdbx_struct_oper_list.matrix[2][2]         1.0000000000 
_pdbx_struct_oper_list.matrix[2][3]         0.0000000000 
_pdbx_struct_oper_list.vector[2]            0.0000000000 
_pdbx_struct_oper_list.matrix[3][1]         0.0000000000 
_pdbx_struct_oper_list.matrix[3][2]         0.0000000000 
_pdbx_struct_oper_list.matrix[3][3]         1.0000000000 
_pdbx_struct_oper_list.vector[3]            0.0000000000 
# 
loop_
_struct_conf.conf_type_id 
_struct_conf.id 
_struct_conf.pdbx_PDB_helix_id 
_struct_conf.beg_label_comp_id 
_struct_conf.beg_label_asym_id 
_struct_conf.beg_label_seq_id 
_struct_conf.pdbx_beg_PDB_ins_code 
_struct_conf.end_label_comp_id 
_struct_conf.end_label_asym_id 
_struct_conf.end_label_seq_id 
_struct_conf.pdbx_end_PDB_ins_code 
_struct_conf.beg_auth_comp_id 
_struct_conf.beg_auth_asym_id 
_struct_conf.beg_auth_seq_id 
_struct_conf.end_auth_comp_id 
_struct_conf.end_auth_asym_id 
_struct_conf.end_auth_seq_id 
_struct_conf.pdbx_PDB_helix_class 
_struct_conf.details 
_struct_conf.pdbx_PDB_helix_length 
HELX_P HELX_P1 1 ASN A 27 ? SER A 37 ? ASN A 95  SER A 105 1 ? 11 
HELX_P HELX_P2 2 SER A 47 ? LYS A 58 ? SER A 115 LYS A 126 1 ? 12 
# 
_struct_conf_type.id          HELX_P 
_struct_conf_type.criteria    ? 
_struct_conf_type.reference   ? 
# 
loop_
_struct_conn.id 
_struct_conn.conn_type_id 
_struct_conn.pdbx_leaving_atom_flag 
_struct_conn.pdbx_PDB_id 
_struct_conn.ptnr1_label_asym_id 
_struct_conn.ptnr1_label_comp_id 
_struct_conn.ptnr1_label_seq_id 
_struct_conn.ptnr1_label_atom_id 
_struct_conn.pdbx_ptnr1_label_alt_id 
_struct_conn.pdbx_ptnr1_PDB_ins_code 
_struct_conn.pdbx_ptnr1_standard_comp_id 
_struct_conn.ptnr1_symmetry 
_struct_conn.ptnr2_label_asym_id 
_struct_conn.ptnr2_label_comp_id 
_struct_conn.ptnr2_label_seq_id 
_struct_conn.ptnr2_label_atom_id 
_struct_conn.pdbx_ptnr2_label_alt_id 
_struct_conn.pdbx_ptnr2_PDB_ins_code 
_struct_conn.ptnr1_auth_asym_id 
_struct_conn.ptnr1_auth_comp_id 
_struct_conn.ptnr1_auth_seq_id 
_struct_conn.ptnr2_auth_asym_id 
_struct_conn.ptnr2_auth_comp_id 
_struct_conn.ptnr2_auth_seq_id 
_struct_conn.ptnr2_symmetry 
_struct_conn.pdbx_ptnr3_label_atom_id 
_struct_conn.pdbx_ptnr3_label_seq_id 
_struct_conn.pdbx_ptnr3_label_comp_id 
_struct_conn.pdbx_ptnr3_label_asym_id 
_struct_conn.pdbx_ptnr3_label_alt_id 
_struct_conn.pdbx_ptnr3_PDB_ins_code 
_struct_conn.details 
_struct_conn.pdbx_dist_value 
_struct_conn.pdbx_value_order 
_struct_conn.pdbx_role 
disulf1 disulf ?   ? A CYS 7  SG  ? ? ? 1_555 A CYS 18  SG ? ? A CYS 75  A CYS 86  1_555 ? ? ? ? ? ? ? 2.055 ? ?               
disulf2 disulf ?   ? A CYS 35 SG  ? ? ? 1_555 A CYS 116 SG ? ? A CYS 103 A CYS 184 1_555 ? ? ? ? ? ? ? 2.092 ? ?               
disulf3 disulf ?   ? A CYS 95 SG  ? ? ? 1_555 A CYS 108 SG ? ? A CYS 163 A CYS 176 1_555 ? ? ? ? ? ? ? 2.050 ? ?               
covale1 covale one ? A ASN 27 ND2 ? ? ? 1_555 C NAG .   C1 ? ? A ASN 95  A NAG 302 1_555 ? ? ? ? ? ? ? 1.447 ? N-Glycosylation 
# 
loop_
_struct_conn_type.id 
_struct_conn_type.criteria 
_struct_conn_type.reference 
disulf ? ? 
covale ? ? 
# 
loop_
_pdbx_modification_feature.ordinal 
_pdbx_modification_feature.label_comp_id 
_pdbx_modification_feature.label_asym_id 
_pdbx_modification_feature.label_seq_id 
_pdbx_modification_feature.label_alt_id 
_pdbx_modification_feature.modified_residue_label_comp_id 
_pdbx_modification_feature.modified_residue_label_asym_id 
_pdbx_modification_feature.modified_residue_label_seq_id 
_pdbx_modification_feature.modified_residue_label_alt_id 
_pdbx_modification_feature.auth_comp_id 
_pdbx_modification_feature.auth_asym_id 
_pdbx_modification_feature.auth_seq_id 
_pdbx_modification_feature.PDB_ins_code 
_pdbx_modification_feature.symmetry 
_pdbx_modification_feature.modified_residue_auth_comp_id 
_pdbx_modification_feature.modified_residue_auth_asym_id 
_pdbx_modification_feature.modified_residue_auth_seq_id 
_pdbx_modification_feature.modified_residue_PDB_ins_code 
_pdbx_modification_feature.modified_residue_symmetry 
_pdbx_modification_feature.comp_id_linking_atom 
_pdbx_modification_feature.modified_residue_id_linking_atom 
_pdbx_modification_feature.modified_residue_id 
_pdbx_modification_feature.ref_pcm_id 
_pdbx_modification_feature.ref_comp_id 
_pdbx_modification_feature.type 
_pdbx_modification_feature.category 
1 NAG C .  ? ASN A 27  ? NAG A 302 ? 1_555 ASN A 95  ? 1_555 C1 ND2 ASN 1 NAG N-Glycosylation Carbohydrate       
2 CYS A 7  ? CYS A 18  ? CYS A 75  ? 1_555 CYS A 86  ? 1_555 SG SG  .   . .   None            'Disulfide bridge' 
3 CYS A 35 ? CYS A 116 ? CYS A 103 ? 1_555 CYS A 184 ? 1_555 SG SG  .   . .   None            'Disulfide bridge' 
4 CYS A 95 ? CYS A 108 ? CYS A 163 ? 1_555 CYS A 176 ? 1_555 SG SG  .   . .   None            'Disulfide bridge' 
# 
loop_
_struct_sheet.id 
_struct_sheet.type 
_struct_sheet.number_strands 
_struct_sheet.details 
A ? 2 ? 
B ? 5 ? 
C ? 5 ? 
# 
loop_
_struct_sheet_order.sheet_id 
_struct_sheet_order.range_id_1 
_struct_sheet_order.range_id_2 
_struct_sheet_order.offset 
_struct_sheet_order.sense 
A 1 2 ? anti-parallel 
B 1 2 ? anti-parallel 
B 2 3 ? anti-parallel 
B 3 4 ? parallel      
B 4 5 ? anti-parallel 
C 1 2 ? anti-parallel 
C 2 3 ? parallel      
C 3 4 ? anti-parallel 
C 4 5 ? anti-parallel 
# 
loop_
_struct_sheet_range.sheet_id 
_struct_sheet_range.id 
_struct_sheet_range.beg_label_comp_id 
_struct_sheet_range.beg_label_asym_id 
_struct_sheet_range.beg_label_seq_id 
_struct_sheet_range.pdbx_beg_PDB_ins_code 
_struct_sheet_range.end_label_comp_id 
_struct_sheet_range.end_label_asym_id 
_struct_sheet_range.end_label_seq_id 
_struct_sheet_range.pdbx_end_PDB_ins_code 
_struct_sheet_range.beg_auth_comp_id 
_struct_sheet_range.beg_auth_asym_id 
_struct_sheet_range.beg_auth_seq_id 
_struct_sheet_range.end_auth_comp_id 
_struct_sheet_range.end_auth_asym_id 
_struct_sheet_range.end_auth_seq_id 
A 1 ALA A 5   ? ALA A 6   ? ALA A 73  ALA A 74  
A 2 ILE A 121 ? HIS A 122 ? ILE A 189 HIS A 190 
B 1 ILE A 12  ? PHE A 14  ? ILE A 80  PHE A 82  
B 2 LYS A 17  ? PHE A 21  ? LYS A 85  PHE A 89  
B 3 LYS A 113 ? SER A 119 ? LYS A 181 SER A 187 
B 4 HIS A 63  ? ARG A 69  ? HIS A 131 ARG A 137 
B 5 LYS A 76  ? TRP A 77  ? LYS A 144 TRP A 145 
C 1 ASP A 41  ? LEU A 42  ? ASP A 109 LEU A 110 
C 2 LYS A 113 ? SER A 119 ? LYS A 181 SER A 187 
C 3 HIS A 63  ? ARG A 69  ? HIS A 131 ARG A 137 
C 4 GLU A 94  ? LEU A 98  ? GLU A 162 LEU A 166 
C 5 ALA A 103 ? ARG A 107 ? ALA A 171 ARG A 175 
# 
loop_
_pdbx_struct_sheet_hbond.sheet_id 
_pdbx_struct_sheet_hbond.range_id_1 
_pdbx_struct_sheet_hbond.range_id_2 
_pdbx_struct_sheet_hbond.range_1_label_atom_id 
_pdbx_struct_sheet_hbond.range_1_label_comp_id 
_pdbx_struct_sheet_hbond.range_1_label_asym_id 
_pdbx_struct_sheet_hbond.range_1_label_seq_id 
_pdbx_struct_sheet_hbond.range_1_PDB_ins_code 
_pdbx_struct_sheet_hbond.range_1_auth_atom_id 
_pdbx_struct_sheet_hbond.range_1_auth_comp_id 
_pdbx_struct_sheet_hbond.range_1_auth_asym_id 
_pdbx_struct_sheet_hbond.range_1_auth_seq_id 
_pdbx_struct_sheet_hbond.range_2_label_atom_id 
_pdbx_struct_sheet_hbond.range_2_label_comp_id 
_pdbx_struct_sheet_hbond.range_2_label_asym_id 
_pdbx_struct_sheet_hbond.range_2_label_seq_id 
_pdbx_struct_sheet_hbond.range_2_PDB_ins_code 
_pdbx_struct_sheet_hbond.range_2_auth_atom_id 
_pdbx_struct_sheet_hbond.range_2_auth_comp_id 
_pdbx_struct_sheet_hbond.range_2_auth_asym_id 
_pdbx_struct_sheet_hbond.range_2_auth_seq_id 
A 1 2 N ALA A 6   ? N ALA A 74  O ILE A 121 ? O ILE A 189 
B 1 2 N ILE A 12  ? N ILE A 80  O PHE A 19  ? O PHE A 87  
B 2 3 N CYS A 18  ? N CYS A 86  O LYS A 118 ? O LYS A 186 
B 3 4 O LYS A 113 ? O LYS A 181 N TRP A 64  ? N TRP A 132 
B 4 5 N SER A 68  ? N SER A 136 O LYS A 76  ? O LYS A 144 
C 1 2 N ASP A 41  ? N ASP A 109 O SER A 117 ? O SER A 185 
C 2 3 O LYS A 113 ? O LYS A 181 N TRP A 64  ? N TRP A 132 
C 3 4 N HIS A 63  ? N HIS A 131 O LEU A 98  ? O LEU A 166 
C 4 5 N TYR A 97  ? N TYR A 165 O SER A 104 ? O SER A 172 
# 
_pdbx_entry_details.entry_id                   4QKG 
_pdbx_entry_details.compound_details           ? 
_pdbx_entry_details.source_details             ? 
_pdbx_entry_details.nonpolymer_details         ? 
_pdbx_entry_details.sequence_details           ? 
_pdbx_entry_details.has_ligand_of_interest     ? 
_pdbx_entry_details.has_protein_modification   Y 
# 
loop_
_pdbx_validate_rmsd_angle.id 
_pdbx_validate_rmsd_angle.PDB_model_num 
_pdbx_validate_rmsd_angle.auth_atom_id_1 
_pdbx_validate_rmsd_angle.auth_asym_id_1 
_pdbx_validate_rmsd_angle.auth_comp_id_1 
_pdbx_validate_rmsd_angle.auth_seq_id_1 
_pdbx_validate_rmsd_angle.PDB_ins_code_1 
_pdbx_validate_rmsd_angle.label_alt_id_1 
_pdbx_validate_rmsd_angle.auth_atom_id_2 
_pdbx_validate_rmsd_angle.auth_asym_id_2 
_pdbx_validate_rmsd_angle.auth_comp_id_2 
_pdbx_validate_rmsd_angle.auth_seq_id_2 
_pdbx_validate_rmsd_angle.PDB_ins_code_2 
_pdbx_validate_rmsd_angle.label_alt_id_2 
_pdbx_validate_rmsd_angle.auth_atom_id_3 
_pdbx_validate_rmsd_angle.auth_asym_id_3 
_pdbx_validate_rmsd_angle.auth_comp_id_3 
_pdbx_validate_rmsd_angle.auth_seq_id_3 
_pdbx_validate_rmsd_angle.PDB_ins_code_3 
_pdbx_validate_rmsd_angle.label_alt_id_3 
_pdbx_validate_rmsd_angle.angle_value 
_pdbx_validate_rmsd_angle.angle_target_value 
_pdbx_validate_rmsd_angle.angle_deviation 
_pdbx_validate_rmsd_angle.angle_standard_deviation 
_pdbx_validate_rmsd_angle.linker_flag 
1 1 CB A ASP 130 ? ? CG A ASP 130 ? ? OD1 A ASP 130 ? ? 124.35 118.30 6.05  0.90 N 
2 1 CB A ASP 130 ? ? CG A ASP 130 ? ? OD2 A ASP 130 ? ? 112.34 118.30 -5.96 0.90 N 
3 1 NE A ARG 180 ? ? CZ A ARG 180 ? ? NH2 A ARG 180 ? ? 117.27 120.30 -3.03 0.50 N 
# 
loop_
_pdbx_validate_torsion.id 
_pdbx_validate_torsion.PDB_model_num 
_pdbx_validate_torsion.auth_comp_id 
_pdbx_validate_torsion.auth_asym_id 
_pdbx_validate_torsion.auth_seq_id 
_pdbx_validate_torsion.PDB_ins_code 
_pdbx_validate_torsion.label_alt_id 
_pdbx_validate_torsion.phi 
_pdbx_validate_torsion.psi 
1 1 GLN A 83  ? ? 27.23   82.41   
2 1 GLN A 83  ? ? 57.09   -106.02 
3 1 ARG A 84  ? A 69.11   -4.93   
4 1 ASN A 167 ? ? -105.57 -162.53 
# 
_pdbx_struct_mod_residue.id               1 
_pdbx_struct_mod_residue.label_asym_id    A 
_pdbx_struct_mod_residue.label_comp_id    ASN 
_pdbx_struct_mod_residue.label_seq_id     27 
_pdbx_struct_mod_residue.auth_asym_id     A 
_pdbx_struct_mod_residue.auth_comp_id     ASN 
_pdbx_struct_mod_residue.auth_seq_id      95 
_pdbx_struct_mod_residue.PDB_ins_code     ? 
_pdbx_struct_mod_residue.parent_comp_id   ASN 
_pdbx_struct_mod_residue.details          'GLYCOSYLATION SITE' 
# 
loop_
_pdbx_unobs_or_zero_occ_residues.id 
_pdbx_unobs_or_zero_occ_residues.PDB_model_num 
_pdbx_unobs_or_zero_occ_residues.polymer_flag 
_pdbx_unobs_or_zero_occ_residues.occupancy_flag 
_pdbx_unobs_or_zero_occ_residues.auth_asym_id 
_pdbx_unobs_or_zero_occ_residues.auth_comp_id 
_pdbx_unobs_or_zero_occ_residues.auth_seq_id 
_pdbx_unobs_or_zero_occ_residues.PDB_ins_code 
_pdbx_unobs_or_zero_occ_residues.label_asym_id 
_pdbx_unobs_or_zero_occ_residues.label_comp_id 
_pdbx_unobs_or_zero_occ_residues.label_seq_id 
1  1 Y 1 A ILE 69  ? A ILE 1   
2  1 Y 1 A THR 70  ? A THR 2   
3  1 Y 1 A GLY 71  ? A GLY 3   
4  1 Y 1 A ASN 147 ? A ASN 79  
5  1 Y 1 A GLY 148 ? A GLY 80  
6  1 Y 1 A THR 149 ? A THR 81  
7  1 Y 1 A GLU 150 ? A GLU 82  
8  1 Y 1 A TRP 151 ? A TRP 83  
9  1 Y 1 A THR 152 ? A THR 84  
10 1 Y 1 A ARG 153 ? A ARG 85  
11 1 Y 1 A GLN 154 ? A GLN 86  
12 1 Y 1 A PHE 155 ? A PHE 87  
13 1 Y 1 A PRO 156 ? A PRO 88  
14 1 Y 1 A ILE 157 ? A ILE 89  
15 1 Y 1 A LEU 158 ? A LEU 90  
16 1 Y 1 A GLY 159 ? A GLY 91  
17 1 Y 1 A ALA 160 ? A ALA 92  
18 1 Y 1 A LYS 194 ? A LYS 126 
19 1 Y 1 A HIS 195 ? A HIS 127 
20 1 Y 1 A HIS 196 ? A HIS 128 
21 1 Y 1 A HIS 197 ? A HIS 129 
22 1 Y 1 A HIS 198 ? A HIS 130 
23 1 Y 1 A HIS 199 ? A HIS 131 
24 1 Y 1 A HIS 200 ? A HIS 132 
25 1 Y 1 A HIS 201 ? A HIS 133 
26 1 Y 1 A HIS 202 ? A HIS 134 
27 1 Y 1 A GLY 203 ? A GLY 135 
# 
loop_
_chem_comp_atom.comp_id 
_chem_comp_atom.atom_id 
_chem_comp_atom.type_symbol 
_chem_comp_atom.pdbx_aromatic_flag 
_chem_comp_atom.pdbx_stereo_config 
_chem_comp_atom.pdbx_ordinal 
ALA N    N N N 1   
ALA CA   C N S 2   
ALA C    C N N 3   
ALA O    O N N 4   
ALA CB   C N N 5   
ALA OXT  O N N 6   
ALA H    H N N 7   
ALA H2   H N N 8   
ALA HA   H N N 9   
ALA HB1  H N N 10  
ALA HB2  H N N 11  
ALA HB3  H N N 12  
ALA HXT  H N N 13  
ARG N    N N N 14  
ARG CA   C N S 15  
ARG C    C N N 16  
ARG O    O N N 17  
ARG CB   C N N 18  
ARG CG   C N N 19  
ARG CD   C N N 20  
ARG NE   N N N 21  
ARG CZ   C N N 22  
ARG NH1  N N N 23  
ARG NH2  N N N 24  
ARG OXT  O N N 25  
ARG H    H N N 26  
ARG H2   H N N 27  
ARG HA   H N N 28  
ARG HB2  H N N 29  
ARG HB3  H N N 30  
ARG HG2  H N N 31  
ARG HG3  H N N 32  
ARG HD2  H N N 33  
ARG HD3  H N N 34  
ARG HE   H N N 35  
ARG HH11 H N N 36  
ARG HH12 H N N 37  
ARG HH21 H N N 38  
ARG HH22 H N N 39  
ARG HXT  H N N 40  
ASN N    N N N 41  
ASN CA   C N S 42  
ASN C    C N N 43  
ASN O    O N N 44  
ASN CB   C N N 45  
ASN CG   C N N 46  
ASN OD1  O N N 47  
ASN ND2  N N N 48  
ASN OXT  O N N 49  
ASN H    H N N 50  
ASN H2   H N N 51  
ASN HA   H N N 52  
ASN HB2  H N N 53  
ASN HB3  H N N 54  
ASN HD21 H N N 55  
ASN HD22 H N N 56  
ASN HXT  H N N 57  
ASP N    N N N 58  
ASP CA   C N S 59  
ASP C    C N N 60  
ASP O    O N N 61  
ASP CB   C N N 62  
ASP CG   C N N 63  
ASP OD1  O N N 64  
ASP OD2  O N N 65  
ASP OXT  O N N 66  
ASP H    H N N 67  
ASP H2   H N N 68  
ASP HA   H N N 69  
ASP HB2  H N N 70  
ASP HB3  H N N 71  
ASP HD2  H N N 72  
ASP HXT  H N N 73  
CYS N    N N N 74  
CYS CA   C N R 75  
CYS C    C N N 76  
CYS O    O N N 77  
CYS CB   C N N 78  
CYS SG   S N N 79  
CYS OXT  O N N 80  
CYS H    H N N 81  
CYS H2   H N N 82  
CYS HA   H N N 83  
CYS HB2  H N N 84  
CYS HB3  H N N 85  
CYS HG   H N N 86  
CYS HXT  H N N 87  
GLN N    N N N 88  
GLN CA   C N S 89  
GLN C    C N N 90  
GLN O    O N N 91  
GLN CB   C N N 92  
GLN CG   C N N 93  
GLN CD   C N N 94  
GLN OE1  O N N 95  
GLN NE2  N N N 96  
GLN OXT  O N N 97  
GLN H    H N N 98  
GLN H2   H N N 99  
GLN HA   H N N 100 
GLN HB2  H N N 101 
GLN HB3  H N N 102 
GLN HG2  H N N 103 
GLN HG3  H N N 104 
GLN HE21 H N N 105 
GLN HE22 H N N 106 
GLN HXT  H N N 107 
GLU N    N N N 108 
GLU CA   C N S 109 
GLU C    C N N 110 
GLU O    O N N 111 
GLU CB   C N N 112 
GLU CG   C N N 113 
GLU CD   C N N 114 
GLU OE1  O N N 115 
GLU OE2  O N N 116 
GLU OXT  O N N 117 
GLU H    H N N 118 
GLU H2   H N N 119 
GLU HA   H N N 120 
GLU HB2  H N N 121 
GLU HB3  H N N 122 
GLU HG2  H N N 123 
GLU HG3  H N N 124 
GLU HE2  H N N 125 
GLU HXT  H N N 126 
GLY N    N N N 127 
GLY CA   C N N 128 
GLY C    C N N 129 
GLY O    O N N 130 
GLY OXT  O N N 131 
GLY H    H N N 132 
GLY H2   H N N 133 
GLY HA2  H N N 134 
GLY HA3  H N N 135 
GLY HXT  H N N 136 
HIS N    N N N 137 
HIS CA   C N S 138 
HIS C    C N N 139 
HIS O    O N N 140 
HIS CB   C N N 141 
HIS CG   C Y N 142 
HIS ND1  N Y N 143 
HIS CD2  C Y N 144 
HIS CE1  C Y N 145 
HIS NE2  N Y N 146 
HIS OXT  O N N 147 
HIS H    H N N 148 
HIS H2   H N N 149 
HIS HA   H N N 150 
HIS HB2  H N N 151 
HIS HB3  H N N 152 
HIS HD1  H N N 153 
HIS HD2  H N N 154 
HIS HE1  H N N 155 
HIS HE2  H N N 156 
HIS HXT  H N N 157 
HOH O    O N N 158 
HOH H1   H N N 159 
HOH H2   H N N 160 
ILE N    N N N 161 
ILE CA   C N S 162 
ILE C    C N N 163 
ILE O    O N N 164 
ILE CB   C N S 165 
ILE CG1  C N N 166 
ILE CG2  C N N 167 
ILE CD1  C N N 168 
ILE OXT  O N N 169 
ILE H    H N N 170 
ILE H2   H N N 171 
ILE HA   H N N 172 
ILE HB   H N N 173 
ILE HG12 H N N 174 
ILE HG13 H N N 175 
ILE HG21 H N N 176 
ILE HG22 H N N 177 
ILE HG23 H N N 178 
ILE HD11 H N N 179 
ILE HD12 H N N 180 
ILE HD13 H N N 181 
ILE HXT  H N N 182 
LEU N    N N N 183 
LEU CA   C N S 184 
LEU C    C N N 185 
LEU O    O N N 186 
LEU CB   C N N 187 
LEU CG   C N N 188 
LEU CD1  C N N 189 
LEU CD2  C N N 190 
LEU OXT  O N N 191 
LEU H    H N N 192 
LEU H2   H N N 193 
LEU HA   H N N 194 
LEU HB2  H N N 195 
LEU HB3  H N N 196 
LEU HG   H N N 197 
LEU HD11 H N N 198 
LEU HD12 H N N 199 
LEU HD13 H N N 200 
LEU HD21 H N N 201 
LEU HD22 H N N 202 
LEU HD23 H N N 203 
LEU HXT  H N N 204 
LYS N    N N N 205 
LYS CA   C N S 206 
LYS C    C N N 207 
LYS O    O N N 208 
LYS CB   C N N 209 
LYS CG   C N N 210 
LYS CD   C N N 211 
LYS CE   C N N 212 
LYS NZ   N N N 213 
LYS OXT  O N N 214 
LYS H    H N N 215 
LYS H2   H N N 216 
LYS HA   H N N 217 
LYS HB2  H N N 218 
LYS HB3  H N N 219 
LYS HG2  H N N 220 
LYS HG3  H N N 221 
LYS HD2  H N N 222 
LYS HD3  H N N 223 
LYS HE2  H N N 224 
LYS HE3  H N N 225 
LYS HZ1  H N N 226 
LYS HZ2  H N N 227 
LYS HZ3  H N N 228 
LYS HXT  H N N 229 
NAG C1   C N R 230 
NAG C2   C N R 231 
NAG C3   C N R 232 
NAG C4   C N S 233 
NAG C5   C N R 234 
NAG C6   C N N 235 
NAG C7   C N N 236 
NAG C8   C N N 237 
NAG N2   N N N 238 
NAG O1   O N N 239 
NAG O3   O N N 240 
NAG O4   O N N 241 
NAG O5   O N N 242 
NAG O6   O N N 243 
NAG O7   O N N 244 
NAG H1   H N N 245 
NAG H2   H N N 246 
NAG H3   H N N 247 
NAG H4   H N N 248 
NAG H5   H N N 249 
NAG H61  H N N 250 
NAG H62  H N N 251 
NAG H81  H N N 252 
NAG H82  H N N 253 
NAG H83  H N N 254 
NAG HN2  H N N 255 
NAG HO1  H N N 256 
NAG HO3  H N N 257 
NAG HO4  H N N 258 
NAG HO6  H N N 259 
PHE N    N N N 260 
PHE CA   C N S 261 
PHE C    C N N 262 
PHE O    O N N 263 
PHE CB   C N N 264 
PHE CG   C Y N 265 
PHE CD1  C Y N 266 
PHE CD2  C Y N 267 
PHE CE1  C Y N 268 
PHE CE2  C Y N 269 
PHE CZ   C Y N 270 
PHE OXT  O N N 271 
PHE H    H N N 272 
PHE H2   H N N 273 
PHE HA   H N N 274 
PHE HB2  H N N 275 
PHE HB3  H N N 276 
PHE HD1  H N N 277 
PHE HD2  H N N 278 
PHE HE1  H N N 279 
PHE HE2  H N N 280 
PHE HZ   H N N 281 
PHE HXT  H N N 282 
PRO N    N N N 283 
PRO CA   C N S 284 
PRO C    C N N 285 
PRO O    O N N 286 
PRO CB   C N N 287 
PRO CG   C N N 288 
PRO CD   C N N 289 
PRO OXT  O N N 290 
PRO H    H N N 291 
PRO HA   H N N 292 
PRO HB2  H N N 293 
PRO HB3  H N N 294 
PRO HG2  H N N 295 
PRO HG3  H N N 296 
PRO HD2  H N N 297 
PRO HD3  H N N 298 
PRO HXT  H N N 299 
SER N    N N N 300 
SER CA   C N S 301 
SER C    C N N 302 
SER O    O N N 303 
SER CB   C N N 304 
SER OG   O N N 305 
SER OXT  O N N 306 
SER H    H N N 307 
SER H2   H N N 308 
SER HA   H N N 309 
SER HB2  H N N 310 
SER HB3  H N N 311 
SER HG   H N N 312 
SER HXT  H N N 313 
SO4 S    S N N 314 
SO4 O1   O N N 315 
SO4 O2   O N N 316 
SO4 O3   O N N 317 
SO4 O4   O N N 318 
THR N    N N N 319 
THR CA   C N S 320 
THR C    C N N 321 
THR O    O N N 322 
THR CB   C N R 323 
THR OG1  O N N 324 
THR CG2  C N N 325 
THR OXT  O N N 326 
THR H    H N N 327 
THR H2   H N N 328 
THR HA   H N N 329 
THR HB   H N N 330 
THR HG1  H N N 331 
THR HG21 H N N 332 
THR HG22 H N N 333 
THR HG23 H N N 334 
THR HXT  H N N 335 
TRP N    N N N 336 
TRP CA   C N S 337 
TRP C    C N N 338 
TRP O    O N N 339 
TRP CB   C N N 340 
TRP CG   C Y N 341 
TRP CD1  C Y N 342 
TRP CD2  C Y N 343 
TRP NE1  N Y N 344 
TRP CE2  C Y N 345 
TRP CE3  C Y N 346 
TRP CZ2  C Y N 347 
TRP CZ3  C Y N 348 
TRP CH2  C Y N 349 
TRP OXT  O N N 350 
TRP H    H N N 351 
TRP H2   H N N 352 
TRP HA   H N N 353 
TRP HB2  H N N 354 
TRP HB3  H N N 355 
TRP HD1  H N N 356 
TRP HE1  H N N 357 
TRP HE3  H N N 358 
TRP HZ2  H N N 359 
TRP HZ3  H N N 360 
TRP HH2  H N N 361 
TRP HXT  H N N 362 
TYR N    N N N 363 
TYR CA   C N S 364 
TYR C    C N N 365 
TYR O    O N N 366 
TYR CB   C N N 367 
TYR CG   C Y N 368 
TYR CD1  C Y N 369 
TYR CD2  C Y N 370 
TYR CE1  C Y N 371 
TYR CE2  C Y N 372 
TYR CZ   C Y N 373 
TYR OH   O N N 374 
TYR OXT  O N N 375 
TYR H    H N N 376 
TYR H2   H N N 377 
TYR HA   H N N 378 
TYR HB2  H N N 379 
TYR HB3  H N N 380 
TYR HD1  H N N 381 
TYR HD2  H N N 382 
TYR HE1  H N N 383 
TYR HE2  H N N 384 
TYR HH   H N N 385 
TYR HXT  H N N 386 
VAL N    N N N 387 
VAL CA   C N S 388 
VAL C    C N N 389 
VAL O    O N N 390 
VAL CB   C N N 391 
VAL CG1  C N N 392 
VAL CG2  C N N 393 
VAL OXT  O N N 394 
VAL H    H N N 395 
VAL H2   H N N 396 
VAL HA   H N N 397 
VAL HB   H N N 398 
VAL HG11 H N N 399 
VAL HG12 H N N 400 
VAL HG13 H N N 401 
VAL HG21 H N N 402 
VAL HG22 H N N 403 
VAL HG23 H N N 404 
VAL HXT  H N N 405 
# 
loop_
_chem_comp_bond.comp_id 
_chem_comp_bond.atom_id_1 
_chem_comp_bond.atom_id_2 
_chem_comp_bond.value_order 
_chem_comp_bond.pdbx_aromatic_flag 
_chem_comp_bond.pdbx_stereo_config 
_chem_comp_bond.pdbx_ordinal 
ALA N   CA   sing N N 1   
ALA N   H    sing N N 2   
ALA N   H2   sing N N 3   
ALA CA  C    sing N N 4   
ALA CA  CB   sing N N 5   
ALA CA  HA   sing N N 6   
ALA C   O    doub N N 7   
ALA C   OXT  sing N N 8   
ALA CB  HB1  sing N N 9   
ALA CB  HB2  sing N N 10  
ALA CB  HB3  sing N N 11  
ALA OXT HXT  sing N N 12  
ARG N   CA   sing N N 13  
ARG N   H    sing N N 14  
ARG N   H2   sing N N 15  
ARG CA  C    sing N N 16  
ARG CA  CB   sing N N 17  
ARG CA  HA   sing N N 18  
ARG C   O    doub N N 19  
ARG C   OXT  sing N N 20  
ARG CB  CG   sing N N 21  
ARG CB  HB2  sing N N 22  
ARG CB  HB3  sing N N 23  
ARG CG  CD   sing N N 24  
ARG CG  HG2  sing N N 25  
ARG CG  HG3  sing N N 26  
ARG CD  NE   sing N N 27  
ARG CD  HD2  sing N N 28  
ARG CD  HD3  sing N N 29  
ARG NE  CZ   sing N N 30  
ARG NE  HE   sing N N 31  
ARG CZ  NH1  sing N N 32  
ARG CZ  NH2  doub N N 33  
ARG NH1 HH11 sing N N 34  
ARG NH1 HH12 sing N N 35  
ARG NH2 HH21 sing N N 36  
ARG NH2 HH22 sing N N 37  
ARG OXT HXT  sing N N 38  
ASN N   CA   sing N N 39  
ASN N   H    sing N N 40  
ASN N   H2   sing N N 41  
ASN CA  C    sing N N 42  
ASN CA  CB   sing N N 43  
ASN CA  HA   sing N N 44  
ASN C   O    doub N N 45  
ASN C   OXT  sing N N 46  
ASN CB  CG   sing N N 47  
ASN CB  HB2  sing N N 48  
ASN CB  HB3  sing N N 49  
ASN CG  OD1  doub N N 50  
ASN CG  ND2  sing N N 51  
ASN ND2 HD21 sing N N 52  
ASN ND2 HD22 sing N N 53  
ASN OXT HXT  sing N N 54  
ASP N   CA   sing N N 55  
ASP N   H    sing N N 56  
ASP N   H2   sing N N 57  
ASP CA  C    sing N N 58  
ASP CA  CB   sing N N 59  
ASP CA  HA   sing N N 60  
ASP C   O    doub N N 61  
ASP C   OXT  sing N N 62  
ASP CB  CG   sing N N 63  
ASP CB  HB2  sing N N 64  
ASP CB  HB3  sing N N 65  
ASP CG  OD1  doub N N 66  
ASP CG  OD2  sing N N 67  
ASP OD2 HD2  sing N N 68  
ASP OXT HXT  sing N N 69  
CYS N   CA   sing N N 70  
CYS N   H    sing N N 71  
CYS N   H2   sing N N 72  
CYS CA  C    sing N N 73  
CYS CA  CB   sing N N 74  
CYS CA  HA   sing N N 75  
CYS C   O    doub N N 76  
CYS C   OXT  sing N N 77  
CYS CB  SG   sing N N 78  
CYS CB  HB2  sing N N 79  
CYS CB  HB3  sing N N 80  
CYS SG  HG   sing N N 81  
CYS OXT HXT  sing N N 82  
GLN N   CA   sing N N 83  
GLN N   H    sing N N 84  
GLN N   H2   sing N N 85  
GLN CA  C    sing N N 86  
GLN CA  CB   sing N N 87  
GLN CA  HA   sing N N 88  
GLN C   O    doub N N 89  
GLN C   OXT  sing N N 90  
GLN CB  CG   sing N N 91  
GLN CB  HB2  sing N N 92  
GLN CB  HB3  sing N N 93  
GLN CG  CD   sing N N 94  
GLN CG  HG2  sing N N 95  
GLN CG  HG3  sing N N 96  
GLN CD  OE1  doub N N 97  
GLN CD  NE2  sing N N 98  
GLN NE2 HE21 sing N N 99  
GLN NE2 HE22 sing N N 100 
GLN OXT HXT  sing N N 101 
GLU N   CA   sing N N 102 
GLU N   H    sing N N 103 
GLU N   H2   sing N N 104 
GLU CA  C    sing N N 105 
GLU CA  CB   sing N N 106 
GLU CA  HA   sing N N 107 
GLU C   O    doub N N 108 
GLU C   OXT  sing N N 109 
GLU CB  CG   sing N N 110 
GLU CB  HB2  sing N N 111 
GLU CB  HB3  sing N N 112 
GLU CG  CD   sing N N 113 
GLU CG  HG2  sing N N 114 
GLU CG  HG3  sing N N 115 
GLU CD  OE1  doub N N 116 
GLU CD  OE2  sing N N 117 
GLU OE2 HE2  sing N N 118 
GLU OXT HXT  sing N N 119 
GLY N   CA   sing N N 120 
GLY N   H    sing N N 121 
GLY N   H2   sing N N 122 
GLY CA  C    sing N N 123 
GLY CA  HA2  sing N N 124 
GLY CA  HA3  sing N N 125 
GLY C   O    doub N N 126 
GLY C   OXT  sing N N 127 
GLY OXT HXT  sing N N 128 
HIS N   CA   sing N N 129 
HIS N   H    sing N N 130 
HIS N   H2   sing N N 131 
HIS CA  C    sing N N 132 
HIS CA  CB   sing N N 133 
HIS CA  HA   sing N N 134 
HIS C   O    doub N N 135 
HIS C   OXT  sing N N 136 
HIS CB  CG   sing N N 137 
HIS CB  HB2  sing N N 138 
HIS CB  HB3  sing N N 139 
HIS CG  ND1  sing Y N 140 
HIS CG  CD2  doub Y N 141 
HIS ND1 CE1  doub Y N 142 
HIS ND1 HD1  sing N N 143 
HIS CD2 NE2  sing Y N 144 
HIS CD2 HD2  sing N N 145 
HIS CE1 NE2  sing Y N 146 
HIS CE1 HE1  sing N N 147 
HIS NE2 HE2  sing N N 148 
HIS OXT HXT  sing N N 149 
HOH O   H1   sing N N 150 
HOH O   H2   sing N N 151 
ILE N   CA   sing N N 152 
ILE N   H    sing N N 153 
ILE N   H2   sing N N 154 
ILE CA  C    sing N N 155 
ILE CA  CB   sing N N 156 
ILE CA  HA   sing N N 157 
ILE C   O    doub N N 158 
ILE C   OXT  sing N N 159 
ILE CB  CG1  sing N N 160 
ILE CB  CG2  sing N N 161 
ILE CB  HB   sing N N 162 
ILE CG1 CD1  sing N N 163 
ILE CG1 HG12 sing N N 164 
ILE CG1 HG13 sing N N 165 
ILE CG2 HG21 sing N N 166 
ILE CG2 HG22 sing N N 167 
ILE CG2 HG23 sing N N 168 
ILE CD1 HD11 sing N N 169 
ILE CD1 HD12 sing N N 170 
ILE CD1 HD13 sing N N 171 
ILE OXT HXT  sing N N 172 
LEU N   CA   sing N N 173 
LEU N   H    sing N N 174 
LEU N   H2   sing N N 175 
LEU CA  C    sing N N 176 
LEU CA  CB   sing N N 177 
LEU CA  HA   sing N N 178 
LEU C   O    doub N N 179 
LEU C   OXT  sing N N 180 
LEU CB  CG   sing N N 181 
LEU CB  HB2  sing N N 182 
LEU CB  HB3  sing N N 183 
LEU CG  CD1  sing N N 184 
LEU CG  CD2  sing N N 185 
LEU CG  HG   sing N N 186 
LEU CD1 HD11 sing N N 187 
LEU CD1 HD12 sing N N 188 
LEU CD1 HD13 sing N N 189 
LEU CD2 HD21 sing N N 190 
LEU CD2 HD22 sing N N 191 
LEU CD2 HD23 sing N N 192 
LEU OXT HXT  sing N N 193 
LYS N   CA   sing N N 194 
LYS N   H    sing N N 195 
LYS N   H2   sing N N 196 
LYS CA  C    sing N N 197 
LYS CA  CB   sing N N 198 
LYS CA  HA   sing N N 199 
LYS C   O    doub N N 200 
LYS C   OXT  sing N N 201 
LYS CB  CG   sing N N 202 
LYS CB  HB2  sing N N 203 
LYS CB  HB3  sing N N 204 
LYS CG  CD   sing N N 205 
LYS CG  HG2  sing N N 206 
LYS CG  HG3  sing N N 207 
LYS CD  CE   sing N N 208 
LYS CD  HD2  sing N N 209 
LYS CD  HD3  sing N N 210 
LYS CE  NZ   sing N N 211 
LYS CE  HE2  sing N N 212 
LYS CE  HE3  sing N N 213 
LYS NZ  HZ1  sing N N 214 
LYS NZ  HZ2  sing N N 215 
LYS NZ  HZ3  sing N N 216 
LYS OXT HXT  sing N N 217 
NAG C1  C2   sing N N 218 
NAG C1  O1   sing N N 219 
NAG C1  O5   sing N N 220 
NAG C1  H1   sing N N 221 
NAG C2  C3   sing N N 222 
NAG C2  N2   sing N N 223 
NAG C2  H2   sing N N 224 
NAG C3  C4   sing N N 225 
NAG C3  O3   sing N N 226 
NAG C3  H3   sing N N 227 
NAG C4  C5   sing N N 228 
NAG C4  O4   sing N N 229 
NAG C4  H4   sing N N 230 
NAG C5  C6   sing N N 231 
NAG C5  O5   sing N N 232 
NAG C5  H5   sing N N 233 
NAG C6  O6   sing N N 234 
NAG C6  H61  sing N N 235 
NAG C6  H62  sing N N 236 
NAG C7  C8   sing N N 237 
NAG C7  N2   sing N N 238 
NAG C7  O7   doub N N 239 
NAG C8  H81  sing N N 240 
NAG C8  H82  sing N N 241 
NAG C8  H83  sing N N 242 
NAG N2  HN2  sing N N 243 
NAG O1  HO1  sing N N 244 
NAG O3  HO3  sing N N 245 
NAG O4  HO4  sing N N 246 
NAG O6  HO6  sing N N 247 
PHE N   CA   sing N N 248 
PHE N   H    sing N N 249 
PHE N   H2   sing N N 250 
PHE CA  C    sing N N 251 
PHE CA  CB   sing N N 252 
PHE CA  HA   sing N N 253 
PHE C   O    doub N N 254 
PHE C   OXT  sing N N 255 
PHE CB  CG   sing N N 256 
PHE CB  HB2  sing N N 257 
PHE CB  HB3  sing N N 258 
PHE CG  CD1  doub Y N 259 
PHE CG  CD2  sing Y N 260 
PHE CD1 CE1  sing Y N 261 
PHE CD1 HD1  sing N N 262 
PHE CD2 CE2  doub Y N 263 
PHE CD2 HD2  sing N N 264 
PHE CE1 CZ   doub Y N 265 
PHE CE1 HE1  sing N N 266 
PHE CE2 CZ   sing Y N 267 
PHE CE2 HE2  sing N N 268 
PHE CZ  HZ   sing N N 269 
PHE OXT HXT  sing N N 270 
PRO N   CA   sing N N 271 
PRO N   CD   sing N N 272 
PRO N   H    sing N N 273 
PRO CA  C    sing N N 274 
PRO CA  CB   sing N N 275 
PRO CA  HA   sing N N 276 
PRO C   O    doub N N 277 
PRO C   OXT  sing N N 278 
PRO CB  CG   sing N N 279 
PRO CB  HB2  sing N N 280 
PRO CB  HB3  sing N N 281 
PRO CG  CD   sing N N 282 
PRO CG  HG2  sing N N 283 
PRO CG  HG3  sing N N 284 
PRO CD  HD2  sing N N 285 
PRO CD  HD3  sing N N 286 
PRO OXT HXT  sing N N 287 
SER N   CA   sing N N 288 
SER N   H    sing N N 289 
SER N   H2   sing N N 290 
SER CA  C    sing N N 291 
SER CA  CB   sing N N 292 
SER CA  HA   sing N N 293 
SER C   O    doub N N 294 
SER C   OXT  sing N N 295 
SER CB  OG   sing N N 296 
SER CB  HB2  sing N N 297 
SER CB  HB3  sing N N 298 
SER OG  HG   sing N N 299 
SER OXT HXT  sing N N 300 
SO4 S   O1   doub N N 301 
SO4 S   O2   doub N N 302 
SO4 S   O3   sing N N 303 
SO4 S   O4   sing N N 304 
THR N   CA   sing N N 305 
THR N   H    sing N N 306 
THR N   H2   sing N N 307 
THR CA  C    sing N N 308 
THR CA  CB   sing N N 309 
THR CA  HA   sing N N 310 
THR C   O    doub N N 311 
THR C   OXT  sing N N 312 
THR CB  OG1  sing N N 313 
THR CB  CG2  sing N N 314 
THR CB  HB   sing N N 315 
THR OG1 HG1  sing N N 316 
THR CG2 HG21 sing N N 317 
THR CG2 HG22 sing N N 318 
THR CG2 HG23 sing N N 319 
THR OXT HXT  sing N N 320 
TRP N   CA   sing N N 321 
TRP N   H    sing N N 322 
TRP N   H2   sing N N 323 
TRP CA  C    sing N N 324 
TRP CA  CB   sing N N 325 
TRP CA  HA   sing N N 326 
TRP C   O    doub N N 327 
TRP C   OXT  sing N N 328 
TRP CB  CG   sing N N 329 
TRP CB  HB2  sing N N 330 
TRP CB  HB3  sing N N 331 
TRP CG  CD1  doub Y N 332 
TRP CG  CD2  sing Y N 333 
TRP CD1 NE1  sing Y N 334 
TRP CD1 HD1  sing N N 335 
TRP CD2 CE2  doub Y N 336 
TRP CD2 CE3  sing Y N 337 
TRP NE1 CE2  sing Y N 338 
TRP NE1 HE1  sing N N 339 
TRP CE2 CZ2  sing Y N 340 
TRP CE3 CZ3  doub Y N 341 
TRP CE3 HE3  sing N N 342 
TRP CZ2 CH2  doub Y N 343 
TRP CZ2 HZ2  sing N N 344 
TRP CZ3 CH2  sing Y N 345 
TRP CZ3 HZ3  sing N N 346 
TRP CH2 HH2  sing N N 347 
TRP OXT HXT  sing N N 348 
TYR N   CA   sing N N 349 
TYR N   H    sing N N 350 
TYR N   H2   sing N N 351 
TYR CA  C    sing N N 352 
TYR CA  CB   sing N N 353 
TYR CA  HA   sing N N 354 
TYR C   O    doub N N 355 
TYR C   OXT  sing N N 356 
TYR CB  CG   sing N N 357 
TYR CB  HB2  sing N N 358 
TYR CB  HB3  sing N N 359 
TYR CG  CD1  doub Y N 360 
TYR CG  CD2  sing Y N 361 
TYR CD1 CE1  sing Y N 362 
TYR CD1 HD1  sing N N 363 
TYR CD2 CE2  doub Y N 364 
TYR CD2 HD2  sing N N 365 
TYR CE1 CZ   doub Y N 366 
TYR CE1 HE1  sing N N 367 
TYR CE2 CZ   sing Y N 368 
TYR CE2 HE2  sing N N 369 
TYR CZ  OH   sing N N 370 
TYR OH  HH   sing N N 371 
TYR OXT HXT  sing N N 372 
VAL N   CA   sing N N 373 
VAL N   H    sing N N 374 
VAL N   H2   sing N N 375 
VAL CA  C    sing N N 376 
VAL CA  CB   sing N N 377 
VAL CA  HA   sing N N 378 
VAL C   O    doub N N 379 
VAL C   OXT  sing N N 380 
VAL CB  CG1  sing N N 381 
VAL CB  CG2  sing N N 382 
VAL CB  HB   sing N N 383 
VAL CG1 HG11 sing N N 384 
VAL CG1 HG12 sing N N 385 
VAL CG1 HG13 sing N N 386 
VAL CG2 HG21 sing N N 387 
VAL CG2 HG22 sing N N 388 
VAL CG2 HG23 sing N N 389 
VAL OXT HXT  sing N N 390 
# 
_pdbx_initial_refinement_model.id               1 
_pdbx_initial_refinement_model.entity_id_list   ? 
_pdbx_initial_refinement_model.type             'experimental model' 
_pdbx_initial_refinement_model.source_name      PDB 
_pdbx_initial_refinement_model.accession_code   4QKJ 
_pdbx_initial_refinement_model.details          ? 
# 
_atom_sites.entry_id                    4QKG 
_atom_sites.fract_transf_matrix[1][1]   -0.01093820 
_atom_sites.fract_transf_matrix[1][2]   0.00117934 
_atom_sites.fract_transf_matrix[1][3]   -0.02179454 
_atom_sites.fract_transf_matrix[2][1]   -0.00957124 
_atom_sites.fract_transf_matrix[2][2]   -0.02012957 
_atom_sites.fract_transf_matrix[2][3]   -0.00995923 
_atom_sites.fract_transf_matrix[3][1]   -0.00822265 
_atom_sites.fract_transf_matrix[3][2]   0.00181927 
_atom_sites.fract_transf_matrix[3][3]   0.00422521 
_atom_sites.fract_transf_vector[1]      -0.243463 
_atom_sites.fract_transf_vector[2]      0.407496 
_atom_sites.fract_transf_vector[3]      -0.033627 
# 
loop_
_atom_type.symbol 
C 
N 
O 
S 
# 
loop_
_atom_site.group_PDB 
_atom_site.id 
_atom_site.type_symbol 
_atom_site.label_atom_id 
_atom_site.label_alt_id 
_atom_site.label_comp_id 
_atom_site.label_asym_id 
_atom_site.label_entity_id 
_atom_site.label_seq_id 
_atom_site.pdbx_PDB_ins_code 
_atom_site.Cartn_x 
_atom_site.Cartn_y 
_atom_site.Cartn_z 
_atom_site.occupancy 
_atom_site.B_iso_or_equiv 
_atom_site.pdbx_formal_charge 
_atom_site.auth_seq_id 
_atom_site.auth_comp_id 
_atom_site.auth_asym_id 
_atom_site.auth_atom_id 
_atom_site.pdbx_PDB_model_num 
ATOM   1   N N   . GLN A 1 4   ? -14.592 16.823  -7.078  1.00 68.81 ? 72  GLN A N   1 
ATOM   2   C CA  . GLN A 1 4   ? -15.174 15.477  -6.814  1.00 60.69 ? 72  GLN A CA  1 
ATOM   3   C C   . GLN A 1 4   ? -14.513 14.417  -7.701  1.00 55.67 ? 72  GLN A C   1 
ATOM   4   O O   . GLN A 1 4   ? -13.885 14.704  -8.743  1.00 50.95 ? 72  GLN A O   1 
ATOM   5   C CB  . GLN A 1 4   ? -16.686 15.480  -6.986  1.00 65.16 ? 72  GLN A CB  1 
ATOM   6   C CG  . GLN A 1 4   ? -17.420 14.541  -6.063  1.00 65.66 ? 72  GLN A CG  1 
ATOM   7   C CD  . GLN A 1 4   ? -17.373 14.991  -4.620  1.00 74.83 ? 72  GLN A CD  1 
ATOM   8   O OE1 . GLN A 1 4   ? -16.320 15.383  -4.105  1.00 80.30 ? 72  GLN A OE1 1 
ATOM   9   N NE2 . GLN A 1 4   ? -18.519 14.928  -3.947  1.00 69.89 ? 72  GLN A NE2 1 
ATOM   10  N N   . ALA A 1 5   ? -14.603 13.185  -7.238  1.00 45.17 ? 73  ALA A N   1 
ATOM   11  C CA  . ALA A 1 5   ? -13.585 12.219  -7.581  1.00 42.13 ? 73  ALA A CA  1 
ATOM   12  C C   . ALA A 1 5   ? -14.086 10.812  -7.316  1.00 38.22 ? 73  ALA A C   1 
ATOM   13  O O   . ALA A 1 5   ? -15.045 10.618  -6.588  1.00 35.49 ? 73  ALA A O   1 
ATOM   14  C CB  . ALA A 1 5   ? -12.330 12.512  -6.766  1.00 44.24 ? 73  ALA A CB  1 
ATOM   15  N N   . ALA A 1 6   ? -13.470 9.847   -7.985  1.00 35.52 ? 74  ALA A N   1 
ATOM   16  C CA  . ALA A 1 6   ? -13.879 8.459   -7.929  1.00 33.04 ? 74  ALA A CA  1 
ATOM   17  C C   . ALA A 1 6   ? -12.651 7.554   -7.907  1.00 32.36 ? 74  ALA A C   1 
ATOM   18  O O   . ALA A 1 6   ? -11.554 8.015   -8.189  1.00 31.41 ? 74  ALA A O   1 
ATOM   19  C CB  . ALA A 1 6   ? -14.733 8.169   -9.144  1.00 36.30 ? 74  ALA A CB  1 
ATOM   20  N N   . CYS A 1 7   ? -12.838 6.270   -7.569  1.00 33.59 ? 75  CYS A N   1 
ATOM   21  C CA  . CYS A 1 7   ? -11.810 5.246   -7.618  1.00 32.09 ? 75  CYS A CA  1 
ATOM   22  C C   . CYS A 1 7   ? -12.382 4.155   -8.546  1.00 28.92 ? 75  CYS A C   1 
ATOM   23  O O   . CYS A 1 7   ? -13.609 3.957   -8.614  1.00 32.39 ? 75  CYS A O   1 
ATOM   24  C CB  . CYS A 1 7   ? -11.515 4.663   -6.181  1.00 34.09 ? 75  CYS A CB  1 
ATOM   25  S SG  . CYS A 1 7   ? -10.584 5.899   -5.255  1.00 44.49 ? 75  CYS A SG  1 
ATOM   26  N N   . PRO A 1 8   ? -11.521 3.439   -9.240  1.00 29.02 ? 76  PRO A N   1 
ATOM   27  C CA  . PRO A 1 8   ? -11.989 2.252   -9.952  1.00 30.42 ? 76  PRO A CA  1 
ATOM   28  C C   . PRO A 1 8   ? -12.636 1.299   -9.002  1.00 34.19 ? 76  PRO A C   1 
ATOM   29  O O   . PRO A 1 8   ? -12.304 1.284   -7.802  1.00 32.22 ? 76  PRO A O   1 
ATOM   30  C CB  . PRO A 1 8   ? -10.730 1.668   -10.491 1.00 30.47 ? 76  PRO A CB  1 
ATOM   31  C CG  . PRO A 1 8   ? -9.775  2.799   -10.602 1.00 30.37 ? 76  PRO A CG  1 
ATOM   32  C CD  . PRO A 1 8   ? -10.090 3.660   -9.450  1.00 29.50 ? 76  PRO A CD  1 
ATOM   33  N N   . GLU A 1 9   ? -13.559 0.502   -9.541  1.00 35.32 ? 77  GLU A N   1 
ATOM   34  C CA  . GLU A 1 9   ? -14.479 -0.263  -8.720  1.00 36.60 ? 77  GLU A CA  1 
ATOM   35  C C   . GLU A 1 9   ? -13.793 -1.284  -7.823  1.00 34.92 ? 77  GLU A C   1 
ATOM   36  O O   . GLU A 1 9   ? -14.295 -1.565  -6.755  1.00 38.51 ? 77  GLU A O   1 
ATOM   37  C CB  . GLU A 1 9   ? -15.545 -0.930  -9.603  1.00 40.88 ? 77  GLU A CB  1 
ATOM   38  C CG  . GLU A 1 9   ? -16.864 -1.238  -8.940  1.00 47.72 ? 77  GLU A CG  1 
ATOM   39  C CD  . GLU A 1 9   ? -17.890 -1.807  -9.940  1.00 60.33 ? 77  GLU A CD  1 
ATOM   40  O OE1 . GLU A 1 9   ? -17.517 -2.074  -11.104 1.00 57.95 ? 77  GLU A OE1 1 
ATOM   41  O OE2 . GLU A 1 9   ? -19.074 -1.999  -9.567  1.00 68.53 ? 77  GLU A OE2 1 
ATOM   42  N N   . SER A 1 10  ? -12.646 -1.816  -8.162  1.00 32.92 ? 78  SER A N   1 
ATOM   43  C CA  . SER A 1 10  ? -12.038 -2.771  -7.192  1.00 41.21 ? 78  SER A CA  1 
ATOM   44  C C   . SER A 1 10  ? -11.107 -2.095  -6.156  1.00 35.42 ? 78  SER A C   1 
ATOM   45  O O   . SER A 1 10  ? -10.406 -2.756  -5.373  1.00 34.19 ? 78  SER A O   1 
ATOM   46  C CB  . SER A 1 10  ? -11.389 -3.937  -7.947  1.00 38.68 ? 78  SER A CB  1 
ATOM   47  O OG  . SER A 1 10  ? -10.179 -3.568  -8.521  1.00 47.19 ? 78  SER A OG  1 
ATOM   48  N N   . TRP A 1 11  ? -11.091 -0.762  -6.171  1.00 33.34 ? 79  TRP A N   1 
ATOM   49  C CA  . TRP A 1 11  ? -10.241 0.042   -5.309  1.00 30.32 ? 79  TRP A CA  1 
ATOM   50  C C   . TRP A 1 11  ? -11.110 0.730   -4.292  1.00 33.05 ? 79  TRP A C   1 
ATOM   51  O O   . TRP A 1 11  ? -12.338 0.781   -4.417  1.00 32.96 ? 79  TRP A O   1 
ATOM   52  C CB  . TRP A 1 11  ? -9.446  1.062   -6.138  1.00 28.97 ? 79  TRP A CB  1 
ATOM   53  C CG  . TRP A 1 11  ? -8.445  0.464   -7.075  1.00 25.77 ? 79  TRP A CG  1 
ATOM   54  C CD1 . TRP A 1 11  ? -8.685  -0.453  -8.090  1.00 28.19 ? 79  TRP A CD1 1 
ATOM   55  C CD2 . TRP A 1 11  ? -7.037  0.706   -7.092  1.00 28.45 ? 79  TRP A CD2 1 
ATOM   56  N NE1 . TRP A 1 11  ? -7.513  -0.769  -8.714  1.00 24.81 ? 79  TRP A NE1 1 
ATOM   57  C CE2 . TRP A 1 11  ? -6.489  -0.073  -8.117  1.00 27.20 ? 79  TRP A CE2 1 
ATOM   58  C CE3 . TRP A 1 11  ? -6.183  1.532   -6.344  1.00 27.86 ? 79  TRP A CE3 1 
ATOM   59  C CZ2 . TRP A 1 11  ? -5.125  -0.054  -8.429  1.00 27.44 ? 79  TRP A CZ2 1 
ATOM   60  C CZ3 . TRP A 1 11  ? -4.810  1.511   -6.637  1.00 28.19 ? 79  TRP A CZ3 1 
ATOM   61  C CH2 . TRP A 1 11  ? -4.310  0.735   -7.663  1.00 31.75 ? 79  TRP A CH2 1 
ATOM   62  N N   . ILE A 1 12  ? -10.485 1.217   -3.223  1.00 32.90 ? 80  ILE A N   1 
ATOM   63  C CA  A ILE A 1 12  ? -11.215 1.898   -2.152  0.70 35.77 ? 80  ILE A CA  1 
ATOM   64  C CA  B ILE A 1 12  ? -11.207 1.873   -2.147  0.30 33.27 ? 80  ILE A CA  1 
ATOM   65  C C   . ILE A 1 12  ? -10.619 3.275   -1.972  1.00 34.55 ? 80  ILE A C   1 
ATOM   66  O O   . ILE A 1 12  ? -9.376  3.433   -1.939  1.00 30.27 ? 80  ILE A O   1 
ATOM   67  C CB  A ILE A 1 12  ? -11.242 1.046   -0.856  0.70 37.35 ? 80  ILE A CB  1 
ATOM   68  C CB  B ILE A 1 12  ? -11.152 1.003   -0.872  0.30 32.48 ? 80  ILE A CB  1 
ATOM   69  C CG1 A ILE A 1 12  ? -12.334 1.528   0.119   0.70 42.31 ? 80  ILE A CG1 1 
ATOM   70  C CG1 B ILE A 1 12  ? -12.269 -0.060  -0.904  0.30 34.07 ? 80  ILE A CG1 1 
ATOM   71  C CG2 A ILE A 1 12  ? -9.877  0.901   -0.220  0.70 35.51 ? 80  ILE A CG2 1 
ATOM   72  C CG2 B ILE A 1 12  ? -11.343 1.832   0.374   0.30 29.77 ? 80  ILE A CG2 1 
ATOM   73  C CD1 A ILE A 1 12  ? -12.173 2.890   0.736   0.70 49.91 ? 80  ILE A CD1 1 
ATOM   74  C CD1 B ILE A 1 12  ? -11.931 -1.332  -1.640  0.30 35.91 ? 80  ILE A CD1 1 
ATOM   75  N N   . GLY A 1 13  ? -11.497 4.278   -1.879  1.00 31.53 ? 81  GLY A N   1 
ATOM   76  C CA  . GLY A 1 13  ? -11.086 5.684   -1.783  1.00 36.12 ? 81  GLY A CA  1 
ATOM   77  C C   . GLY A 1 13  ? -10.939 6.204   -0.344  1.00 30.60 ? 81  GLY A C   1 
ATOM   78  O O   . GLY A 1 13  ? -11.697 5.850   0.510   1.00 38.19 ? 81  GLY A O   1 
ATOM   79  N N   . PHE A 1 14  ? -9.917  6.998   -0.106  1.00 35.47 ? 82  PHE A N   1 
ATOM   80  C CA  . PHE A 1 14  ? -9.767  7.714   1.154   1.00 36.40 ? 82  PHE A CA  1 
ATOM   81  C C   . PHE A 1 14  ? -9.104  9.032   0.825   1.00 32.77 ? 82  PHE A C   1 
ATOM   82  O O   . PHE A 1 14  ? -8.035  9.049   0.233   1.00 35.37 ? 82  PHE A O   1 
ATOM   83  C CB  . PHE A 1 14  ? -8.917  6.954   2.174   1.00 35.88 ? 82  PHE A CB  1 
ATOM   84  C CG  . PHE A 1 14  ? -8.899  7.615   3.520   1.00 34.74 ? 82  PHE A CG  1 
ATOM   85  C CD1 . PHE A 1 14  ? -10.049 7.694   4.279   1.00 37.44 ? 82  PHE A CD1 1 
ATOM   86  C CD2 . PHE A 1 14  ? -7.769  8.228   3.975   1.00 35.58 ? 82  PHE A CD2 1 
ATOM   87  C CE1 . PHE A 1 14  ? -10.055 8.357   5.506   1.00 39.07 ? 82  PHE A CE1 1 
ATOM   88  C CE2 . PHE A 1 14  ? -7.742  8.874   5.195   1.00 32.84 ? 82  PHE A CE2 1 
ATOM   89  C CZ  . PHE A 1 14  ? -8.898  8.943   5.971   1.00 34.43 ? 82  PHE A CZ  1 
ATOM   90  N N   . GLN A 1 15  ? -9.770  10.123  1.159   1.00 40.98 ? 83  GLN A N   1 
ATOM   91  C CA  A GLN A 1 15  ? -9.167  11.476  0.818   0.50 44.11 ? 83  GLN A CA  1 
ATOM   92  C CA  B GLN A 1 15  ? -9.373  11.489  0.910   0.50 43.80 ? 83  GLN A CA  1 
ATOM   93  C C   A GLN A 1 15  ? -8.195  11.663  -0.383  0.50 42.79 ? 83  GLN A C   1 
ATOM   94  C C   B GLN A 1 15  ? -9.161  11.655  -0.617  0.50 42.02 ? 83  GLN A C   1 
ATOM   95  O O   A GLN A 1 15  ? -6.961  11.729  -0.201  0.50 43.41 ? 83  GLN A O   1 
ATOM   96  O O   B GLN A 1 15  ? -10.148 11.607  -1.353  0.50 36.15 ? 83  GLN A O   1 
ATOM   97  C CB  . GLN A 1 15  ? -8.287  11.900  1.950   1.00 47.85 ? 83  GLN A CB  1 
ATOM   98  C CG  . GLN A 1 15  ? -8.893  11.778  3.323   1.00 47.85 ? 83  GLN A CG  1 
ATOM   99  C CD  . GLN A 1 15  ? -7.994  12.293  4.406   1.00 55.70 ? 83  GLN A CD  1 
ATOM   100 O OE1 . GLN A 1 15  ? -6.770  12.380  4.246   1.00 61.81 ? 83  GLN A OE1 1 
ATOM   101 N NE2 . GLN A 1 15  ? -8.594  12.631  5.529   1.00 56.25 ? 83  GLN A NE2 1 
ATOM   102 N N   A ARG A 1 16  ? -8.708  11.815  -1.590  0.50 41.44 ? 84  ARG A N   1 
ATOM   103 N N   B ARG A 1 16  ? -7.941  11.744  -1.117  0.50 44.09 ? 84  ARG A N   1 
ATOM   104 C CA  A ARG A 1 16  ? -7.850  12.008  -2.771  0.50 43.62 ? 84  ARG A CA  1 
ATOM   105 C CA  B ARG A 1 16  ? -7.740  11.982  -2.550  0.50 44.02 ? 84  ARG A CA  1 
ATOM   106 C C   . ARG A 1 16  ? -7.014  10.821  -3.219  1.00 39.40 ? 84  ARG A C   1 
ATOM   107 O O   . ARG A 1 16  ? -6.437  10.915  -4.286  1.00 40.95 ? 84  ARG A O   1 
ATOM   108 C CB  . ARG A 1 16  ? -6.939  13.262  -2.694  1.00 50.46 ? 84  ARG A CB  1 
ATOM   109 C CG  . ARG A 1 16  ? -7.654  14.501  -2.179  1.00 58.97 ? 84  ARG A CG  1 
ATOM   110 C CD  . ARG A 1 16  ? -6.876  15.785  -2.451  1.00 69.41 ? 84  ARG A CD  1 
ATOM   111 N NE  . ARG A 1 16  ? -7.715  16.946  -2.150  1.00 76.19 ? 84  ARG A NE  1 
ATOM   112 C CZ  . ARG A 1 16  ? -8.061  17.341  -0.923  1.00 83.25 ? 84  ARG A CZ  1 
ATOM   113 N NH1 . ARG A 1 16  ? -7.634  16.687  0.158   1.00 81.58 ? 84  ARG A NH1 1 
ATOM   114 N NH2 . ARG A 1 16  ? -8.840  18.409  -0.771  1.00 83.03 ? 84  ARG A NH2 1 
ATOM   115 N N   . LYS A 1 17  ? -6.984  9.690   -2.515  1.00 39.15 ? 85  LYS A N   1 
ATOM   116 C CA  . LYS A 1 17  ? -6.251  8.536   -3.025  1.00 34.09 ? 85  LYS A CA  1 
ATOM   117 C C   . LYS A 1 17  ? -7.153  7.280   -3.126  1.00 30.37 ? 85  LYS A C   1 
ATOM   118 O O   . LYS A 1 17  ? -8.230  7.241   -2.564  1.00 30.08 ? 85  LYS A O   1 
ATOM   119 C CB  . LYS A 1 17  ? -5.046  8.240   -2.127  1.00 39.92 ? 85  LYS A CB  1 
ATOM   120 C CG  . LYS A 1 17  ? -4.105  9.407   -1.940  1.00 42.82 ? 85  LYS A CG  1 
ATOM   121 C CD  . LYS A 1 17  ? -3.048  9.448   -3.022  1.00 47.94 ? 85  LYS A CD  1 
ATOM   122 C CE  . LYS A 1 17  ? -2.271  10.768  -2.941  1.00 53.81 ? 85  LYS A CE  1 
ATOM   123 N NZ  . LYS A 1 17  ? -1.329  10.926  -4.077  1.00 53.90 ? 85  LYS A NZ  1 
ATOM   124 N N   . CYS A 1 18  ? -6.686  6.297   -3.881  1.00 28.63 ? 86  CYS A N   1 
ATOM   125 C CA  . CYS A 1 18  ? -7.346  5.036   -4.052  1.00 31.24 ? 86  CYS A CA  1 
ATOM   126 C C   . CYS A 1 18  ? -6.331  3.984   -3.649  1.00 27.65 ? 86  CYS A C   1 
ATOM   127 O O   . CYS A 1 18  ? -5.143  4.090   -3.979  1.00 31.95 ? 86  CYS A O   1 
ATOM   128 C CB  . CYS A 1 18  ? -7.723  4.801   -5.528  1.00 31.17 ? 86  CYS A CB  1 
ATOM   129 S SG  . CYS A 1 18  ? -8.770  6.065   -6.208  1.00 38.54 ? 86  CYS A SG  1 
ATOM   130 N N   . PHE A 1 19  ? -6.833  2.929   -3.030  1.00 27.86 ? 87  PHE A N   1 
ATOM   131 C CA  . PHE A 1 19  ? -6.018  1.845   -2.577  1.00 29.06 ? 87  PHE A CA  1 
ATOM   132 C C   . PHE A 1 19  ? -6.613  0.554   -3.058  1.00 26.04 ? 87  PHE A C   1 
ATOM   133 O O   . PHE A 1 19  ? -7.864  0.395   -3.093  1.00 31.73 ? 87  PHE A O   1 
ATOM   134 C CB  . PHE A 1 19  ? -6.023  1.861   -1.048  1.00 28.68 ? 87  PHE A CB  1 
ATOM   135 C CG  . PHE A 1 19  ? -5.421  3.078   -0.483  1.00 26.81 ? 87  PHE A CG  1 
ATOM   136 C CD1 . PHE A 1 19  ? -4.069  3.195   -0.402  1.00 25.64 ? 87  PHE A CD1 1 
ATOM   137 C CD2 . PHE A 1 19  ? -6.235  4.144   -0.094  1.00 28.91 ? 87  PHE A CD2 1 
ATOM   138 C CE1 . PHE A 1 19  ? -3.495  4.348   0.103   1.00 29.83 ? 87  PHE A CE1 1 
ATOM   139 C CE2 . PHE A 1 19  ? -5.673  5.303   0.375   1.00 32.76 ? 87  PHE A CE2 1 
ATOM   140 C CZ  . PHE A 1 19  ? -4.285  5.396   0.487   1.00 30.60 ? 87  PHE A CZ  1 
ATOM   141 N N   . TYR A 1 20  ? -5.730  -0.345  -3.436  1.00 27.35 ? 88  TYR A N   1 
ATOM   142 C CA  . TYR A 1 20  ? -6.074  -1.689  -3.840  1.00 29.14 ? 88  TYR A CA  1 
ATOM   143 C C   . TYR A 1 20  ? -5.515  -2.660  -2.800  1.00 26.98 ? 88  TYR A C   1 
ATOM   144 O O   . TYR A 1 20  ? -4.299  -2.729  -2.603  1.00 27.32 ? 88  TYR A O   1 
ATOM   145 C CB  . TYR A 1 20  ? -5.416  -2.010  -5.169  1.00 29.54 ? 88  TYR A CB  1 
ATOM   146 C CG  . TYR A 1 20  ? -5.742  -3.401  -5.640  1.00 33.64 ? 88  TYR A CG  1 
ATOM   147 C CD1 . TYR A 1 20  ? -6.998  -3.696  -6.177  1.00 40.20 ? 88  TYR A CD1 1 
ATOM   148 C CD2 . TYR A 1 20  ? -4.835  -4.417  -5.529  1.00 33.75 ? 88  TYR A CD2 1 
ATOM   149 C CE1 . TYR A 1 20  ? -7.331  -4.990  -6.590  1.00 41.77 ? 88  TYR A CE1 1 
ATOM   150 C CE2 . TYR A 1 20  ? -5.163  -5.708  -5.917  1.00 36.35 ? 88  TYR A CE2 1 
ATOM   151 C CZ  . TYR A 1 20  ? -6.390  -5.979  -6.486  1.00 41.39 ? 88  TYR A CZ  1 
ATOM   152 O OH  . TYR A 1 20  ? -6.668  -7.275  -6.870  1.00 42.73 ? 88  TYR A OH  1 
ATOM   153 N N   . PHE A 1 21  ? -6.387  -3.428  -2.157  1.00 27.75 ? 89  PHE A N   1 
ATOM   154 C CA  . PHE A 1 21  ? -5.944  -4.477  -1.211  1.00 26.73 ? 89  PHE A CA  1 
ATOM   155 C C   . PHE A 1 21  ? -5.972  -5.846  -1.904  1.00 27.71 ? 89  PHE A C   1 
ATOM   156 O O   . PHE A 1 21  ? -7.003  -6.262  -2.386  1.00 32.71 ? 89  PHE A O   1 
ATOM   157 C CB  . PHE A 1 21  ? -6.890  -4.482  -0.020  1.00 29.36 ? 89  PHE A CB  1 
ATOM   158 C CG  . PHE A 1 21  ? -6.757  -3.282  0.833   1.00 29.35 ? 89  PHE A CG  1 
ATOM   159 C CD1 . PHE A 1 21  ? -7.261  -2.058  0.420   1.00 30.73 ? 89  PHE A CD1 1 
ATOM   160 C CD2 . PHE A 1 21  ? -6.134  -3.365  2.082   1.00 30.26 ? 89  PHE A CD2 1 
ATOM   161 C CE1 . PHE A 1 21  ? -7.146  -0.954  1.217   1.00 35.57 ? 89  PHE A CE1 1 
ATOM   162 C CE2 . PHE A 1 21  ? -6.000  -2.229  2.860   1.00 29.86 ? 89  PHE A CE2 1 
ATOM   163 C CZ  . PHE A 1 21  ? -6.481  -1.037  2.425   1.00 30.61 ? 89  PHE A CZ  1 
ATOM   164 N N   . SER A 1 22  ? -4.835  -6.501  -2.011  1.00 27.60 ? 90  SER A N   1 
ATOM   165 C CA  . SER A 1 22  ? -4.732  -7.695  -2.814  1.00 33.55 ? 90  SER A CA  1 
ATOM   166 C C   . SER A 1 22  ? -5.513  -8.927  -2.272  1.00 34.93 ? 90  SER A C   1 
ATOM   167 O O   . SER A 1 22  ? -5.829  -9.046  -1.076  1.00 32.14 ? 90  SER A O   1 
ATOM   168 C CB  . SER A 1 22  ? -3.256  -8.062  -3.002  1.00 31.28 ? 90  SER A CB  1 
ATOM   169 O OG  . SER A 1 22  ? -2.721  -8.717  -1.845  1.00 29.94 ? 90  SER A OG  1 
ATOM   170 N N   . ASP A 1 23  ? -5.775  -9.861  -3.175  1.00 37.63 ? 91  ASP A N   1 
ATOM   171 C CA  . ASP A 1 23  ? -6.341  -11.182 -2.805  1.00 41.93 ? 91  ASP A CA  1 
ATOM   172 C C   . ASP A 1 23  ? -5.245  -12.180 -2.445  1.00 45.72 ? 91  ASP A C   1 
ATOM   173 O O   . ASP A 1 23  ? -5.357  -12.929 -1.474  1.00 48.84 ? 91  ASP A O   1 
ATOM   174 C CB  . ASP A 1 23  ? -7.127  -11.741 -3.987  1.00 45.60 ? 91  ASP A CB  1 
ATOM   175 C CG  . ASP A 1 23  ? -8.374  -10.961 -4.280  1.00 50.73 ? 91  ASP A CG  1 
ATOM   176 O OD1 . ASP A 1 23  ? -9.082  -10.590 -3.340  1.00 49.52 ? 91  ASP A OD1 1 
ATOM   177 O OD2 . ASP A 1 23  ? -8.655  -10.718 -5.467  1.00 60.50 ? 91  ASP A OD2 1 
ATOM   178 N N   . ASP A 1 24  ? -4.184  -12.172 -3.247  1.00 42.79 ? 92  ASP A N   1 
ATOM   179 C CA  . ASP A 1 24  ? -3.078  -13.106 -3.132  1.00 45.61 ? 92  ASP A CA  1 
ATOM   180 C C   . ASP A 1 24  ? -1.875  -12.491 -2.401  1.00 44.95 ? 92  ASP A C   1 
ATOM   181 O O   . ASP A 1 24  ? -1.892  -11.289 -2.035  1.00 37.69 ? 92  ASP A O   1 
ATOM   182 C CB  . ASP A 1 24  ? -2.639  -13.485 -4.559  1.00 49.51 ? 92  ASP A CB  1 
ATOM   183 C CG  . ASP A 1 24  ? -3.788  -14.062 -5.397  1.00 55.32 ? 92  ASP A CG  1 
ATOM   184 O OD1 . ASP A 1 24  ? -4.848  -14.442 -4.828  1.00 59.08 ? 92  ASP A OD1 1 
ATOM   185 O OD2 . ASP A 1 24  ? -3.634  -14.124 -6.635  1.00 62.97 ? 92  ASP A OD2 1 
ATOM   186 N N   . THR A 1 25  ? -0.848  -13.324 -2.251  1.00 42.18 ? 93  THR A N   1 
ATOM   187 C CA  . THR A 1 25  ? 0.438   -12.967 -1.687  1.00 42.06 ? 93  THR A CA  1 
ATOM   188 C C   . THR A 1 25  ? 1.530   -12.962 -2.732  1.00 44.92 ? 93  THR A C   1 
ATOM   189 O O   . THR A 1 25  ? 1.529   -13.793 -3.651  1.00 39.19 ? 93  THR A O   1 
ATOM   190 C CB  . THR A 1 25  ? 0.851   -13.928 -0.564  1.00 41.02 ? 93  THR A CB  1 
ATOM   191 O OG1 . THR A 1 25  ? 1.192   -15.229 -1.095  1.00 41.46 ? 93  THR A OG1 1 
ATOM   192 C CG2 . THR A 1 25  ? -0.254  -14.036 0.459   1.00 37.00 ? 93  THR A CG2 1 
ATOM   193 N N   . LYS A 1 26  ? 2.464   -12.027 -2.582  1.00 36.94 ? 94  LYS A N   1 
ATOM   194 C CA  . LYS A 1 26  ? 3.644   -11.930 -3.443  1.00 34.06 ? 94  LYS A CA  1 
ATOM   195 C C   . LYS A 1 26  ? 4.821   -11.512 -2.573  1.00 34.62 ? 94  LYS A C   1 
ATOM   196 O O   . LYS A 1 26  ? 4.648   -10.987 -1.457  1.00 31.98 ? 94  LYS A O   1 
ATOM   197 C CB  . LYS A 1 26  ? 3.429   -10.904 -4.562  1.00 34.82 ? 94  LYS A CB  1 
ATOM   198 C CG  . LYS A 1 26  ? 2.623   -11.411 -5.775  1.00 41.15 ? 94  LYS A CG  1 
ATOM   199 C CD  . LYS A 1 26  ? 2.497   -10.309 -6.800  1.00 41.98 ? 94  LYS A CD  1 
ATOM   200 C CE  . LYS A 1 26  ? 1.384   -10.557 -7.807  1.00 47.03 ? 94  LYS A CE  1 
ATOM   201 N NZ  . LYS A 1 26  ? 1.930   -11.402 -8.896  1.00 50.58 ? 94  LYS A NZ  1 
ATOM   202 N N   . ASN A 1 27  ? 6.028   -11.623 -3.089  1.00 33.33 ? 95  ASN A N   1 
ATOM   203 C CA  . ASN A 1 27  ? 7.131   -10.946 -2.407  1.00 33.65 ? 95  ASN A CA  1 
ATOM   204 C C   . ASN A 1 27  ? 7.061   -9.454  -2.694  1.00 27.04 ? 95  ASN A C   1 
ATOM   205 O O   . ASN A 1 27  ? 6.227   -8.998  -3.476  1.00 31.89 ? 95  ASN A O   1 
ATOM   206 C CB  . ASN A 1 27  ? 8.497   -11.565 -2.724  1.00 32.62 ? 95  ASN A CB  1 
ATOM   207 C CG  . ASN A 1 27  ? 8.861   -11.513 -4.178  1.00 40.11 ? 95  ASN A CG  1 
ATOM   208 O OD1 . ASN A 1 27  ? 8.520   -10.584 -4.880  1.00 38.03 ? 95  ASN A OD1 1 
ATOM   209 N ND2 . ASN A 1 27  ? 9.610   -12.533 -4.639  1.00 53.45 ? 95  ASN A ND2 1 
ATOM   210 N N   . TRP A 1 28  ? 7.906   -8.676  -2.022  1.00 32.35 ? 96  TRP A N   1 
ATOM   211 C CA  . TRP A 1 28  ? 7.799   -7.220  -2.112  1.00 30.60 ? 96  TRP A CA  1 
ATOM   212 C C   . TRP A 1 28  ? 8.055   -6.711  -3.543  1.00 31.46 ? 96  TRP A C   1 
ATOM   213 O O   . TRP A 1 28  ? 7.283   -5.898  -4.067  1.00 29.80 ? 96  TRP A O   1 
ATOM   214 C CB  . TRP A 1 28  ? 8.718   -6.566  -1.075  1.00 28.13 ? 96  TRP A CB  1 
ATOM   215 C CG  . TRP A 1 28  ? 8.504   -5.077  -0.886  1.00 30.59 ? 96  TRP A CG  1 
ATOM   216 C CD1 . TRP A 1 28  ? 7.710   -4.486  0.041   1.00 27.95 ? 96  TRP A CD1 1 
ATOM   217 C CD2 . TRP A 1 28  ? 9.135   -4.016  -1.595  1.00 29.94 ? 96  TRP A CD2 1 
ATOM   218 N NE1 . TRP A 1 28  ? 7.795   -3.129  -0.057  1.00 28.73 ? 96  TRP A NE1 1 
ATOM   219 C CE2 . TRP A 1 28  ? 8.668   -2.815  -1.048  1.00 29.50 ? 96  TRP A CE2 1 
ATOM   220 C CE3 . TRP A 1 28  ? 10.075  -3.966  -2.619  1.00 34.93 ? 96  TRP A CE3 1 
ATOM   221 C CZ2 . TRP A 1 28  ? 9.096   -1.565  -1.493  1.00 34.51 ? 96  TRP A CZ2 1 
ATOM   222 C CZ3 . TRP A 1 28  ? 10.473  -2.749  -3.089  1.00 37.75 ? 96  TRP A CZ3 1 
ATOM   223 C CH2 . TRP A 1 28  ? 10.002  -1.559  -2.523  1.00 36.94 ? 96  TRP A CH2 1 
ATOM   224 N N   . THR A 1 29  ? 9.081   -7.233  -4.232  1.00 31.29 ? 97  THR A N   1 
ATOM   225 C CA  . THR A 1 29  ? 9.371   -6.731  -5.579  1.00 35.34 ? 97  THR A CA  1 
ATOM   226 C C   . THR A 1 29  ? 8.302   -7.129  -6.563  1.00 36.15 ? 97  THR A C   1 
ATOM   227 O O   . THR A 1 29  ? 7.919   -6.322  -7.381  1.00 37.16 ? 97  THR A O   1 
ATOM   228 C CB  . THR A 1 29  ? 10.777  -7.170  -6.109  1.00 36.66 ? 97  THR A CB  1 
ATOM   229 O OG1 . THR A 1 29  ? 10.897  -8.588  -6.061  1.00 42.83 ? 97  THR A OG1 1 
ATOM   230 C CG2 . THR A 1 29  ? 11.811  -6.577  -5.286  1.00 40.51 ? 97  THR A CG2 1 
ATOM   231 N N   . SER A 1 30  ? 7.759   -8.341  -6.441  1.00 38.28 ? 98  SER A N   1 
ATOM   232 C CA  . SER A 1 30  ? 6.685   -8.727  -7.330  1.00 40.56 ? 98  SER A CA  1 
ATOM   233 C C   . SER A 1 30  ? 5.379   -8.020  -6.992  1.00 36.33 ? 98  SER A C   1 
ATOM   234 O O   . SER A 1 30  ? 4.607   -7.735  -7.880  1.00 35.92 ? 98  SER A O   1 
ATOM   235 C CB  . SER A 1 30  ? 6.515   -10.256 -7.463  1.00 46.84 ? 98  SER A CB  1 
ATOM   236 O OG  . SER A 1 30  ? 6.629   -10.925 -6.231  1.00 61.58 ? 98  SER A OG  1 
ATOM   237 N N   . SER A 1 31  ? 5.141   -7.638  -5.738  1.00 35.25 ? 99  SER A N   1 
ATOM   238 C CA  . SER A 1 31  ? 3.986   -6.728  -5.466  1.00 28.52 ? 99  SER A CA  1 
ATOM   239 C C   . SER A 1 31  ? 4.190   -5.398  -6.139  1.00 27.89 ? 99  SER A C   1 
ATOM   240 O O   . SER A 1 31  ? 3.254   -4.826  -6.679  1.00 29.99 ? 99  SER A O   1 
ATOM   241 C CB  . SER A 1 31  ? 3.810   -6.525  -3.961  1.00 26.15 ? 99  SER A CB  1 
ATOM   242 O OG  . SER A 1 31  ? 3.847   -7.807  -3.286  1.00 27.03 ? 99  SER A OG  1 
ATOM   243 N N   . GLN A 1 32  ? 5.401   -4.846  -6.076  1.00 32.63 ? 100 GLN A N   1 
ATOM   244 C CA  . GLN A 1 32  ? 5.643   -3.540  -6.697  1.00 35.75 ? 100 GLN A CA  1 
ATOM   245 C C   . GLN A 1 32  ? 5.426   -3.634  -8.213  1.00 38.39 ? 100 GLN A C   1 
ATOM   246 O O   . GLN A 1 32  ? 4.856   -2.742  -8.772  1.00 35.82 ? 100 GLN A O   1 
ATOM   247 C CB  . GLN A 1 32  ? 7.040   -3.001  -6.372  1.00 38.13 ? 100 GLN A CB  1 
ATOM   248 C CG  . GLN A 1 32  ? 7.459   -1.683  -7.071  1.00 39.26 ? 100 GLN A CG  1 
ATOM   249 C CD  . GLN A 1 32  ? 6.507   -0.491  -6.921  1.00 43.73 ? 100 GLN A CD  1 
ATOM   250 O OE1 . GLN A 1 32  ? 5.692   -0.403  -5.999  1.00 41.10 ? 100 GLN A OE1 1 
ATOM   251 N NE2 . GLN A 1 32  ? 6.640   0.481   -7.843  1.00 46.35 ? 100 GLN A NE2 1 
ATOM   252 N N   . ARG A 1 33  ? 5.931   -4.694  -8.835  1.00 43.29 ? 101 ARG A N   1 
ATOM   253 C CA  . ARG A 1 33  ? 5.678   -4.955  -10.261 1.00 48.05 ? 101 ARG A CA  1 
ATOM   254 C C   . ARG A 1 33  ? 4.174   -4.960  -10.531 1.00 43.83 ? 101 ARG A C   1 
ATOM   255 O O   . ARG A 1 33  ? 3.690   -4.255  -11.405 1.00 45.48 ? 101 ARG A O   1 
ATOM   256 C CB  . ARG A 1 33  ? 6.261   -6.287  -10.693 1.00 48.21 ? 101 ARG A CB  1 
ATOM   257 C CG  . ARG A 1 33  ? 7.610   -6.221  -11.376 1.00 60.23 ? 101 ARG A CG  1 
ATOM   258 C CD  . ARG A 1 33  ? 7.929   -7.545  -12.060 1.00 64.34 ? 101 ARG A CD  1 
ATOM   259 N NE  . ARG A 1 33  ? 8.291   -8.601  -11.106 1.00 68.26 ? 101 ARG A NE  1 
ATOM   260 C CZ  . ARG A 1 33  ? 9.456   -8.674  -10.458 1.00 70.29 ? 101 ARG A CZ  1 
ATOM   261 N NH1 . ARG A 1 33  ? 10.386  -7.744  -10.635 1.00 68.31 ? 101 ARG A NH1 1 
ATOM   262 N NH2 . ARG A 1 33  ? 9.698   -9.676  -9.608  1.00 73.44 ? 101 ARG A NH2 1 
ATOM   263 N N   . PHE A 1 34  ? 3.425   -5.748  -9.774  1.00 41.69 ? 102 PHE A N   1 
ATOM   264 C CA  . PHE A 1 34  ? 1.968   -5.702  -9.911  1.00 38.06 ? 102 PHE A CA  1 
ATOM   265 C C   . PHE A 1 34  ? 1.376   -4.301  -9.821  1.00 40.78 ? 102 PHE A C   1 
ATOM   266 O O   . PHE A 1 34  ? 0.524   -3.929  -10.643 1.00 39.55 ? 102 PHE A O   1 
ATOM   267 C CB  . PHE A 1 34  ? 1.307   -6.605  -8.873  1.00 41.03 ? 102 PHE A CB  1 
ATOM   268 C CG  . PHE A 1 34  ? -0.184  -6.556  -8.919  1.00 43.28 ? 102 PHE A CG  1 
ATOM   269 C CD1 . PHE A 1 34  ? -0.872  -5.490  -8.352  1.00 40.88 ? 102 PHE A CD1 1 
ATOM   270 C CD2 . PHE A 1 34  ? -0.896  -7.529  -9.586  1.00 47.86 ? 102 PHE A CD2 1 
ATOM   271 C CE1 . PHE A 1 34  ? -2.241  -5.440  -8.396  1.00 48.32 ? 102 PHE A CE1 1 
ATOM   272 C CE2 . PHE A 1 34  ? -2.281  -7.474  -9.644  1.00 44.77 ? 102 PHE A CE2 1 
ATOM   273 C CZ  . PHE A 1 34  ? -2.950  -6.448  -9.038  1.00 46.82 ? 102 PHE A CZ  1 
ATOM   274 N N   . CYS A 1 35  ? 1.756   -3.491  -8.811  1.00 37.17 ? 103 CYS A N   1 
ATOM   275 C CA  . CYS A 1 35  ? 1.195   -2.145  -8.731  1.00 33.78 ? 103 CYS A CA  1 
ATOM   276 C C   . CYS A 1 35  ? 1.647   -1.278  -9.921  1.00 40.69 ? 103 CYS A C   1 
ATOM   277 O O   . CYS A 1 35  ? 0.868   -0.434  -10.438 1.00 39.58 ? 103 CYS A O   1 
ATOM   278 C CB  . CYS A 1 35  ? 1.596   -1.421  -7.430  1.00 33.35 ? 103 CYS A CB  1 
ATOM   279 S SG  . CYS A 1 35  ? 1.016   -2.249  -5.908  1.00 34.57 ? 103 CYS A SG  1 
ATOM   280 N N   . ASP A 1 36  ? 2.913   -1.436  -10.323 1.00 40.32 ? 104 ASP A N   1 
ATOM   281 C CA  . ASP A 1 36  ? 3.437   -0.674  -11.490 1.00 46.61 ? 104 ASP A CA  1 
ATOM   282 C C   . ASP A 1 36  ? 2.559   -0.771  -12.761 1.00 43.03 ? 104 ASP A C   1 
ATOM   283 O O   . ASP A 1 36  ? 2.395   0.198   -13.498 1.00 45.92 ? 104 ASP A O   1 
ATOM   284 C CB  . ASP A 1 36  ? 4.845   -1.159  -11.834 1.00 50.46 ? 104 ASP A CB  1 
ATOM   285 C CG  . ASP A 1 36  ? 5.875   -0.537  -10.985 1.00 57.72 ? 104 ASP A CG  1 
ATOM   286 O OD1 . ASP A 1 36  ? 5.583   0.548   -10.433 1.00 62.35 ? 104 ASP A OD1 1 
ATOM   287 O OD2 . ASP A 1 36  ? 6.981   -1.127  -10.873 1.00 68.86 ? 104 ASP A OD2 1 
ATOM   288 N N   . SER A 1 37  ? 2.038   -1.946  -13.028 1.00 42.67 ? 105 SER A N   1 
ATOM   289 C CA  . SER A 1 37  ? 0.968   -2.103  -14.053 1.00 51.26 ? 105 SER A CA  1 
ATOM   290 C C   . SER A 1 37  ? -0.229  -1.113  -14.024 1.00 57.43 ? 105 SER A C   1 
ATOM   291 O O   . SER A 1 37  ? -0.805  -0.799  -15.090 1.00 56.44 ? 105 SER A O   1 
ATOM   292 C CB  . SER A 1 37  ? 0.313   -3.423  -13.839 1.00 52.01 ? 105 SER A CB  1 
ATOM   293 O OG  . SER A 1 37  ? -0.589  -3.162  -12.778 1.00 54.83 ? 105 SER A OG  1 
ATOM   294 N N   . GLN A 1 38  ? -0.673  -0.699  -12.822 1.00 47.14 ? 106 GLN A N   1 
ATOM   295 C CA  . GLN A 1 38  ? -1.849  0.163   -12.635 1.00 38.66 ? 106 GLN A CA  1 
ATOM   296 C C   . GLN A 1 38  ? -1.375  1.594   -12.648 1.00 53.15 ? 106 GLN A C   1 
ATOM   297 O O   . GLN A 1 38  ? -2.076  2.526   -12.190 1.00 57.05 ? 106 GLN A O   1 
ATOM   298 C CB  . GLN A 1 38  ? -2.516  -0.104  -11.310 1.00 46.62 ? 106 GLN A CB  1 
ATOM   299 C CG  . GLN A 1 38  ? -2.958  -1.559  -11.112 1.00 45.93 ? 106 GLN A CG  1 
ATOM   300 C CD  . GLN A 1 38  ? -4.185  -1.803  -11.964 1.00 56.85 ? 106 GLN A CD  1 
ATOM   301 O OE1 . GLN A 1 38  ? -4.870  -0.824  -12.361 1.00 38.12 ? 106 GLN A OE1 1 
ATOM   302 N NE2 . GLN A 1 38  ? -4.467  -3.086  -12.274 1.00 53.01 ? 106 GLN A NE2 1 
ATOM   303 N N   . ASP A 1 39  ? -0.182  1.782   -13.187 1.00 47.92 ? 107 ASP A N   1 
ATOM   304 C CA  . ASP A 1 39  ? 0.505   3.066   -13.054 1.00 56.33 ? 107 ASP A CA  1 
ATOM   305 C C   . ASP A 1 39  ? 0.277   3.530   -11.630 1.00 49.98 ? 107 ASP A C   1 
ATOM   306 O O   . ASP A 1 39  ? 0.009   4.708   -11.374 1.00 49.59 ? 107 ASP A O   1 
ATOM   307 C CB  . ASP A 1 39  ? 0.070   4.100   -14.140 1.00 57.32 ? 107 ASP A CB  1 
ATOM   308 C CG  . ASP A 1 39  ? -1.287  3.794   -14.738 1.00 65.54 ? 107 ASP A CG  1 
ATOM   309 O OD1 . ASP A 1 39  ? -1.537  2.592   -15.033 1.00 73.14 ? 107 ASP A OD1 1 
ATOM   310 O OD2 . ASP A 1 39  ? -2.111  4.734   -14.933 1.00 60.33 ? 107 ASP A OD2 1 
ATOM   311 N N   . ALA A 1 40  ? 0.443   2.579   -10.697 1.00 48.24 ? 108 ALA A N   1 
ATOM   312 C CA  . ALA A 1 40  ? 0.389   2.869   -9.272  1.00 40.18 ? 108 ALA A CA  1 
ATOM   313 C C   . ALA A 1 40  ? 1.678   2.350   -8.606  1.00 37.77 ? 108 ALA A C   1 
ATOM   314 O O   . ALA A 1 40  ? 2.639   1.902   -9.278  1.00 39.21 ? 108 ALA A O   1 
ATOM   315 C CB  . ALA A 1 40  ? -0.837  2.188   -8.647  1.00 41.78 ? 108 ALA A CB  1 
ATOM   316 N N   . ASP A 1 41  ? 1.677   2.385   -7.281  1.00 35.99 ? 109 ASP A N   1 
ATOM   317 C CA  . ASP A 1 41  ? 2.846   2.020   -6.469  1.00 38.04 ? 109 ASP A CA  1 
ATOM   318 C C   . ASP A 1 41  ? 2.373   1.234   -5.255  1.00 29.77 ? 109 ASP A C   1 
ATOM   319 O O   . ASP A 1 41  ? 1.225   1.409   -4.810  1.00 27.73 ? 109 ASP A O   1 
ATOM   320 C CB  . ASP A 1 41  ? 3.501   3.287   -5.926  1.00 40.66 ? 109 ASP A CB  1 
ATOM   321 C CG  . ASP A 1 41  ? 4.313   4.018   -6.965  1.00 52.42 ? 109 ASP A CG  1 
ATOM   322 O OD1 . ASP A 1 41  ? 5.151   3.389   -7.668  1.00 54.52 ? 109 ASP A OD1 1 
ATOM   323 O OD2 . ASP A 1 41  ? 4.083   5.235   -7.074  1.00 52.88 ? 109 ASP A OD2 1 
ATOM   324 N N   . LEU A 1 42  ? 3.270   0.433   -4.693  1.00 30.20 ? 110 LEU A N   1 
ATOM   325 C CA  . LEU A 1 42  ? 3.013   -0.134  -3.334  1.00 28.75 ? 110 LEU A CA  1 
ATOM   326 C C   . LEU A 1 42  ? 2.759   1.067   -2.488  1.00 27.05 ? 110 LEU A C   1 
ATOM   327 O O   . LEU A 1 42  ? 3.405   2.114   -2.694  1.00 30.47 ? 110 LEU A O   1 
ATOM   328 C CB  . LEU A 1 42  ? 4.230   -0.888  -2.822  1.00 27.97 ? 110 LEU A CB  1 
ATOM   329 C CG  . LEU A 1 42  ? 4.322   -2.364  -3.103  1.00 29.65 ? 110 LEU A CG  1 
ATOM   330 C CD1 . LEU A 1 42  ? 5.666   -2.880  -2.623  1.00 29.28 ? 110 LEU A CD1 1 
ATOM   331 C CD2 . LEU A 1 42  ? 3.177   -3.087  -2.459  1.00 29.06 ? 110 LEU A CD2 1 
ATOM   332 N N   . ALA A 1 43  ? 1.785   0.965   -1.587  1.00 29.50 ? 111 ALA A N   1 
ATOM   333 C CA  . ALA A 1 43  ? 1.221   2.106   -0.898  1.00 31.29 ? 111 ALA A CA  1 
ATOM   334 C C   . ALA A 1 43  ? 2.237   3.089   -0.295  1.00 31.20 ? 111 ALA A C   1 
ATOM   335 O O   . ALA A 1 43  ? 3.116   2.723   0.505   1.00 27.52 ? 111 ALA A O   1 
ATOM   336 C CB  . ALA A 1 43  ? 0.254   1.618   0.198   1.00 34.61 ? 111 ALA A CB  1 
ATOM   337 N N   . GLN A 1 44  ? 2.078   4.355   -0.661  1.00 34.18 ? 112 GLN A N   1 
ATOM   338 C CA  . GLN A 1 44  ? 2.876   5.443   -0.154  1.00 33.17 ? 112 GLN A CA  1 
ATOM   339 C C   . GLN A 1 44  ? 1.982   6.132   0.840   1.00 35.03 ? 112 GLN A C   1 
ATOM   340 O O   . GLN A 1 44  ? 1.002   6.777   0.446   1.00 44.73 ? 112 GLN A O   1 
ATOM   341 C CB  . GLN A 1 44  ? 3.127   6.442   -1.277  1.00 39.74 ? 112 GLN A CB  1 
ATOM   342 C CG  . GLN A 1 44  ? 3.864   5.885   -2.470  1.00 43.11 ? 112 GLN A CG  1 
ATOM   343 C CD  . GLN A 1 44  ? 5.243   5.412   -2.098  1.00 48.05 ? 112 GLN A CD  1 
ATOM   344 O OE1 . GLN A 1 44  ? 6.136   6.217   -1.873  1.00 53.65 ? 112 GLN A OE1 1 
ATOM   345 N NE2 . GLN A 1 44  ? 5.428   4.081   -2.028  1.00 51.26 ? 112 GLN A NE2 1 
ATOM   346 N N   . VAL A 1 45  ? 2.302   6.021   2.113   1.00 27.51 ? 113 VAL A N   1 
ATOM   347 C CA  . VAL A 1 45  ? 1.454   6.535   3.134   1.00 28.80 ? 113 VAL A CA  1 
ATOM   348 C C   . VAL A 1 45  ? 1.909   7.980   3.384   1.00 34.32 ? 113 VAL A C   1 
ATOM   349 O O   . VAL A 1 45  ? 3.004   8.213   3.906   1.00 33.53 ? 113 VAL A O   1 
ATOM   350 C CB  . VAL A 1 45  ? 1.585   5.672   4.402   1.00 34.30 ? 113 VAL A CB  1 
ATOM   351 C CG1 . VAL A 1 45  ? 0.457   6.024   5.353   1.00 37.72 ? 113 VAL A CG1 1 
ATOM   352 C CG2 . VAL A 1 45  ? 1.466   4.194   4.040   1.00 33.10 ? 113 VAL A CG2 1 
ATOM   353 N N   . GLU A 1 46  ? 1.072   8.936   3.004   1.00 32.27 ? 114 GLU A N   1 
ATOM   354 C CA  . GLU A 1 46  ? 1.457   10.345  3.087   1.00 33.85 ? 114 GLU A CA  1 
ATOM   355 C C   . GLU A 1 46  ? 1.161   10.996  4.391   1.00 33.99 ? 114 GLU A C   1 
ATOM   356 O O   . GLU A 1 46  ? 1.767   12.033  4.692   1.00 36.96 ? 114 GLU A O   1 
ATOM   357 C CB  . GLU A 1 46  ? 0.782   11.145  1.956   1.00 35.86 ? 114 GLU A CB  1 
ATOM   358 C CG  . GLU A 1 46  ? 1.146   10.579  0.609   1.00 41.97 ? 114 GLU A CG  1 
ATOM   359 C CD  . GLU A 1 46  ? 0.626   11.415  -0.553  1.00 51.97 ? 114 GLU A CD  1 
ATOM   360 O OE1 . GLU A 1 46  ? -0.309  12.231  -0.372  1.00 56.37 ? 114 GLU A OE1 1 
ATOM   361 O OE2 . GLU A 1 46  ? 1.173   11.237  -1.658  1.00 59.62 ? 114 GLU A OE2 1 
ATOM   362 N N   . SER A 1 47  ? 0.204   10.438  5.138   1.00 32.39 ? 115 SER A N   1 
ATOM   363 C CA  . SER A 1 47  ? -0.245  10.998  6.379   1.00 29.19 ? 115 SER A CA  1 
ATOM   364 C C   . SER A 1 47  ? -0.583  9.923   7.420   1.00 30.71 ? 115 SER A C   1 
ATOM   365 O O   . SER A 1 47  ? -0.739  8.740   7.119   1.00 30.14 ? 115 SER A O   1 
ATOM   366 C CB  . SER A 1 47  ? -1.452  11.889  6.172   1.00 31.09 ? 115 SER A CB  1 
ATOM   367 O OG  . SER A 1 47  ? -2.623  11.110  5.917   1.00 31.37 ? 115 SER A OG  1 
ATOM   368 N N   . PHE A 1 48  ? -0.682  10.347  8.660   1.00 30.50 ? 116 PHE A N   1 
ATOM   369 C CA  . PHE A 1 48  ? -1.068  9.466   9.739   1.00 33.02 ? 116 PHE A CA  1 
ATOM   370 C C   . PHE A 1 48  ? -2.489  9.039   9.594   1.00 31.92 ? 116 PHE A C   1 
ATOM   371 O O   . PHE A 1 48  ? -2.818  7.907   9.891   1.00 31.14 ? 116 PHE A O   1 
ATOM   372 C CB  . PHE A 1 48  ? -0.811  10.123  11.101  1.00 30.31 ? 116 PHE A CB  1 
ATOM   373 C CG  . PHE A 1 48  ? 0.622   10.229  11.435  1.00 28.70 ? 116 PHE A CG  1 
ATOM   374 C CD1 . PHE A 1 48  ? 1.333   9.126   11.893  1.00 29.05 ? 116 PHE A CD1 1 
ATOM   375 C CD2 . PHE A 1 48  ? 1.325   11.411  11.207  1.00 31.90 ? 116 PHE A CD2 1 
ATOM   376 C CE1 . PHE A 1 48  ? 2.669   9.210   12.178  1.00 27.18 ? 116 PHE A CE1 1 
ATOM   377 C CE2 . PHE A 1 48  ? 2.657   11.502  11.500  1.00 25.95 ? 116 PHE A CE2 1 
ATOM   378 C CZ  . PHE A 1 48  ? 3.333   10.413  12.004  1.00 30.97 ? 116 PHE A CZ  1 
ATOM   379 N N   . GLN A 1 49  ? -3.348  9.918   9.101   1.00 30.70 ? 117 GLN A N   1 
ATOM   380 C CA  . GLN A 1 49  ? -4.719  9.582   8.921   1.00 33.52 ? 117 GLN A CA  1 
ATOM   381 C C   . GLN A 1 49  ? -4.868  8.442   7.882   1.00 30.20 ? 117 GLN A C   1 
ATOM   382 O O   . GLN A 1 49  ? -5.704  7.528   8.057   1.00 29.98 ? 117 GLN A O   1 
ATOM   383 C CB  . GLN A 1 49  ? -5.461  10.811  8.411   1.00 42.86 ? 117 GLN A CB  1 
ATOM   384 C CG  . GLN A 1 49  ? -6.797  11.073  9.013   1.00 50.16 ? 117 GLN A CG  1 
ATOM   385 C CD  . GLN A 1 49  ? -7.458  12.282  8.340   1.00 57.71 ? 117 GLN A CD  1 
ATOM   386 O OE1 . GLN A 1 49  ? -6.835  13.015  7.544   1.00 60.72 ? 117 GLN A OE1 1 
ATOM   387 N NE2 . GLN A 1 49  ? -8.717  12.487  8.646   1.00 58.78 ? 117 GLN A NE2 1 
ATOM   388 N N   . GLU A 1 50  ? -4.086  8.531   6.804   1.00 31.39 ? 118 GLU A N   1 
ATOM   389 C CA  . GLU A 1 50  ? -4.033  7.489   5.799   1.00 30.46 ? 118 GLU A CA  1 
ATOM   390 C C   . GLU A 1 50  ? -3.521  6.172   6.417   1.00 31.21 ? 118 GLU A C   1 
ATOM   391 O O   . GLU A 1 50  ? -4.000  5.103   6.060   1.00 25.65 ? 118 GLU A O   1 
ATOM   392 C CB  . GLU A 1 50  ? -3.079  7.868   4.686   1.00 36.03 ? 118 GLU A CB  1 
ATOM   393 C CG  . GLU A 1 50  ? -3.642  7.960   3.316   1.00 47.69 ? 118 GLU A CG  1 
ATOM   394 C CD  . GLU A 1 50  ? -2.730  8.726   2.356   1.00 51.23 ? 118 GLU A CD  1 
ATOM   395 O OE1 . GLU A 1 50  ? -1.599  8.272   2.164   1.00 41.65 ? 118 GLU A OE1 1 
ATOM   396 O OE2 . GLU A 1 50  ? -3.161  9.761   1.765   1.00 60.65 ? 118 GLU A OE2 1 
ATOM   397 N N   . LEU A 1 51  ? -2.471  6.230   7.214   1.00 29.37 ? 119 LEU A N   1 
ATOM   398 C CA  . LEU A 1 51  ? -1.998  4.999   7.894   1.00 28.01 ? 119 LEU A CA  1 
ATOM   399 C C   . LEU A 1 51  ? -3.123  4.396   8.707   1.00 29.21 ? 119 LEU A C   1 
ATOM   400 O O   . LEU A 1 51  ? -3.390  3.188   8.626   1.00 27.10 ? 119 LEU A O   1 
ATOM   401 C CB  . LEU A 1 51  ? -0.804  5.283   8.807   1.00 32.23 ? 119 LEU A CB  1 
ATOM   402 C CG  . LEU A 1 51  ? -0.233  4.160   9.673   1.00 32.65 ? 119 LEU A CG  1 
ATOM   403 C CD1 . LEU A 1 51  ? 0.339   3.074   8.774   1.00 34.22 ? 119 LEU A CD1 1 
ATOM   404 C CD2 . LEU A 1 51  ? 0.835   4.692   10.629  1.00 38.31 ? 119 LEU A CD2 1 
ATOM   405 N N   . ASN A 1 52  ? -3.777  5.198   9.530   1.00 27.03 ? 120 ASN A N   1 
ATOM   406 C CA  . ASN A 1 52  ? -4.880  4.693   10.324  1.00 29.32 ? 120 ASN A CA  1 
ATOM   407 C C   . ASN A 1 52  ? -5.989  4.050   9.513   1.00 31.36 ? 120 ASN A C   1 
ATOM   408 O O   . ASN A 1 52  ? -6.561  3.046   9.943   1.00 28.86 ? 120 ASN A O   1 
ATOM   409 C CB  . ASN A 1 52  ? -5.471  5.779   11.190  1.00 31.08 ? 120 ASN A CB  1 
ATOM   410 C CG  . ASN A 1 52  ? -4.549  6.197   12.322  1.00 39.35 ? 120 ASN A CG  1 
ATOM   411 O OD1 . ASN A 1 52  ? -3.624  5.475   12.705  1.00 42.38 ? 120 ASN A OD1 1 
ATOM   412 N ND2 . ASN A 1 52  ? -4.785  7.372   12.842  1.00 49.26 ? 120 ASN A ND2 1 
ATOM   413 N N   . PHE A 1 53  ? -6.347  4.698   8.399   1.00 31.00 ? 121 PHE A N   1 
ATOM   414 C CA  . PHE A 1 53  ? -7.272  4.128   7.450   1.00 30.28 ? 121 PHE A CA  1 
ATOM   415 C C   . PHE A 1 53  ? -6.847  2.736   6.963   1.00 25.81 ? 121 PHE A C   1 
ATOM   416 O O   . PHE A 1 53  ? -7.652  1.824   6.977   1.00 30.39 ? 121 PHE A O   1 
ATOM   417 C CB  . PHE A 1 53  ? -7.492  5.056   6.239   1.00 29.15 ? 121 PHE A CB  1 
ATOM   418 C CG  . PHE A 1 53  ? -8.278  4.412   5.151   1.00 28.43 ? 121 PHE A CG  1 
ATOM   419 C CD1 . PHE A 1 53  ? -9.646  4.373   5.228   1.00 33.99 ? 121 PHE A CD1 1 
ATOM   420 C CD2 . PHE A 1 53  ? -7.640  3.825   4.085   1.00 33.86 ? 121 PHE A CD2 1 
ATOM   421 C CE1 . PHE A 1 53  ? -10.383 3.750   4.223   1.00 38.31 ? 121 PHE A CE1 1 
ATOM   422 C CE2 . PHE A 1 53  ? -8.360  3.192   3.084   1.00 34.42 ? 121 PHE A CE2 1 
ATOM   423 C CZ  . PHE A 1 53  ? -9.720  3.134   3.178   1.00 34.88 ? 121 PHE A CZ  1 
ATOM   424 N N   . LEU A 1 54  ? -5.606  2.567   6.520   1.00 27.82 ? 122 LEU A N   1 
ATOM   425 C CA  . LEU A 1 54  ? -5.170  1.272   6.022   1.00 27.76 ? 122 LEU A CA  1 
ATOM   426 C C   . LEU A 1 54  ? -5.164  0.215   7.098   1.00 29.36 ? 122 LEU A C   1 
ATOM   427 O O   . LEU A 1 54  ? -5.536  -0.982  6.841   1.00 28.40 ? 122 LEU A O   1 
ATOM   428 C CB  . LEU A 1 54  ? -3.769  1.398   5.445   1.00 26.94 ? 122 LEU A CB  1 
ATOM   429 C CG  . LEU A 1 54  ? -3.619  2.334   4.270   1.00 27.67 ? 122 LEU A CG  1 
ATOM   430 C CD1 . LEU A 1 54  ? -2.186  2.415   3.853   1.00 25.73 ? 122 LEU A CD1 1 
ATOM   431 C CD2 . LEU A 1 54  ? -4.520  1.917   3.111   1.00 31.68 ? 122 LEU A CD2 1 
ATOM   432 N N   . LEU A 1 55  ? -4.754  0.616   8.305   1.00 28.12 ? 123 LEU A N   1 
ATOM   433 C CA  . LEU A 1 55  ? -4.815  -0.295  9.470   1.00 29.28 ? 123 LEU A CA  1 
ATOM   434 C C   . LEU A 1 55  ? -6.232  -0.754  9.789   1.00 34.68 ? 123 LEU A C   1 
ATOM   435 O O   . LEU A 1 55  ? -6.428  -1.897  10.185  1.00 37.76 ? 123 LEU A O   1 
ATOM   436 C CB  . LEU A 1 55  ? -4.180  0.334   10.734  1.00 27.27 ? 123 LEU A CB  1 
ATOM   437 C CG  . LEU A 1 55  ? -2.677  0.540   10.634  1.00 27.22 ? 123 LEU A CG  1 
ATOM   438 C CD1 . LEU A 1 55  ? -2.200  1.303   11.852  1.00 34.30 ? 123 LEU A CD1 1 
ATOM   439 C CD2 . LEU A 1 55  ? -1.909  -0.758  10.448  1.00 30.83 ? 123 LEU A CD2 1 
ATOM   440 N N   . ARG A 1 56  ? -7.214  0.115   9.621   1.00 33.78 ? 124 ARG A N   1 
ATOM   441 C CA  . ARG A 1 56  ? -8.600  -0.218  9.942   1.00 38.23 ? 124 ARG A CA  1 
ATOM   442 C C   . ARG A 1 56  ? -9.263  -1.068  8.858   1.00 41.58 ? 124 ARG A C   1 
ATOM   443 O O   . ARG A 1 56  ? -10.129 -1.918  9.134   1.00 35.20 ? 124 ARG A O   1 
ATOM   444 C CB  . ARG A 1 56  ? -9.430  1.052   10.130  1.00 49.10 ? 124 ARG A CB  1 
ATOM   445 C CG  . ARG A 1 56  ? -10.916 0.822   10.385  1.00 60.47 ? 124 ARG A CG  1 
ATOM   446 C CD  . ARG A 1 56  ? -11.160 0.149   11.736  1.00 70.23 ? 124 ARG A CD  1 
ATOM   447 N NE  . ARG A 1 56  ? -11.114 1.104   12.851  1.00 76.41 ? 124 ARG A NE  1 
ATOM   448 C CZ  . ARG A 1 56  ? -11.386 0.802   14.119  1.00 79.40 ? 124 ARG A CZ  1 
ATOM   449 N NH1 . ARG A 1 56  ? -11.323 1.748   15.048  1.00 85.65 ? 124 ARG A NH1 1 
ATOM   450 N NH2 . ARG A 1 56  ? -11.723 -0.435  14.469  1.00 82.72 ? 124 ARG A NH2 1 
ATOM   451 N N   . TYR A 1 57  ? -8.876  -0.822  7.618   1.00 36.82 ? 125 TYR A N   1 
ATOM   452 C CA  . TYR A 1 57  ? -9.523  -1.462  6.527   1.00 37.02 ? 125 TYR A CA  1 
ATOM   453 C C   . TYR A 1 57  ? -8.908  -2.797  6.186   1.00 39.23 ? 125 TYR A C   1 
ATOM   454 O O   . TYR A 1 57  ? -9.623  -3.642  5.703   1.00 43.72 ? 125 TYR A O   1 
ATOM   455 C CB  . TYR A 1 57  ? -9.499  -0.558  5.325   1.00 39.38 ? 125 TYR A CB  1 
ATOM   456 C CG  . TYR A 1 57  ? -10.388 -1.019  4.243   1.00 41.32 ? 125 TYR A CG  1 
ATOM   457 C CD1 . TYR A 1 57  ? -11.753 -0.748  4.260   1.00 47.17 ? 125 TYR A CD1 1 
ATOM   458 C CD2 . TYR A 1 57  ? -9.880  -1.779  3.191   1.00 46.57 ? 125 TYR A CD2 1 
ATOM   459 C CE1 . TYR A 1 57  ? -12.580 -1.202  3.227   1.00 49.49 ? 125 TYR A CE1 1 
ATOM   460 C CE2 . TYR A 1 57  ? -10.699 -2.240  2.170   1.00 51.72 ? 125 TYR A CE2 1 
ATOM   461 C CZ  . TYR A 1 57  ? -12.043 -1.938  2.190   1.00 53.05 ? 125 TYR A CZ  1 
ATOM   462 O OH  . TYR A 1 57  ? -12.844 -2.415  1.165   1.00 69.95 ? 125 TYR A OH  1 
ATOM   463 N N   . LYS A 1 58  ? -7.611  -2.988  6.438   1.00 31.32 ? 126 LYS A N   1 
ATOM   464 C CA  A LYS A 1 58  ? -6.858  -4.116  5.844   0.50 33.53 ? 126 LYS A CA  1 
ATOM   465 C CA  B LYS A 1 58  ? -6.934  -4.152  6.049   0.50 32.14 ? 126 LYS A CA  1 
ATOM   466 C C   A LYS A 1 58  ? -7.156  -5.606  6.067   0.50 32.33 ? 126 LYS A C   1 
ATOM   467 C C   B LYS A 1 58  ? -7.566  -5.198  6.981   0.50 29.94 ? 126 LYS A C   1 
ATOM   468 O O   A LYS A 1 58  ? -6.583  -6.446  5.328   0.50 31.58 ? 126 LYS A O   1 
ATOM   469 O O   B LYS A 1 58  ? -8.190  -4.919  8.047   0.50 28.82 ? 126 LYS A O   1 
ATOM   470 C CB  . LYS A 1 58  ? -5.364  -4.000  6.132   1.00 33.71 ? 126 LYS A CB  1 
ATOM   471 C CG  . LYS A 1 58  ? -4.851  -4.148  7.518   1.00 34.66 ? 126 LYS A CG  1 
ATOM   472 C CD  . LYS A 1 58  ? -3.322  -4.325  7.490   1.00 36.20 ? 126 LYS A CD  1 
ATOM   473 C CE  . LYS A 1 58  ? -2.857  -4.986  8.734   1.00 36.40 ? 126 LYS A CE  1 
ATOM   474 N NZ  . LYS A 1 58  ? -3.381  -6.337  9.064   1.00 35.34 ? 126 LYS A NZ  1 
ATOM   475 N N   A GLY A 1 59  ? -7.942  -5.944  7.076   0.50 30.91 ? 127 GLY A N   1 
ATOM   476 N N   B GLY A 1 59  ? -7.510  -6.423  6.549   0.50 27.71 ? 127 GLY A N   1 
ATOM   477 C CA  A GLY A 1 59  ? -8.103  -7.339  7.484   0.50 31.53 ? 127 GLY A CA  1 
ATOM   478 C CA  B GLY A 1 59  ? -8.041  -7.436  7.380   0.50 30.10 ? 127 GLY A CA  1 
ATOM   479 C C   . GLY A 1 59  ? -6.910  -7.934  8.246   1.00 30.20 ? 127 GLY A C   1 
ATOM   480 O O   . GLY A 1 59  ? -5.897  -7.304  8.403   1.00 30.99 ? 127 GLY A O   1 
ATOM   481 N N   . PRO A 1 60  ? -7.033  -9.160  8.699   1.00 30.13 ? 128 PRO A N   1 
ATOM   482 C CA  . PRO A 1 60  ? -6.117  -9.809  9.597   1.00 31.91 ? 128 PRO A CA  1 
ATOM   483 C C   . PRO A 1 60  ? -4.880  -10.442 8.972   1.00 31.54 ? 128 PRO A C   1 
ATOM   484 O O   . PRO A 1 60  ? -4.331  -11.366 9.548   1.00 36.52 ? 128 PRO A O   1 
ATOM   485 C CB  . PRO A 1 60  ? -7.011  -10.873 10.211  1.00 31.86 ? 128 PRO A CB  1 
ATOM   486 C CG  . PRO A 1 60  ? -7.924  -11.259 9.106   1.00 31.73 ? 128 PRO A CG  1 
ATOM   487 C CD  . PRO A 1 60  ? -8.228  -9.992  8.420   1.00 32.78 ? 128 PRO A CD  1 
ATOM   488 N N   . SER A 1 61  ? -4.458  -9.972  7.803   1.00 32.52 ? 129 SER A N   1 
ATOM   489 C CA  . SER A 1 61  ? -3.247  -10.431 7.105   1.00 30.01 ? 129 SER A CA  1 
ATOM   490 C C   . SER A 1 61  ? -2.232  -9.304  6.994   1.00 28.90 ? 129 SER A C   1 
ATOM   491 O O   . SER A 1 61  ? -2.598  -8.134  6.930   1.00 25.08 ? 129 SER A O   1 
ATOM   492 C CB  . SER A 1 61  ? -3.596  -10.804 5.661   1.00 30.42 ? 129 SER A CB  1 
ATOM   493 O OG  . SER A 1 61  ? -4.392  -11.963 5.619   1.00 43.09 ? 129 SER A OG  1 
ATOM   494 N N   . ASP A 1 62  ? -0.965  -9.658  6.964   1.00 27.13 ? 130 ASP A N   1 
ATOM   495 C CA  . ASP A 1 62  ? 0.072   -8.696  6.748   1.00 28.42 ? 130 ASP A CA  1 
ATOM   496 C C   . ASP A 1 62  ? -0.007  -8.144  5.317   1.00 28.81 ? 130 ASP A C   1 
ATOM   497 O O   . ASP A 1 62  ? -0.297  -8.894  4.383   1.00 28.22 ? 130 ASP A O   1 
ATOM   498 C CB  . ASP A 1 62  ? 1.393   -9.357  6.864   1.00 26.55 ? 130 ASP A CB  1 
ATOM   499 C CG  . ASP A 1 62  ? 1.736   -9.807  8.241   1.00 31.73 ? 130 ASP A CG  1 
ATOM   500 O OD1 . ASP A 1 62  ? 1.105   -9.463  9.283   1.00 28.72 ? 130 ASP A OD1 1 
ATOM   501 O OD2 . ASP A 1 62  ? 2.750   -10.546 8.262   1.00 31.03 ? 130 ASP A OD2 1 
ATOM   502 N N   . HIS A 1 63  ? 0.257   -6.844  5.131   1.00 26.11 ? 131 HIS A N   1 
ATOM   503 C CA  . HIS A 1 63  ? 0.230   -6.244  3.775   1.00 22.82 ? 131 HIS A CA  1 
ATOM   504 C C   . HIS A 1 63  ? 1.420   -5.414  3.545   1.00 24.41 ? 131 HIS A C   1 
ATOM   505 O O   . HIS A 1 63  ? 1.622   -4.437  4.284   1.00 26.56 ? 131 HIS A O   1 
ATOM   506 C CB  . HIS A 1 63  ? -0.982  -5.345  3.590   1.00 25.93 ? 131 HIS A CB  1 
ATOM   507 C CG  . HIS A 1 63  ? -2.277  -6.065  3.429   1.00 26.22 ? 131 HIS A CG  1 
ATOM   508 N ND1 . HIS A 1 63  ? -2.900  -6.734  4.467   1.00 26.81 ? 131 HIS A ND1 1 
ATOM   509 C CD2 . HIS A 1 63  ? -3.090  -6.191  2.358   1.00 23.42 ? 131 HIS A CD2 1 
ATOM   510 C CE1 . HIS A 1 63  ? -4.001  -7.296  4.012   1.00 27.12 ? 131 HIS A CE1 1 
ATOM   511 N NE2 . HIS A 1 63  ? -4.183  -6.921  2.765   1.00 25.26 ? 131 HIS A NE2 1 
ATOM   512 N N   . TRP A 1 64  ? 2.210   -5.754  2.516   1.00 24.51 ? 132 TRP A N   1 
ATOM   513 C CA  . TRP A 1 64  ? 3.298   -4.915  2.027   1.00 24.48 ? 132 TRP A CA  1 
ATOM   514 C C   . TRP A 1 64  ? 2.847   -3.472  1.744   1.00 24.96 ? 132 TRP A C   1 
ATOM   515 O O   . TRP A 1 64  ? 1.757   -3.238  1.160   1.00 25.95 ? 132 TRP A O   1 
ATOM   516 C CB  . TRP A 1 64  ? 3.892   -5.486  0.740   1.00 27.18 ? 132 TRP A CB  1 
ATOM   517 C CG  . TRP A 1 64  ? 4.662   -6.760  0.839   1.00 25.90 ? 132 TRP A CG  1 
ATOM   518 C CD1 . TRP A 1 64  ? 4.519   -7.842  0.017   1.00 27.15 ? 132 TRP A CD1 1 
ATOM   519 C CD2 . TRP A 1 64  ? 5.804   -7.058  1.684   1.00 25.35 ? 132 TRP A CD2 1 
ATOM   520 N NE1 . TRP A 1 64  ? 5.410   -8.824  0.358   1.00 28.80 ? 132 TRP A NE1 1 
ATOM   521 C CE2 . TRP A 1 64  ? 6.225   -8.373  1.360   1.00 27.08 ? 132 TRP A CE2 1 
ATOM   522 C CE3 . TRP A 1 64  ? 6.471   -6.376  2.713   1.00 25.93 ? 132 TRP A CE3 1 
ATOM   523 C CZ2 . TRP A 1 64  ? 7.275   -8.992  1.999   1.00 30.16 ? 132 TRP A CZ2 1 
ATOM   524 C CZ3 . TRP A 1 64  ? 7.514   -7.003  3.373   1.00 26.47 ? 132 TRP A CZ3 1 
ATOM   525 C CH2 . TRP A 1 64  ? 7.932   -8.308  2.989   1.00 28.41 ? 132 TRP A CH2 1 
ATOM   526 N N   . ILE A 1 65  ? 3.697   -2.522  2.130   1.00 25.95 ? 133 ILE A N   1 
ATOM   527 C CA  . ILE A 1 65  ? 3.577   -1.133  1.692   1.00 24.33 ? 133 ILE A CA  1 
ATOM   528 C C   . ILE A 1 65  ? 4.886   -0.700  1.035   1.00 25.54 ? 133 ILE A C   1 
ATOM   529 O O   . ILE A 1 65  ? 5.908   -1.435  1.026   1.00 26.75 ? 133 ILE A O   1 
ATOM   530 C CB  . ILE A 1 65  ? 3.125   -0.205  2.815   1.00 25.51 ? 133 ILE A CB  1 
ATOM   531 C CG1 . ILE A 1 65  ? 4.129   -0.254  3.972   1.00 25.18 ? 133 ILE A CG1 1 
ATOM   532 C CG2 . ILE A 1 65  ? 1.710   -0.580  3.241   1.00 25.20 ? 133 ILE A CG2 1 
ATOM   533 C CD1 . ILE A 1 65  ? 4.024   0.814   4.988   1.00 26.41 ? 133 ILE A CD1 1 
ATOM   534 N N   . GLY A 1 66  ? 4.866   0.497   0.449   1.00 25.60 ? 134 GLY A N   1 
ATOM   535 C CA  . GLY A 1 66  ? 5.968   0.931   -0.363  1.00 27.68 ? 134 GLY A CA  1 
ATOM   536 C C   . GLY A 1 66  ? 7.062   1.602   0.425   1.00 29.18 ? 134 GLY A C   1 
ATOM   537 O O   . GLY A 1 66  ? 7.512   2.676   0.069   1.00 30.55 ? 134 GLY A O   1 
ATOM   538 N N   . LEU A 1 67  ? 7.512   0.958   1.488   1.00 29.50 ? 135 LEU A N   1 
ATOM   539 C CA  . LEU A 1 67  ? 8.576   1.456   2.341   1.00 27.71 ? 135 LEU A CA  1 
ATOM   540 C C   . LEU A 1 67  ? 9.654   0.395   2.445   1.00 32.01 ? 135 LEU A C   1 
ATOM   541 O O   . LEU A 1 67  ? 9.346   -0.781  2.717   1.00 26.83 ? 135 LEU A O   1 
ATOM   542 C CB  . LEU A 1 67  ? 7.982   1.789   3.707   1.00 29.71 ? 135 LEU A CB  1 
ATOM   543 C CG  . LEU A 1 67  ? 8.870   2.512   4.720   1.00 30.65 ? 135 LEU A CG  1 
ATOM   544 C CD1 . LEU A 1 67  ? 9.161   3.953   4.392   1.00 30.48 ? 135 LEU A CD1 1 
ATOM   545 C CD2 . LEU A 1 67  ? 8.079   2.465   6.005   1.00 28.72 ? 135 LEU A CD2 1 
ATOM   546 N N   . SER A 1 68  ? 10.916  0.773   2.191   1.00 29.06 ? 136 SER A N   1 
ATOM   547 C CA  . SER A 1 68  ? 12.018  -0.196  2.224   1.00 34.83 ? 136 SER A CA  1 
ATOM   548 C C   . SER A 1 68  ? 13.307  0.428   2.708   1.00 37.67 ? 136 SER A C   1 
ATOM   549 O O   . SER A 1 68  ? 13.370  1.645   2.861   1.00 32.11 ? 136 SER A O   1 
ATOM   550 C CB  . SER A 1 68  ? 12.274  -0.800  0.861   1.00 39.95 ? 136 SER A CB  1 
ATOM   551 O OG  . SER A 1 68  ? 12.630  0.203   -0.055  1.00 39.99 ? 136 SER A OG  1 
ATOM   552 N N   . ARG A 1 69  ? 14.311  -0.421  2.976   1.00 37.19 ? 137 ARG A N   1 
ATOM   553 C CA  . ARG A 1 69  ? 15.562  -0.009  3.607   1.00 42.97 ? 137 ARG A CA  1 
ATOM   554 C C   . ARG A 1 69  ? 16.723  -0.853  3.107   1.00 43.72 ? 137 ARG A C   1 
ATOM   555 O O   . ARG A 1 69  ? 16.686  -2.090  3.190   1.00 37.54 ? 137 ARG A O   1 
ATOM   556 C CB  . ARG A 1 69  ? 15.454  -0.213  5.124   1.00 48.37 ? 137 ARG A CB  1 
ATOM   557 C CG  . ARG A 1 69  ? 16.444  0.577   5.945   1.00 51.71 ? 137 ARG A CG  1 
ATOM   558 C CD  . ARG A 1 69  ? 16.306  0.241   7.415   1.00 56.39 ? 137 ARG A CD  1 
ATOM   559 N NE  . ARG A 1 69  ? 16.682  -1.135  7.654   1.00 64.31 ? 137 ARG A NE  1 
ATOM   560 C CZ  . ARG A 1 69  ? 16.619  -1.745  8.831   1.00 75.04 ? 137 ARG A CZ  1 
ATOM   561 N NH1 . ARG A 1 69  ? 16.190  -1.099  9.917   1.00 74.97 ? 137 ARG A NH1 1 
ATOM   562 N NH2 . ARG A 1 69  ? 16.989  -3.021  8.915   1.00 80.00 ? 137 ARG A NH2 1 
ATOM   563 N N   . GLU A 1 70  ? 17.763  -0.205  2.602   1.00 45.16 ? 138 GLU A N   1 
ATOM   564 C CA  . GLU A 1 70  ? 19.046  -0.894  2.346   1.00 50.95 ? 138 GLU A CA  1 
ATOM   565 C C   . GLU A 1 70  ? 19.817  -0.876  3.662   1.00 56.20 ? 138 GLU A C   1 
ATOM   566 O O   . GLU A 1 70  ? 19.579  -0.011  4.511   1.00 48.47 ? 138 GLU A O   1 
ATOM   567 C CB  . GLU A 1 70  ? 19.798  -0.212  1.213   1.00 57.95 ? 138 GLU A CB  1 
ATOM   568 C CG  . GLU A 1 70  ? 19.062  -0.331  -0.124  1.00 66.51 ? 138 GLU A CG  1 
ATOM   569 C CD  . GLU A 1 70  ? 19.284  0.844   -1.090  1.00 77.17 ? 138 GLU A CD  1 
ATOM   570 O OE1 . GLU A 1 70  ? 18.648  0.861   -2.165  1.00 71.08 ? 138 GLU A OE1 1 
ATOM   571 O OE2 . GLU A 1 70  ? 20.099  1.746   -0.804  1.00 79.63 ? 138 GLU A OE2 1 
ATOM   572 N N   . GLN A 1 71  ? 20.699  -1.851  3.890   1.00 64.56 ? 139 GLN A N   1 
ATOM   573 C CA  . GLN A 1 71  ? 21.265  -2.015  5.245   1.00 66.20 ? 139 GLN A CA  1 
ATOM   574 C C   . GLN A 1 71  ? 22.179  -0.822  5.550   1.00 63.65 ? 139 GLN A C   1 
ATOM   575 O O   . GLN A 1 71  ? 22.698  -0.181  4.641   1.00 60.20 ? 139 GLN A O   1 
ATOM   576 C CB  . GLN A 1 71  ? 21.960  -3.381  5.440   1.00 72.85 ? 139 GLN A CB  1 
ATOM   577 C CG  . GLN A 1 71  ? 21.634  -4.073  6.778   1.00 74.23 ? 139 GLN A CG  1 
ATOM   578 C CD  . GLN A 1 71  ? 20.314  -4.868  6.797   1.00 75.44 ? 139 GLN A CD  1 
ATOM   579 O OE1 . GLN A 1 71  ? 19.456  -4.743  5.914   1.00 75.90 ? 139 GLN A OE1 1 
ATOM   580 N NE2 . GLN A 1 71  ? 20.151  -5.695  7.824   1.00 72.34 ? 139 GLN A NE2 1 
ATOM   581 N N   . GLY A 1 72  ? 22.286  -0.485  6.830   1.00 63.36 ? 140 GLY A N   1 
ATOM   582 C CA  . GLY A 1 72  ? 22.933  0.753   7.267   1.00 67.32 ? 140 GLY A CA  1 
ATOM   583 C C   . GLY A 1 72  ? 22.259  2.082   6.909   1.00 66.02 ? 140 GLY A C   1 
ATOM   584 O O   . GLY A 1 72  ? 22.763  3.132   7.294   1.00 69.67 ? 140 GLY A O   1 
ATOM   585 N N   . GLN A 1 73  ? 21.115  2.046   6.211   1.00 63.52 ? 141 GLN A N   1 
ATOM   586 C CA  . GLN A 1 73  ? 20.505  3.233   5.561   1.00 53.93 ? 141 GLN A CA  1 
ATOM   587 C C   . GLN A 1 73  ? 19.068  3.469   6.113   1.00 51.85 ? 141 GLN A C   1 
ATOM   588 O O   . GLN A 1 73  ? 18.497  2.562   6.728   1.00 44.22 ? 141 GLN A O   1 
ATOM   589 C CB  . GLN A 1 73  ? 20.501  3.011   4.042   1.00 56.25 ? 141 GLN A CB  1 
ATOM   590 C CG  . GLN A 1 73  ? 20.115  4.241   3.250   1.00 60.26 ? 141 GLN A CG  1 
ATOM   591 C CD  . GLN A 1 73  ? 20.454  4.218   1.781   1.00 67.15 ? 141 GLN A CD  1 
ATOM   592 O OE1 . GLN A 1 73  ? 19.857  3.471   1.009   1.00 75.07 ? 141 GLN A OE1 1 
ATOM   593 N NE2 . GLN A 1 73  ? 21.355  5.112   1.365   1.00 65.22 ? 141 GLN A NE2 1 
ATOM   594 N N   . PRO A 1 74  ? 18.472  4.673   5.916   1.00 44.45 ? 142 PRO A N   1 
ATOM   595 C CA  . PRO A 1 74  ? 17.163  4.812   6.551   1.00 38.95 ? 142 PRO A CA  1 
ATOM   596 C C   . PRO A 1 74  ? 16.044  4.212   5.700   1.00 31.65 ? 142 PRO A C   1 
ATOM   597 O O   . PRO A 1 74  ? 16.224  3.992   4.507   1.00 33.09 ? 142 PRO A O   1 
ATOM   598 C CB  . PRO A 1 74  ? 16.979  6.326   6.614   1.00 42.12 ? 142 PRO A CB  1 
ATOM   599 C CG  . PRO A 1 74  ? 17.663  6.794   5.382   1.00 44.41 ? 142 PRO A CG  1 
ATOM   600 C CD  . PRO A 1 74  ? 18.924  5.973   5.385   1.00 47.31 ? 142 PRO A CD  1 
ATOM   601 N N   . TRP A 1 75  ? 14.877  4.037   6.302   1.00 31.80 ? 143 TRP A N   1 
ATOM   602 C CA  . TRP A 1 75  ? 13.668  3.714   5.548   1.00 30.11 ? 143 TRP A CA  1 
ATOM   603 C C   . TRP A 1 75  ? 13.286  4.822   4.541   1.00 30.53 ? 143 TRP A C   1 
ATOM   604 O O   . TRP A 1 75  ? 13.327  6.013   4.859   1.00 31.04 ? 143 TRP A O   1 
ATOM   605 C CB  . TRP A 1 75  ? 12.512  3.549   6.538   1.00 31.92 ? 143 TRP A CB  1 
ATOM   606 C CG  . TRP A 1 75  ? 12.626  2.299   7.436   1.00 30.95 ? 143 TRP A CG  1 
ATOM   607 C CD1 . TRP A 1 75  ? 12.994  2.266   8.731   1.00 33.55 ? 143 TRP A CD1 1 
ATOM   608 C CD2 . TRP A 1 75  ? 12.362  0.928   7.054   1.00 30.23 ? 143 TRP A CD2 1 
ATOM   609 N NE1 . TRP A 1 75  ? 12.961  0.963   9.203   1.00 34.00 ? 143 TRP A NE1 1 
ATOM   610 C CE2 . TRP A 1 75  ? 12.590  0.124   8.190   1.00 29.88 ? 143 TRP A CE2 1 
ATOM   611 C CE3 . TRP A 1 75  ? 11.976  0.318   5.862   1.00 31.75 ? 143 TRP A CE3 1 
ATOM   612 C CZ2 . TRP A 1 75  ? 12.447  -1.273  8.176   1.00 34.70 ? 143 TRP A CZ2 1 
ATOM   613 C CZ3 . TRP A 1 75  ? 11.780  -1.079  5.844   1.00 36.35 ? 143 TRP A CZ3 1 
ATOM   614 C CH2 . TRP A 1 75  ? 12.028  -1.859  7.003   1.00 34.35 ? 143 TRP A CH2 1 
ATOM   615 N N   . LYS A 1 76  ? 12.852  4.421   3.365   1.00 27.99 ? 144 LYS A N   1 
ATOM   616 C CA  . LYS A 1 76  ? 12.537  5.339   2.289   1.00 32.05 ? 144 LYS A CA  1 
ATOM   617 C C   . LYS A 1 76  ? 11.295  4.868   1.642   1.00 29.99 ? 144 LYS A C   1 
ATOM   618 O O   . LYS A 1 76  ? 11.095  3.655   1.467   1.00 30.54 ? 144 LYS A O   1 
ATOM   619 C CB  . LYS A 1 76  ? 13.648  5.339   1.246   1.00 37.10 ? 144 LYS A CB  1 
ATOM   620 C CG  . LYS A 1 76  ? 14.925  5.941   1.769   1.00 42.87 ? 144 LYS A CG  1 
ATOM   621 C CD  . LYS A 1 76  ? 15.954  5.986   0.656   1.00 53.32 ? 144 LYS A CD  1 
ATOM   622 C CE  . LYS A 1 76  ? 17.141  6.811   1.091   1.00 59.09 ? 144 LYS A CE  1 
ATOM   623 N NZ  . LYS A 1 76  ? 18.137  6.968   -0.013  1.00 64.09 ? 144 LYS A NZ  1 
ATOM   624 N N   . TRP A 1 77  ? 10.463  5.819   1.280   1.00 28.78 ? 145 TRP A N   1 
ATOM   625 C CA  . TRP A 1 77  ? 9.285   5.553   0.483   1.00 32.49 ? 145 TRP A CA  1 
ATOM   626 C C   . TRP A 1 77  ? 9.711   5.388   -0.935  1.00 36.90 ? 145 TRP A C   1 
ATOM   627 O O   . TRP A 1 77  ? 10.574  6.124   -1.373  1.00 37.68 ? 145 TRP A O   1 
ATOM   628 C CB  . TRP A 1 77  ? 8.280   6.726   0.593   1.00 31.40 ? 145 TRP A CB  1 
ATOM   629 C CG  . TRP A 1 77  ? 7.718   6.821   1.915   1.00 30.68 ? 145 TRP A CG  1 
ATOM   630 C CD1 . TRP A 1 77  ? 8.047   7.711   2.848   1.00 28.25 ? 145 TRP A CD1 1 
ATOM   631 C CD2 . TRP A 1 77  ? 6.716   5.966   2.493   1.00 29.22 ? 145 TRP A CD2 1 
ATOM   632 N NE1 . TRP A 1 77  ? 7.321   7.474   3.988   1.00 28.97 ? 145 TRP A NE1 1 
ATOM   633 C CE2 . TRP A 1 77  ? 6.526   6.391   3.809   1.00 29.78 ? 145 TRP A CE2 1 
ATOM   634 C CE3 . TRP A 1 77  ? 6.041   4.830   2.053   1.00 31.67 ? 145 TRP A CE3 1 
ATOM   635 C CZ2 . TRP A 1 77  ? 5.641   5.767   4.686   1.00 30.56 ? 145 TRP A CZ2 1 
ATOM   636 C CZ3 . TRP A 1 77  ? 5.177   4.193   2.918   1.00 29.52 ? 145 TRP A CZ3 1 
ATOM   637 C CH2 . TRP A 1 77  ? 4.962   4.689   4.214   1.00 32.27 ? 145 TRP A CH2 1 
ATOM   638 N N   . ILE A 1 78  ? 9.127   4.440   -1.667  1.00 42.28 ? 146 ILE A N   1 
ATOM   639 C CA  . ILE A 1 78  ? 9.259   4.405   -3.154  1.00 49.92 ? 146 ILE A CA  1 
ATOM   640 C C   . ILE A 1 78  ? 9.102   5.782   -3.792  1.00 54.59 ? 146 ILE A C   1 
ATOM   641 O O   . ILE A 1 78  ? 9.909   6.150   -4.658  1.00 61.55 ? 146 ILE A O   1 
ATOM   642 C CB  . ILE A 1 78  ? 8.157   3.585   -3.824  1.00 51.56 ? 146 ILE A CB  1 
ATOM   643 C CG1 . ILE A 1 78  ? 8.368   2.117   -3.540  1.00 53.00 ? 146 ILE A CG1 1 
ATOM   644 C CG2 . ILE A 1 78  ? 8.118   3.849   -5.336  1.00 55.47 ? 146 ILE A CG2 1 
ATOM   645 C CD1 . ILE A 1 78  ? 7.135   1.309   -3.820  1.00 54.53 ? 146 ILE A CD1 1 
ATOM   646 N N   . GLY A 1 93  ? 18.413  -6.407  2.122   1.00 64.53 ? 161 GLY A N   1 
ATOM   647 C CA  . GLY A 1 93  ? 17.742  -5.311  2.847   1.00 59.26 ? 161 GLY A CA  1 
ATOM   648 C C   . GLY A 1 93  ? 16.409  -5.707  3.473   1.00 54.60 ? 161 GLY A C   1 
ATOM   649 O O   . GLY A 1 93  ? 16.081  -6.887  3.549   1.00 56.41 ? 161 GLY A O   1 
ATOM   650 N N   . GLU A 1 94  ? 15.647  -4.718  3.939   1.00 45.08 ? 162 GLU A N   1 
ATOM   651 C CA  . GLU A 1 94  ? 14.357  -4.966  4.529   1.00 39.29 ? 162 GLU A CA  1 
ATOM   652 C C   . GLU A 1 94  ? 13.222  -4.219  3.807   1.00 38.22 ? 162 GLU A C   1 
ATOM   653 O O   . GLU A 1 94  ? 13.454  -3.196  3.094   1.00 36.03 ? 162 GLU A O   1 
ATOM   654 C CB  . GLU A 1 94  ? 14.412  -4.563  6.001   1.00 42.64 ? 162 GLU A CB  1 
ATOM   655 C CG  . GLU A 1 94  ? 15.330  -5.408  6.857   1.00 53.18 ? 162 GLU A CG  1 
ATOM   656 C CD  . GLU A 1 94  ? 14.774  -6.806  7.154   1.00 62.56 ? 162 GLU A CD  1 
ATOM   657 O OE1 . GLU A 1 94  ? 13.685  -6.918  7.778   1.00 66.33 ? 162 GLU A OE1 1 
ATOM   658 O OE2 . GLU A 1 94  ? 15.439  -7.801  6.777   1.00 63.28 ? 162 GLU A OE2 1 
ATOM   659 N N   . CYS A 1 95  ? 11.991  -4.708  4.024   1.00 31.20 ? 163 CYS A N   1 
ATOM   660 C CA  . CYS A 1 95  ? 10.818  -4.142  3.418   1.00 32.98 ? 163 CYS A CA  1 
ATOM   661 C C   . CYS A 1 95  ? 9.766   -4.077  4.515   1.00 30.26 ? 163 CYS A C   1 
ATOM   662 O O   . CYS A 1 95  ? 9.730   -4.960  5.401   1.00 29.15 ? 163 CYS A O   1 
ATOM   663 C CB  . CYS A 1 95  ? 10.416  -5.076  2.278   1.00 33.82 ? 163 CYS A CB  1 
ATOM   664 S SG  . CYS A 1 95  ? 11.426  -4.919  0.782   1.00 40.04 ? 163 CYS A SG  1 
ATOM   665 N N   . ALA A 1 96  ? 8.872   -3.099  4.459   1.00 29.17 ? 164 ALA A N   1 
ATOM   666 C CA  . ALA A 1 96  ? 7.871   -2.922  5.496   1.00 29.65 ? 164 ALA A CA  1 
ATOM   667 C C   . ALA A 1 96  ? 6.531   -3.383  5.091   1.00 24.92 ? 164 ALA A C   1 
ATOM   668 O O   . ALA A 1 96  ? 6.102   -3.280  3.925   1.00 24.38 ? 164 ALA A O   1 
ATOM   669 C CB  . ALA A 1 96  ? 7.770   -1.479  5.979   1.00 30.90 ? 164 ALA A CB  1 
ATOM   670 N N   . TYR A 1 97  ? 5.853   -3.928  6.101   1.00 23.38 ? 165 TYR A N   1 
ATOM   671 C CA  . TYR A 1 97  ? 4.491   -4.318  5.963   1.00 22.99 ? 165 TYR A CA  1 
ATOM   672 C C   . TYR A 1 97  ? 3.701   -3.777  7.091   1.00 22.40 ? 165 TYR A C   1 
ATOM   673 O O   . TYR A 1 97  ? 4.259   -3.400  8.116   1.00 24.56 ? 165 TYR A O   1 
ATOM   674 C CB  . TYR A 1 97  ? 4.371   -5.868  5.887   1.00 23.64 ? 165 TYR A CB  1 
ATOM   675 C CG  . TYR A 1 97  ? 4.762   -6.628  7.114   1.00 22.90 ? 165 TYR A CG  1 
ATOM   676 C CD1 . TYR A 1 97  ? 6.084   -7.021  7.307   1.00 26.71 ? 165 TYR A CD1 1 
ATOM   677 C CD2 . TYR A 1 97  ? 3.825   -6.980  8.058   1.00 22.15 ? 165 TYR A CD2 1 
ATOM   678 C CE1 . TYR A 1 97  ? 6.464   -7.743  8.430   1.00 27.74 ? 165 TYR A CE1 1 
ATOM   679 C CE2 . TYR A 1 97  ? 4.176   -7.640  9.196   1.00 23.79 ? 165 TYR A CE2 1 
ATOM   680 C CZ  . TYR A 1 97  ? 5.520   -8.039  9.357   1.00 29.60 ? 165 TYR A CZ  1 
ATOM   681 O OH  . TYR A 1 97  ? 5.936   -8.753  10.455  1.00 29.82 ? 165 TYR A OH  1 
ATOM   682 N N   . LEU A 1 98  ? 2.391   -3.708  6.913   1.00 23.28 ? 166 LEU A N   1 
ATOM   683 C CA  . LEU A 1 98  ? 1.512   -3.352  7.985   1.00 23.08 ? 166 LEU A CA  1 
ATOM   684 C C   . LEU A 1 98  ? 0.992   -4.656  8.626   1.00 25.00 ? 166 LEU A C   1 
ATOM   685 O O   . LEU A 1 98  ? 0.519   -5.565  7.935   1.00 24.75 ? 166 LEU A O   1 
ATOM   686 C CB  . LEU A 1 98  ? 0.331   -2.533  7.475   1.00 24.03 ? 166 LEU A CB  1 
ATOM   687 C CG  . LEU A 1 98  ? 0.689   -1.152  6.913   1.00 24.17 ? 166 LEU A CG  1 
ATOM   688 C CD1 . LEU A 1 98  ? -0.608  -0.440  6.550   1.00 27.97 ? 166 LEU A CD1 1 
ATOM   689 C CD2 . LEU A 1 98  ? 1.449   -0.300  7.877   1.00 26.18 ? 166 LEU A CD2 1 
ATOM   690 N N   . ASN A 1 99  ? 1.073   -4.727  9.956   1.00 25.56 ? 167 ASN A N   1 
ATOM   691 C CA  . ASN A 1 99  ? 0.396   -5.784  10.725  1.00 27.01 ? 167 ASN A CA  1 
ATOM   692 C C   . ASN A 1 99  ? -0.786  -5.124  11.382  1.00 32.03 ? 167 ASN A C   1 
ATOM   693 O O   . ASN A 1 99  ? -1.210  -4.092  10.909  1.00 33.37 ? 167 ASN A O   1 
ATOM   694 C CB  . ASN A 1 99  ? 1.338   -6.456  11.701  1.00 28.94 ? 167 ASN A CB  1 
ATOM   695 C CG  . ASN A 1 99  ? 2.002   -5.485  12.659  1.00 35.33 ? 167 ASN A CG  1 
ATOM   696 O OD1 . ASN A 1 99  ? 1.405   -4.496  13.106  1.00 36.67 ? 167 ASN A OD1 1 
ATOM   697 N ND2 . ASN A 1 99  ? 3.229   -5.781  13.006  1.00 41.55 ? 167 ASN A ND2 1 
ATOM   698 N N   . ASP A 1 100 ? -1.402  -5.701  12.406  1.00 30.86 ? 168 ASP A N   1 
ATOM   699 C CA  . ASP A 1 100 ? -2.655  -5.123  12.902  1.00 32.60 ? 168 ASP A CA  1 
ATOM   700 C C   . ASP A 1 100 ? -2.429  -3.793  13.690  1.00 39.52 ? 168 ASP A C   1 
ATOM   701 O O   . ASP A 1 100 ? -3.314  -2.928  13.770  1.00 37.57 ? 168 ASP A O   1 
ATOM   702 C CB  . ASP A 1 100 ? -3.386  -6.110  13.811  1.00 35.60 ? 168 ASP A CB  1 
ATOM   703 C CG  . ASP A 1 100 ? -3.879  -7.340  13.077  1.00 34.77 ? 168 ASP A CG  1 
ATOM   704 O OD1 . ASP A 1 100 ? -4.066  -7.309  11.834  1.00 35.72 ? 168 ASP A OD1 1 
ATOM   705 O OD2 . ASP A 1 100 ? -4.112  -8.349  13.769  1.00 36.99 ? 168 ASP A OD2 1 
ATOM   706 N N   . LYS A 1 101 ? -1.239  -3.635  14.233  1.00 39.22 ? 169 LYS A N   1 
ATOM   707 C CA  . LYS A 1 101 ? -0.950  -2.545  15.167  1.00 44.20 ? 169 LYS A CA  1 
ATOM   708 C C   . LYS A 1 101 ? -0.147  -1.416  14.490  1.00 40.51 ? 169 LYS A C   1 
ATOM   709 O O   . LYS A 1 101 ? -0.184  -0.280  14.931  1.00 40.70 ? 169 LYS A O   1 
ATOM   710 C CB  . LYS A 1 101 ? -0.147  -3.115  16.348  1.00 47.06 ? 169 LYS A CB  1 
ATOM   711 C CG  . LYS A 1 101 ? -0.789  -4.364  16.966  1.00 54.97 ? 169 LYS A CG  1 
ATOM   712 C CD  . LYS A 1 101 ? 0.088   -5.047  18.022  1.00 56.65 ? 169 LYS A CD  1 
ATOM   713 C CE  . LYS A 1 101 ? -0.651  -6.237  18.656  1.00 56.84 ? 169 LYS A CE  1 
ATOM   714 N NZ  . LYS A 1 101 ? 0.090   -6.817  19.812  1.00 58.58 ? 169 LYS A NZ  1 
ATOM   715 N N   . GLY A 1 102 ? 0.594   -1.734  13.436  1.00 31.61 ? 170 GLY A N   1 
ATOM   716 C CA  . GLY A 1 102 ? 1.411   -0.720  12.766  1.00 33.71 ? 170 GLY A CA  1 
ATOM   717 C C   . GLY A 1 102 ? 2.326   -1.311  11.736  1.00 33.12 ? 170 GLY A C   1 
ATOM   718 O O   . GLY A 1 102 ? 1.979   -2.277  11.083  1.00 32.65 ? 170 GLY A O   1 
ATOM   719 N N   . ALA A 1 103 ? 3.511   -0.758  11.582  1.00 28.97 ? 171 ALA A N   1 
ATOM   720 C CA  . ALA A 1 103 ? 4.428   -1.245  10.574  1.00 29.93 ? 171 ALA A CA  1 
ATOM   721 C C   . ALA A 1 103 ? 5.454   -2.194  11.169  1.00 30.79 ? 171 ALA A C   1 
ATOM   722 O O   . ALA A 1 103 ? 5.840   -2.013  12.311  1.00 33.14 ? 171 ALA A O   1 
ATOM   723 C CB  . ALA A 1 103 ? 5.132   -0.089  9.943   1.00 29.83 ? 171 ALA A CB  1 
ATOM   724 N N   . SER A 1 104 ? 5.949   -3.147  10.383  1.00 30.14 ? 172 SER A N   1 
ATOM   725 C CA  . SER A 1 104 ? 7.084   -3.982  10.760  1.00 31.20 ? 172 SER A CA  1 
ATOM   726 C C   . SER A 1 104 ? 7.888   -4.320  9.561   1.00 29.58 ? 172 SER A C   1 
ATOM   727 O O   . SER A 1 104 ? 7.474   -4.041  8.431   1.00 33.80 ? 172 SER A O   1 
ATOM   728 C CB  . SER A 1 104 ? 6.648   -5.287  11.463  1.00 36.66 ? 172 SER A CB  1 
ATOM   729 O OG  . SER A 1 104 ? 5.533   -5.027  12.275  1.00 42.62 ? 172 SER A OG  1 
ATOM   730 N N   . SER A 1 105 ? 9.083   -4.869  9.776   1.00 30.41 ? 173 SER A N   1 
ATOM   731 C CA  . SER A 1 105 ? 9.956   -5.195  8.707   1.00 30.27 ? 173 SER A CA  1 
ATOM   732 C C   . SER A 1 105 ? 10.094  -6.664  8.514   1.00 32.16 ? 173 SER A C   1 
ATOM   733 O O   . SER A 1 105 ? 9.933   -7.433  9.468   1.00 30.52 ? 173 SER A O   1 
ATOM   734 C CB  . SER A 1 105 ? 11.367  -4.677  8.979   1.00 35.91 ? 173 SER A CB  1 
ATOM   735 O OG  . SER A 1 105 ? 11.702  -4.998  10.274  1.00 37.82 ? 173 SER A OG  1 
ATOM   736 N N   . ALA A 1 106 ? 10.406  -7.048  7.293   1.00 35.58 ? 174 ALA A N   1 
ATOM   737 C CA  . ALA A 1 106 ? 10.740  -8.464  6.966   1.00 39.12 ? 174 ALA A CA  1 
ATOM   738 C C   . ALA A 1 106 ? 11.606  -8.435  5.751   1.00 40.85 ? 174 ALA A C   1 
ATOM   739 O O   . ALA A 1 106 ? 11.640  -7.401  5.033   1.00 33.89 ? 174 ALA A O   1 
ATOM   740 C CB  . ALA A 1 106 ? 9.493   -9.273  6.700   1.00 40.90 ? 174 ALA A CB  1 
ATOM   741 N N   . ARG A 1 107 ? 12.286  -9.556  5.482   1.00 37.80 ? 175 ARG A N   1 
ATOM   742 C CA  . ARG A 1 107 ? 13.059  -9.681  4.273   1.00 39.04 ? 175 ARG A CA  1 
ATOM   743 C C   . ARG A 1 107 ? 12.115  -9.647  3.102   1.00 34.02 ? 175 ARG A C   1 
ATOM   744 O O   . ARG A 1 107 ? 10.988  -10.121 3.182   1.00 33.36 ? 175 ARG A O   1 
ATOM   745 C CB  . ARG A 1 107 ? 13.899  -10.971 4.267   1.00 48.36 ? 175 ARG A CB  1 
ATOM   746 C CG  . ARG A 1 107 ? 15.030  -10.964 5.284   1.00 51.02 ? 175 ARG A CG  1 
ATOM   747 C CD  . ARG A 1 107 ? 16.260  -10.206 4.769   1.00 56.33 ? 175 ARG A CD  1 
ATOM   748 N NE  . ARG A 1 107 ? 17.166  -9.893  5.880   1.00 66.10 ? 175 ARG A NE  1 
ATOM   749 C CZ  . ARG A 1 107 ? 18.118  -8.959  5.865   1.00 72.20 ? 175 ARG A CZ  1 
ATOM   750 N NH1 . ARG A 1 107 ? 18.334  -8.206  4.784   1.00 77.47 ? 175 ARG A NH1 1 
ATOM   751 N NH2 . ARG A 1 107 ? 18.859  -8.773  6.951   1.00 72.87 ? 175 ARG A NH2 1 
ATOM   752 N N   . CYS A 1 108 ? 12.591  -9.086  1.998   1.00 30.78 ? 176 CYS A N   1 
ATOM   753 C CA  . CYS A 1 108 ? 11.757  -8.701  0.898   1.00 34.10 ? 176 CYS A CA  1 
ATOM   754 C C   . CYS A 1 108 ? 11.285  -9.879  0.102   1.00 34.28 ? 176 CYS A C   1 
ATOM   755 O O   . CYS A 1 108 ? 10.294  -9.757  -0.625  1.00 33.69 ? 176 CYS A O   1 
ATOM   756 C CB  . CYS A 1 108 ? 12.499  -7.719  0.025   1.00 35.14 ? 176 CYS A CB  1 
ATOM   757 S SG  . CYS A 1 108 ? 12.984  -6.237  0.971   1.00 44.14 ? 176 CYS A SG  1 
ATOM   758 N N   . TYR A 1 109 ? 11.956  -11.022 0.279   1.00 37.55 ? 177 TYR A N   1 
ATOM   759 C CA  . TYR A 1 109 ? 11.620  -12.260 -0.439  1.00 36.69 ? 177 TYR A CA  1 
ATOM   760 C C   . TYR A 1 109 ? 10.415  -13.033 0.139   1.00 41.00 ? 177 TYR A C   1 
ATOM   761 O O   . TYR A 1 109 ? 9.862   -13.951 -0.503  1.00 40.39 ? 177 TYR A O   1 
ATOM   762 C CB  . TYR A 1 109 ? 12.854  -13.173 -0.520  1.00 38.33 ? 177 TYR A CB  1 
ATOM   763 C CG  . TYR A 1 109 ? 13.555  -13.478 0.794   1.00 38.32 ? 177 TYR A CG  1 
ATOM   764 C CD1 . TYR A 1 109 ? 12.983  -14.307 1.725   1.00 36.14 ? 177 TYR A CD1 1 
ATOM   765 C CD2 . TYR A 1 109 ? 14.830  -12.970 1.057   1.00 38.58 ? 177 TYR A CD2 1 
ATOM   766 C CE1 . TYR A 1 109 ? 13.641  -14.612 2.897   1.00 42.16 ? 177 TYR A CE1 1 
ATOM   767 C CE2 . TYR A 1 109 ? 15.495  -13.280 2.216   1.00 42.51 ? 177 TYR A CE2 1 
ATOM   768 C CZ  . TYR A 1 109 ? 14.894  -14.099 3.135   1.00 40.72 ? 177 TYR A CZ  1 
ATOM   769 O OH  . TYR A 1 109 ? 15.519  -14.394 4.324   1.00 52.55 ? 177 TYR A OH  1 
ATOM   770 N N   . THR A 1 110 ? 9.973   -12.654 1.329   1.00 38.80 ? 178 THR A N   1 
ATOM   771 C CA  . THR A 1 110 ? 8.766   -13.262 1.915   1.00 36.39 ? 178 THR A CA  1 
ATOM   772 C C   . THR A 1 110 ? 7.490   -12.862 1.177   1.00 38.31 ? 178 THR A C   1 
ATOM   773 O O   . THR A 1 110 ? 7.453   -11.839 0.484   1.00 31.91 ? 178 THR A O   1 
ATOM   774 C CB  . THR A 1 110 ? 8.704   -12.911 3.392   1.00 39.13 ? 178 THR A CB  1 
ATOM   775 O OG1 . THR A 1 110 ? 8.696   -11.464 3.560   1.00 40.84 ? 178 THR A OG1 1 
ATOM   776 C CG2 . THR A 1 110 ? 9.932   -13.466 4.020   1.00 39.71 ? 178 THR A CG2 1 
ATOM   777 N N   . GLU A 1 111 ? 6.440   -13.670 1.333   1.00 36.45 ? 179 GLU A N   1 
ATOM   778 C CA  . GLU A 1 111 ? 5.252   -13.542 0.520   1.00 38.60 ? 179 GLU A CA  1 
ATOM   779 C C   . GLU A 1 111 ? 4.136   -13.055 1.408   1.00 37.76 ? 179 GLU A C   1 
ATOM   780 O O   . GLU A 1 111 ? 3.883   -13.641 2.425   1.00 38.95 ? 179 GLU A O   1 
ATOM   781 C CB  . GLU A 1 111 ? 4.839   -14.879 -0.077  1.00 42.64 ? 179 GLU A CB  1 
ATOM   782 C CG  . GLU A 1 111 ? 5.881   -15.451 -1.013  1.00 48.49 ? 179 GLU A CG  1 
ATOM   783 C CD  . GLU A 1 111 ? 5.662   -15.033 -2.428  1.00 54.60 ? 179 GLU A CD  1 
ATOM   784 O OE1 . GLU A 1 111 ? 6.634   -15.040 -3.206  1.00 58.16 ? 179 GLU A OE1 1 
ATOM   785 O OE2 . GLU A 1 111 ? 4.514   -14.694 -2.780  1.00 63.07 ? 179 GLU A OE2 1 
ATOM   786 N N   . ARG A 1 112 ? 3.517   -11.950 1.008   1.00 35.48 ? 180 ARG A N   1 
ATOM   787 C CA  . ARG A 1 112 ? 2.480   -11.277 1.789   1.00 28.99 ? 180 ARG A CA  1 
ATOM   788 C C   . ARG A 1 112 ? 1.519   -10.697 0.852   1.00 26.20 ? 180 ARG A C   1 
ATOM   789 O O   . ARG A 1 112 ? 1.806   -10.473 -0.345  1.00 27.10 ? 180 ARG A O   1 
ATOM   790 C CB  . ARG A 1 112 ? 3.083   -10.177 2.686   1.00 29.75 ? 180 ARG A CB  1 
ATOM   791 C CG  . ARG A 1 112 ? 3.934   -10.737 3.752   1.00 33.00 ? 180 ARG A CG  1 
ATOM   792 C CD  . ARG A 1 112 ? 4.627   -9.690  4.583   1.00 35.35 ? 180 ARG A CD  1 
ATOM   793 N NE  . ARG A 1 112 ? 4.765   -10.208 5.923   1.00 38.67 ? 180 ARG A NE  1 
ATOM   794 C CZ  . ARG A 1 112 ? 5.816   -10.817 6.427   1.00 36.15 ? 180 ARG A CZ  1 
ATOM   795 N NH1 . ARG A 1 112 ? 6.941   -10.949 5.769   1.00 43.38 ? 180 ARG A NH1 1 
ATOM   796 N NH2 . ARG A 1 112 ? 5.729   -11.237 7.650   1.00 36.93 ? 180 ARG A NH2 1 
ATOM   797 N N   . LYS A 1 113 ? 0.331   -10.389 1.373   1.00 26.89 ? 181 LYS A N   1 
ATOM   798 C CA  . LYS A 1 113 ? -0.601  -9.559  0.653   1.00 24.55 ? 181 LYS A CA  1 
ATOM   799 C C   . LYS A 1 113 ? 0.000   -8.167  0.579   1.00 24.67 ? 181 LYS A C   1 
ATOM   800 O O   . LYS A 1 113 ? 1.032   -7.899  1.214   1.00 26.38 ? 181 LYS A O   1 
ATOM   801 C CB  . LYS A 1 113 ? -1.989  -9.499  1.333   1.00 27.84 ? 181 LYS A CB  1 
ATOM   802 C CG  . LYS A 1 113 ? -2.645  -10.871 1.396   1.00 32.55 ? 181 LYS A CG  1 
ATOM   803 C CD  . LYS A 1 113 ? -4.136  -10.750 1.651   1.00 34.16 ? 181 LYS A CD  1 
ATOM   804 C CE  . LYS A 1 113 ? -4.708  -12.061 2.160   1.00 41.70 ? 181 LYS A CE  1 
ATOM   805 N NZ  . LYS A 1 113 ? -6.183  -11.990 2.098   1.00 48.96 ? 181 LYS A NZ  1 
ATOM   806 N N   . TRP A 1 114 ? -0.555  -7.335  -0.303  1.00 26.90 ? 182 TRP A N   1 
ATOM   807 C CA  . TRP A 1 114 ? -0.011  -6.005  -0.569  1.00 26.07 ? 182 TRP A CA  1 
ATOM   808 C C   . TRP A 1 114 ? -1.136  -4.960  -0.745  1.00 24.40 ? 182 TRP A C   1 
ATOM   809 O O   . TRP A 1 114 ? -2.331  -5.280  -0.933  1.00 25.58 ? 182 TRP A O   1 
ATOM   810 C CB  . TRP A 1 114 ? 0.973   -6.031  -1.756  1.00 26.22 ? 182 TRP A CB  1 
ATOM   811 C CG  . TRP A 1 114 ? 0.275   -6.253  -3.085  1.00 28.37 ? 182 TRP A CG  1 
ATOM   812 C CD1 . TRP A 1 114 ? -0.274  -5.298  -3.873  1.00 28.06 ? 182 TRP A CD1 1 
ATOM   813 C CD2 . TRP A 1 114 ? -0.019  -7.515  -3.719  1.00 28.10 ? 182 TRP A CD2 1 
ATOM   814 N NE1 . TRP A 1 114 ? -0.874  -5.870  -4.982  1.00 30.45 ? 182 TRP A NE1 1 
ATOM   815 C CE2 . TRP A 1 114 ? -0.736  -7.231  -4.904  1.00 31.84 ? 182 TRP A CE2 1 
ATOM   816 C CE3 . TRP A 1 114 ? 0.264   -8.843  -3.400  1.00 30.33 ? 182 TRP A CE3 1 
ATOM   817 C CZ2 . TRP A 1 114 ? -1.175  -8.240  -5.785  1.00 32.56 ? 182 TRP A CZ2 1 
ATOM   818 C CZ3 . TRP A 1 114 ? -0.190  -9.835  -4.244  1.00 32.04 ? 182 TRP A CZ3 1 
ATOM   819 C CH2 . TRP A 1 114 ? -0.922  -9.524  -5.416  1.00 33.78 ? 182 TRP A CH2 1 
ATOM   820 N N   . ILE A 1 115 ? -0.735  -3.676  -0.698  1.00 26.56 ? 183 ILE A N   1 
ATOM   821 C CA  . ILE A 1 115 ? -1.618  -2.572  -0.895  1.00 24.84 ? 183 ILE A CA  1 
ATOM   822 C C   . ILE A 1 115 ? -0.946  -1.700  -1.968  1.00 28.01 ? 183 ILE A C   1 
ATOM   823 O O   . ILE A 1 115 ? 0.213   -1.357  -1.845  1.00 24.63 ? 183 ILE A O   1 
ATOM   824 C CB  . ILE A 1 115 ? -1.848  -1.731  0.385   1.00 26.32 ? 183 ILE A CB  1 
ATOM   825 C CG1 . ILE A 1 115 ? -2.383  -2.579  1.529   1.00 25.70 ? 183 ILE A CG1 1 
ATOM   826 C CG2 . ILE A 1 115 ? -2.844  -0.577  0.115   1.00 27.14 ? 183 ILE A CG2 1 
ATOM   827 C CD1 . ILE A 1 115 ? -2.272  -1.884  2.856   1.00 26.86 ? 183 ILE A CD1 1 
ATOM   828 N N   . CYS A 1 116 ? -1.686  -1.402  -3.043  1.00 30.95 ? 184 CYS A N   1 
ATOM   829 C CA  . CYS A 1 116 ? -1.315  -0.344  -3.973  1.00 29.32 ? 184 CYS A CA  1 
ATOM   830 C C   . CYS A 1 116 ? -2.001  0.917   -3.669  1.00 28.60 ? 184 CYS A C   1 
ATOM   831 O O   . CYS A 1 116 ? -3.121  0.884   -3.154  1.00 28.80 ? 184 CYS A O   1 
ATOM   832 C CB  . CYS A 1 116 ? -1.679  -0.699  -5.433  1.00 35.05 ? 184 CYS A CB  1 
ATOM   833 S SG  . CYS A 1 116 ? -1.072  -2.224  -6.046  1.00 37.00 ? 184 CYS A SG  1 
ATOM   834 N N   . SER A 1 117 ? -1.348  2.066   -3.979  1.00 30.70 ? 185 SER A N   1 
ATOM   835 C CA  . SER A 1 117 ? -2.020  3.362   -3.912  1.00 26.90 ? 185 SER A CA  1 
ATOM   836 C C   . SER A 1 117 ? -1.805  4.156   -5.223  1.00 27.81 ? 185 SER A C   1 
ATOM   837 O O   . SER A 1 117 ? -0.786  4.004   -5.883  1.00 29.88 ? 185 SER A O   1 
ATOM   838 C CB  . SER A 1 117 ? -1.535  4.244   -2.778  1.00 26.91 ? 185 SER A CB  1 
ATOM   839 O OG  . SER A 1 117 ? -0.141  4.494   -2.863  1.00 32.75 ? 185 SER A OG  1 
ATOM   840 N N   . LYS A 1 118 ? -2.745  5.044   -5.490  1.00 30.76 ? 186 LYS A N   1 
ATOM   841 C CA  . LYS A 1 118 ? -2.688  5.972   -6.657  1.00 31.40 ? 186 LYS A CA  1 
ATOM   842 C C   . LYS A 1 118 ? -3.604  7.145   -6.335  1.00 32.81 ? 186 LYS A C   1 
ATOM   843 O O   . LYS A 1 118 ? -4.604  6.983   -5.629  1.00 34.59 ? 186 LYS A O   1 
ATOM   844 C CB  . LYS A 1 118 ? -3.185  5.237   -7.914  1.00 31.28 ? 186 LYS A CB  1 
ATOM   845 C CG  . LYS A 1 118 ? -2.937  6.009   -9.183  1.00 32.04 ? 186 LYS A CG  1 
ATOM   846 C CD  . LYS A 1 118 ? -3.142  5.149   -10.381 1.00 32.11 ? 186 LYS A CD  1 
ATOM   847 C CE  . LYS A 1 118 ? -3.242  6.021   -11.642 1.00 32.45 ? 186 LYS A CE  1 
ATOM   848 N NZ  . LYS A 1 118 ? -1.897  6.397   -12.115 1.00 31.75 ? 186 LYS A NZ  1 
ATOM   849 N N   . SER A 1 119 ? -3.318  8.331   -6.866  1.00 37.44 ? 187 SER A N   1 
ATOM   850 C CA  . SER A 1 119 ? -4.309  9.400   -6.821  1.00 34.71 ? 187 SER A CA  1 
ATOM   851 C C   . SER A 1 119 ? -5.639  8.959   -7.421  1.00 31.38 ? 187 SER A C   1 
ATOM   852 O O   . SER A 1 119 ? -5.672  8.147   -8.358  1.00 32.10 ? 187 SER A O   1 
ATOM   853 C CB  . SER A 1 119 ? -3.841  10.653  -7.591  1.00 43.71 ? 187 SER A CB  1 
ATOM   854 O OG  . SER A 1 119 ? -2.448  10.864  -7.416  1.00 49.67 ? 187 SER A OG  1 
ATOM   855 N N   . ASP A 1 120 ? -6.724  9.505   -6.879  1.00 33.01 ? 188 ASP A N   1 
ATOM   856 C CA  . ASP A 1 120 ? -8.066  9.184   -7.352  1.00 34.93 ? 188 ASP A CA  1 
ATOM   857 C C   . ASP A 1 120 ? -8.325  9.808   -8.720  1.00 35.89 ? 188 ASP A C   1 
ATOM   858 O O   . ASP A 1 120 ? -7.556  10.641  -9.185  1.00 36.27 ? 188 ASP A O   1 
ATOM   859 C CB  . ASP A 1 120 ? -9.161  9.617   -6.372  1.00 32.65 ? 188 ASP A CB  1 
ATOM   860 C CG  . ASP A 1 120 ? -9.214  11.093  -6.151  1.00 40.19 ? 188 ASP A CG  1 
ATOM   861 O OD1 . ASP A 1 120 ? -8.620  11.868  -6.933  1.00 41.20 ? 188 ASP A OD1 1 
ATOM   862 O OD2 . ASP A 1 120 ? -9.882  11.493  -5.161  1.00 44.94 ? 188 ASP A OD2 1 
ATOM   863 N N   . ILE A 1 121 ? -9.398  9.361   -9.331  1.00 37.15 ? 189 ILE A N   1 
ATOM   864 C CA  . ILE A 1 121 ? -9.831  9.857   -10.688 1.00 37.65 ? 189 ILE A CA  1 
ATOM   865 C C   . ILE A 1 121 ? -10.631 11.115  -10.494 1.00 32.03 ? 189 ILE A C   1 
ATOM   866 O O   . ILE A 1 121 ? -11.749 11.058  -9.913  1.00 31.19 ? 189 ILE A O   1 
ATOM   867 C CB  . ILE A 1 121 ? -10.777 8.832   -11.354 1.00 37.62 ? 189 ILE A CB  1 
ATOM   868 C CG1 . ILE A 1 121 ? -10.067 7.506   -11.582 1.00 39.87 ? 189 ILE A CG1 1 
ATOM   869 C CG2 . ILE A 1 121 ? -11.340 9.370   -12.671 1.00 36.56 ? 189 ILE A CG2 1 
ATOM   870 C CD1 . ILE A 1 121 ? -11.057 6.356   -11.711 1.00 47.08 ? 189 ILE A CD1 1 
ATOM   871 N N   . HIS A 1 122 ? -10.124 12.266  -10.955 1.00 33.32 ? 190 HIS A N   1 
ATOM   872 C CA  . HIS A 1 122 ? -10.895 13.491  -10.807 1.00 38.41 ? 190 HIS A CA  1 
ATOM   873 C C   . HIS A 1 122 ? -11.992 13.482  -11.872 1.00 36.57 ? 190 HIS A C   1 
ATOM   874 O O   . HIS A 1 122 ? -11.753 13.120  -13.040 1.00 40.86 ? 190 HIS A O   1 
ATOM   875 C CB  . HIS A 1 122 ? -10.017 14.772  -10.908 1.00 46.01 ? 190 HIS A CB  1 
ATOM   876 C CG  . HIS A 1 122 ? -10.812 16.040  -10.817 1.00 58.04 ? 190 HIS A CG  1 
ATOM   877 N ND1 . HIS A 1 122 ? -11.533 16.388  -9.691  1.00 66.28 ? 190 HIS A ND1 1 
ATOM   878 C CD2 . HIS A 1 122 ? -11.047 17.020  -11.729 1.00 65.77 ? 190 HIS A CD2 1 
ATOM   879 C CE1 . HIS A 1 122 ? -12.165 17.531  -9.907  1.00 64.10 ? 190 HIS A CE1 1 
ATOM   880 N NE2 . HIS A 1 122 ? -11.886 17.936  -11.135 1.00 67.12 ? 190 HIS A NE2 1 
ATOM   881 N N   . VAL A 1 123 ? -13.202 13.792  -11.475 1.00 35.77 ? 191 VAL A N   1 
ATOM   882 C CA  . VAL A 1 123 ? -14.299 13.738  -12.437 1.00 36.13 ? 191 VAL A CA  1 
ATOM   883 C C   . VAL A 1 123 ? -14.584 15.205  -12.722 1.00 48.62 ? 191 VAL A C   1 
ATOM   884 O O   . VAL A 1 123 ? -15.108 15.892  -11.854 1.00 50.52 ? 191 VAL A O   1 
ATOM   885 C CB  . VAL A 1 123 ? -15.504 13.028  -11.890 1.00 33.81 ? 191 VAL A CB  1 
ATOM   886 C CG1 . VAL A 1 123 ? -16.655 13.051  -12.889 1.00 37.89 ? 191 VAL A CG1 1 
ATOM   887 C CG2 . VAL A 1 123 ? -15.147 11.564  -11.624 1.00 36.30 ? 191 VAL A CG2 1 
ATOM   888 N N   . GLY A 1 124 ? -14.163 15.677  -13.902 1.00 48.93 ? 192 GLY A N   1 
ATOM   889 C CA  . GLY A 1 124 ? -14.204 17.108  -14.242 1.00 56.72 ? 192 GLY A CA  1 
ATOM   890 C C   . GLY A 1 124 ? -15.618 17.636  -14.393 1.00 59.26 ? 192 GLY A C   1 
ATOM   891 O O   . GLY A 1 124 ? -16.533 16.890  -14.697 1.00 61.09 ? 192 GLY A O   1 
ATOM   892 N N   . THR A 1 125 ? -15.793 18.933  -14.153 1.00 71.04 ? 193 THR A N   1 
ATOM   893 C CA  . THR A 1 125 ? -17.086 19.599  -14.319 1.00 77.39 ? 193 THR A CA  1 
ATOM   894 C C   . THR A 1 125 ? -16.934 20.655  -15.409 1.00 79.54 ? 193 THR A C   1 
ATOM   895 O O   . THR A 1 125 ? -16.116 20.494  -16.323 1.00 75.79 ? 193 THR A O   1 
ATOM   896 C CB  . THR A 1 125 ? -17.574 20.256  -13.007 1.00 82.23 ? 193 THR A CB  1 
ATOM   897 O OG1 . THR A 1 125 ? -16.515 21.037  -12.430 1.00 82.43 ? 193 THR A OG1 1 
ATOM   898 C CG2 . THR A 1 125 ? -18.041 19.196  -11.994 1.00 83.99 ? 193 THR A CG2 1 
HETATM 899 S S   . SO4 B 2 .   ? -7.281  -9.853  4.450   1.00 49.05 ? 301 SO4 A S   1 
HETATM 900 O O1  . SO4 B 2 .   ? -6.884  -11.287 4.312   1.00 45.70 ? 301 SO4 A O1  1 
HETATM 901 O O2  . SO4 B 2 .   ? -7.161  -9.096  3.162   1.00 52.01 ? 301 SO4 A O2  1 
HETATM 902 O O3  . SO4 B 2 .   ? -8.715  -9.796  4.881   1.00 43.16 ? 301 SO4 A O3  1 
HETATM 903 O O4  . SO4 B 2 .   ? -6.365  -9.246  5.439   1.00 38.18 ? 301 SO4 A O4  1 
HETATM 904 C C1  . NAG C 3 .   ? 10.048  -12.683 -6.010  1.00 61.71 ? 302 NAG A C1  1 
HETATM 905 C C2  . NAG C 3 .   ? 11.486  -12.860 -6.451  1.00 70.36 ? 302 NAG A C2  1 
HETATM 906 C C3  . NAG C 3 .   ? 11.602  -12.769 -7.962  1.00 74.47 ? 302 NAG A C3  1 
HETATM 907 C C4  . NAG C 3 .   ? 10.687  -13.829 -8.565  1.00 72.54 ? 302 NAG A C4  1 
HETATM 908 C C5  . NAG C 3 .   ? 9.290   -13.685 -7.982  1.00 70.53 ? 302 NAG A C5  1 
HETATM 909 C C6  . NAG C 3 .   ? 8.325   -14.749 -8.458  1.00 68.38 ? 302 NAG A C6  1 
HETATM 910 C C7  . NAG C 3 .   ? 13.013  -12.319 -4.639  1.00 74.89 ? 302 NAG A C7  1 
HETATM 911 C C8  . NAG C 3 .   ? 13.048  -13.767 -4.229  1.00 75.39 ? 302 NAG A C8  1 
HETATM 912 N N2  . NAG C 3 .   ? 12.300  -11.931 -5.699  1.00 72.24 ? 302 NAG A N2  1 
HETATM 913 O O3  . NAG C 3 .   ? 12.937  -13.000 -8.341  1.00 79.61 ? 302 NAG A O3  1 
HETATM 914 O O4  . NAG C 3 .   ? 10.594  -13.639 -9.952  1.00 77.25 ? 302 NAG A O4  1 
HETATM 915 O O5  . NAG C 3 .   ? 9.356   -13.768 -6.580  1.00 70.90 ? 302 NAG A O5  1 
HETATM 916 O O6  . NAG C 3 .   ? 7.164   -14.052 -8.843  1.00 70.39 ? 302 NAG A O6  1 
HETATM 917 O O7  . NAG C 3 .   ? 13.670  -11.516 -3.989  1.00 82.85 ? 302 NAG A O7  1 
HETATM 918 O O   . HOH D 4 .   ? -0.309  -11.508 3.812   1.00 32.22 ? 401 HOH A O   1 
HETATM 919 O O   . HOH D 4 .   ? -4.985  -9.430  -5.984  1.00 40.73 ? 402 HOH A O   1 
HETATM 920 O O   . HOH D 4 .   ? -6.170  -7.597  1.169   1.00 32.98 ? 403 HOH A O   1 
HETATM 921 O O   . HOH D 4 .   ? 12.412  -9.824  -8.843  1.00 70.02 ? 404 HOH A O   1 
HETATM 922 O O   . HOH D 4 .   ? -9.122  -3.091  -2.841  1.00 37.00 ? 405 HOH A O   1 
HETATM 923 O O   . HOH D 4 .   ? -5.234  8.832   -11.118 1.00 39.02 ? 406 HOH A O   1 
HETATM 924 O O   . HOH D 4 .   ? -1.523  -8.464  9.928   1.00 32.86 ? 407 HOH A O   1 
HETATM 925 O O   . HOH D 4 .   ? -6.864  -3.244  -10.154 1.00 46.60 ? 408 HOH A O   1 
HETATM 926 O O   . HOH D 4 .   ? -1.026  -8.938  12.724  1.00 30.55 ? 409 HOH A O   1 
HETATM 927 O O   . HOH D 4 .   ? 11.369  8.528   1.771   1.00 35.28 ? 410 HOH A O   1 
HETATM 928 O O   . HOH D 4 .   ? 14.823  5.038   9.161   1.00 43.05 ? 411 HOH A O   1 
HETATM 929 O O   . HOH D 4 .   ? 10.812  1.754   -0.954  1.00 46.52 ? 412 HOH A O   1 
HETATM 930 O O   . HOH D 4 .   ? -10.731 -4.217  -1.157  1.00 51.60 ? 413 HOH A O   1 
HETATM 931 O O   . HOH D 4 .   ? 6.457   -13.565 -5.282  1.00 40.72 ? 414 HOH A O   1 
HETATM 932 O O   . HOH D 4 .   ? 0.610   6.657   -4.179  1.00 46.75 ? 415 HOH A O   1 
HETATM 933 O O   . HOH D 4 .   ? -4.434  -11.800 -8.827  1.00 58.68 ? 416 HOH A O   1 
HETATM 934 O O   . HOH D 4 .   ? 1.938   -14.062 -7.962  1.00 56.23 ? 417 HOH A O   1 
HETATM 935 O O   . HOH D 4 .   ? 4.326   0.984   13.696  1.00 34.81 ? 418 HOH A O   1 
HETATM 936 O O   . HOH D 4 .   ? 3.678   -2.910  14.422  1.00 49.98 ? 419 HOH A O   1 
HETATM 937 O O   . HOH D 4 .   ? -1.417  -16.158 -2.684  1.00 58.98 ? 420 HOH A O   1 
HETATM 938 O O   . HOH D 4 .   ? -12.897 20.202  -13.332 1.00 66.26 ? 421 HOH A O   1 
HETATM 939 O O   . HOH D 4 .   ? -12.259 10.006  2.424   1.00 58.94 ? 422 HOH A O   1 
HETATM 940 O O   . HOH D 4 .   ? -7.798  12.429  -12.421 1.00 53.01 ? 423 HOH A O   1 
HETATM 941 O O   . HOH D 4 .   ? -9.277  -6.189  3.043   0.50 36.27 ? 424 HOH A O   1 
HETATM 942 O O   . HOH D 4 .   ? -9.986  -11.966 5.073   1.00 65.62 ? 425 HOH A O   1 
HETATM 943 O O   . HOH D 4 .   ? 6.402   -10.542 -11.097 1.00 50.01 ? 426 HOH A O   1 
HETATM 944 O O   . HOH D 4 .   ? -14.994 2.513   -6.312  1.00 62.46 ? 427 HOH A O   1 
HETATM 945 O O   . HOH D 4 .   ? -7.969  10.008  -14.489 1.00 50.11 ? 428 HOH A O   1 
HETATM 946 O O   . HOH D 4 .   ? -16.807 0.619   -5.396  1.00 50.24 ? 429 HOH A O   1 
HETATM 947 O O   . HOH D 4 .   ? -15.462 5.303   -6.556  1.00 54.16 ? 430 HOH A O   1 
HETATM 948 O O   . HOH D 4 .   ? 14.270  -9.726  8.768   1.00 61.32 ? 431 HOH A O   1 
HETATM 949 O O   . HOH D 4 .   ? 10.187  -14.857 -3.064  1.00 49.09 ? 432 HOH A O   1 
HETATM 950 O O   . HOH D 4 .   ? -6.402  -13.649 6.777   1.00 47.04 ? 433 HOH A O   1 
HETATM 951 O O   . HOH D 4 .   ? -1.168  7.847   -0.844  1.00 43.78 ? 434 HOH A O   1 
HETATM 952 O O   . HOH D 4 .   ? -6.605  9.620   11.744  1.00 50.08 ? 435 HOH A O   1 
HETATM 953 O O   . HOH D 4 .   ? -16.893 7.865   -5.237  1.00 42.79 ? 436 HOH A O   1 
HETATM 954 O O   . HOH D 4 .   ? -0.147  -7.117  14.982  0.50 30.10 ? 437 HOH A O   1 
HETATM 955 O O   . HOH D 4 .   ? -0.818  8.515   -7.945  1.00 48.12 ? 438 HOH A O   1 
HETATM 956 O O   . HOH D 4 .   ? -2.124  7.399   -14.692 1.00 55.32 ? 439 HOH A O   1 
HETATM 957 O O   . HOH D 4 .   ? 0.353   2.520   14.262  1.00 49.60 ? 440 HOH A O   1 
HETATM 958 O O   . HOH D 4 .   ? -7.257  -6.580  11.527  1.00 57.95 ? 441 HOH A O   1 
HETATM 959 O O   . HOH D 4 .   ? 18.359  -13.045 6.068   1.00 70.39 ? 442 HOH A O   1 
# 
